data_4J2O
#
_entry.id   4J2O
#
_cell.length_a   107.930
_cell.length_b   114.540
_cell.length_c   215.150
_cell.angle_alpha   90.00
_cell.angle_beta   90.00
_cell.angle_gamma   90.00
#
_symmetry.space_group_name_H-M   'P 21 21 21'
#
loop_
_entity.id
_entity.type
_entity.pdbx_description
1 polymer 'UDP-N-acetylglucosamine 4,6-dehydratase/5-epimerase'
2 non-polymer 'NADP NICOTINAMIDE-ADENINE-DINUCLEOTIDE PHOSPHATE'
3 water water
#
_entity_poly.entity_id   1
_entity_poly.type   'polypeptide(L)'
_entity_poly.pdbx_seq_one_letter_code
;(MSE)GSSHHHHHHSSGLVPRGS(MSE)FKDKVLLITGGTGSFGNAVLKRFLETDIKEIRIFSRDEKKQDD(MSE)RKKY
HSAKLKFYIGDVRDYNSILNATRGVDYIYHAAALKQVPSCEFHP(MSE)EAVKTNVLGTENVLEAAIQNHVKRVVCLSTD
KAVYPINA(MSE)GISKA(MSE)(MSE)EKV(MSE)VAKSRNLEGLDTVICGTRYGNV(MSE)ASRGSVIPLFVDQIRQG
KPLTITDPN(MSE)TRF(MSE)(MSE)TLEDAVDLVLYAFEHGENGDIFVQKAPAATIAVLAEALKQLLNVEDHPISI
(MSE)GTRHGEKAFEALLSREE(MSE)VHAFDQGDYFRVPADQRDLNYEKYVEDGDLKITEFEDYNSHNTTRLDVEG
(MSE)KQLLLKLDFVRALTRGEYISPEA
;
_entity_poly.pdbx_strand_id   A,B,C,D,E,F
#
loop_
_chem_comp.id
_chem_comp.type
_chem_comp.name
_chem_comp.formula
NAP non-polymer 'NADP NICOTINAMIDE-ADENINE-DINUCLEOTIDE PHOSPHATE' 'C21 H28 N7 O17 P3'
#
# COMPACT_ATOMS: atom_id res chain seq x y z
N MSE A 20 27.49 -28.23 7.43
CA MSE A 20 26.17 -27.64 7.64
C MSE A 20 25.87 -26.52 6.62
O MSE A 20 24.70 -26.23 6.33
CB MSE A 20 25.97 -27.12 9.07
CG MSE A 20 24.51 -26.72 9.42
SE MSE A 20 24.28 -25.94 11.22
CE MSE A 20 22.34 -25.65 11.30
N PHE A 21 26.93 -25.89 6.12
CA PHE A 21 26.82 -24.98 4.97
C PHE A 21 27.08 -25.67 3.64
N LYS A 22 27.45 -26.95 3.65
CA LYS A 22 27.80 -27.62 2.39
C LYS A 22 26.64 -27.62 1.41
N ASP A 23 26.88 -27.01 0.26
CA ASP A 23 25.89 -26.90 -0.82
C ASP A 23 24.60 -26.16 -0.44
N LYS A 24 24.73 -25.22 0.50
CA LYS A 24 23.63 -24.40 0.96
C LYS A 24 23.75 -22.99 0.42
N VAL A 25 22.68 -22.23 0.52
CA VAL A 25 22.64 -20.87 0.08
C VAL A 25 22.43 -19.99 1.28
N LEU A 26 23.35 -19.05 1.48
CA LEU A 26 23.30 -18.11 2.59
C LEU A 26 23.00 -16.72 2.03
N LEU A 27 22.08 -16.02 2.64
CA LEU A 27 21.86 -14.61 2.30
C LEU A 27 22.17 -13.76 3.50
N ILE A 28 22.91 -12.68 3.28
CA ILE A 28 23.20 -11.73 4.33
C ILE A 28 22.51 -10.41 3.96
N THR A 29 21.51 -10.00 4.72
CA THR A 29 20.95 -8.65 4.50
C THR A 29 21.95 -7.70 5.11
N GLY A 30 22.16 -6.55 4.51
CA GLY A 30 23.19 -5.64 4.99
C GLY A 30 24.58 -6.20 4.78
N GLY A 31 24.73 -6.99 3.73
CA GLY A 31 25.96 -7.72 3.48
C GLY A 31 27.17 -6.93 3.06
N THR A 32 26.99 -5.66 2.71
CA THR A 32 28.13 -4.87 2.31
C THR A 32 28.86 -4.25 3.52
N GLY A 33 28.34 -4.49 4.72
CA GLY A 33 28.95 -3.97 5.94
C GLY A 33 30.15 -4.74 6.44
N SER A 34 30.66 -4.37 7.61
CA SER A 34 31.87 -5.04 8.09
C SER A 34 31.59 -6.51 8.48
N PHE A 35 30.39 -6.76 9.00
CA PHE A 35 30.00 -8.13 9.35
C PHE A 35 29.98 -9.00 8.10
N GLY A 36 29.31 -8.51 7.05
CA GLY A 36 29.22 -9.20 5.78
C GLY A 36 30.58 -9.56 5.22
N ASN A 37 31.53 -8.66 5.35
CA ASN A 37 32.87 -8.94 4.86
C ASN A 37 33.59 -10.02 5.66
N ALA A 38 33.42 -10.00 6.98
CA ALA A 38 34.03 -11.00 7.82
C ALA A 38 33.49 -12.37 7.46
N VAL A 39 32.18 -12.46 7.25
CA VAL A 39 31.55 -13.72 6.84
C VAL A 39 32.07 -14.25 5.47
N LEU A 40 32.25 -13.36 4.49
CA LEU A 40 32.83 -13.80 3.21
C LEU A 40 34.23 -14.36 3.38
N LYS A 41 35.08 -13.61 4.06
CA LYS A 41 36.46 -14.02 4.28
C LYS A 41 36.52 -15.41 4.91
N ARG A 42 35.50 -15.77 5.70
CA ARG A 42 35.52 -17.09 6.30
C ARG A 42 34.90 -18.17 5.42
N PHE A 43 33.84 -17.86 4.70
CA PHE A 43 33.06 -18.92 4.10
C PHE A 43 33.12 -19.06 2.60
N LEU A 44 33.59 -18.01 1.94
CA LEU A 44 33.50 -17.94 0.49
C LEU A 44 34.20 -19.11 -0.15
N GLU A 45 35.38 -19.42 0.34
CA GLU A 45 36.15 -20.50 -0.26
C GLU A 45 35.98 -21.83 0.45
N THR A 46 34.83 -21.99 1.10
CA THR A 46 34.44 -23.29 1.66
C THR A 46 33.40 -23.94 0.76
N ASP A 47 32.80 -25.02 1.22
CA ASP A 47 31.92 -25.80 0.33
C ASP A 47 30.46 -25.29 0.27
N ILE A 48 30.25 -24.07 0.77
CA ILE A 48 28.97 -23.41 0.63
C ILE A 48 28.68 -23.20 -0.86
N LYS A 49 27.42 -23.30 -1.23
CA LYS A 49 27.02 -23.20 -2.64
C LYS A 49 27.05 -21.78 -3.14
N GLU A 50 26.55 -20.86 -2.34
CA GLU A 50 26.29 -19.51 -2.78
C GLU A 50 26.15 -18.62 -1.56
N ILE A 51 26.69 -17.41 -1.64
CA ILE A 51 26.39 -16.39 -0.66
C ILE A 51 25.78 -15.20 -1.39
N ARG A 52 24.56 -14.83 -0.99
CA ARG A 52 23.90 -13.67 -1.55
C ARG A 52 24.08 -12.48 -0.63
N ILE A 53 24.54 -11.38 -1.20
CA ILE A 53 24.60 -10.10 -0.50
C ILE A 53 23.37 -9.25 -0.89
N PHE A 54 22.56 -8.86 0.09
CA PHE A 54 21.37 -8.05 -0.14
C PHE A 54 21.50 -6.67 0.54
N SER A 55 21.63 -5.60 -0.24
CA SER A 55 21.77 -4.25 0.31
C SER A 55 21.40 -3.22 -0.75
N ARG A 56 21.44 -1.94 -0.42
CA ARG A 56 20.87 -0.93 -1.32
C ARG A 56 21.85 -0.29 -2.27
N ASP A 57 23.14 -0.29 -1.91
CA ASP A 57 24.15 0.53 -2.61
C ASP A 57 24.93 -0.20 -3.72
N GLU A 58 24.71 0.18 -4.96
CA GLU A 58 25.38 -0.47 -6.08
C GLU A 58 26.89 -0.23 -6.07
N LYS A 59 27.33 0.92 -5.58
CA LYS A 59 28.76 1.24 -5.49
C LYS A 59 29.47 0.23 -4.60
N LYS A 60 28.96 0.04 -3.38
CA LYS A 60 29.58 -0.92 -2.47
C LYS A 60 29.58 -2.35 -3.02
N GLN A 61 28.49 -2.75 -3.64
CA GLN A 61 28.41 -4.10 -4.16
C GLN A 61 29.43 -4.32 -5.27
N ASP A 62 29.61 -3.29 -6.10
CA ASP A 62 30.56 -3.36 -7.19
C ASP A 62 31.98 -3.49 -6.65
N ASP A 63 32.28 -2.75 -5.59
CA ASP A 63 33.61 -2.87 -4.99
C ASP A 63 33.83 -4.28 -4.43
N MSE A 64 32.83 -4.80 -3.73
CA MSE A 64 32.92 -6.15 -3.19
C MSE A 64 33.11 -7.19 -4.30
O MSE A 64 33.85 -8.16 -4.14
CB MSE A 64 31.69 -6.52 -2.39
CG MSE A 64 31.71 -6.03 -0.99
SE MSE A 64 30.24 -6.86 -0.03
CE MSE A 64 30.41 -8.64 -0.57
N ARG A 65 32.41 -6.98 -5.40
CA ARG A 65 32.50 -7.95 -6.47
C ARG A 65 33.92 -8.00 -7.01
N LYS A 66 34.54 -6.84 -7.21
CA LYS A 66 35.91 -6.76 -7.70
C LYS A 66 36.89 -7.31 -6.66
N LYS A 67 36.63 -7.03 -5.40
CA LYS A 67 37.52 -7.47 -4.32
C LYS A 67 37.60 -8.98 -4.18
N TYR A 68 36.47 -9.67 -4.18
CA TYR A 68 36.44 -11.12 -3.96
C TYR A 68 36.51 -11.96 -5.24
N HIS A 69 36.12 -11.38 -6.37
CA HIS A 69 36.11 -12.08 -7.67
C HIS A 69 35.80 -13.58 -7.58
N SER A 70 34.65 -13.90 -6.98
CA SER A 70 34.20 -15.27 -6.77
C SER A 70 32.85 -15.52 -7.40
N ALA A 71 32.69 -16.69 -8.03
CA ALA A 71 31.44 -17.06 -8.68
C ALA A 71 30.38 -17.45 -7.66
N LYS A 72 30.79 -17.69 -6.42
CA LYS A 72 29.83 -18.05 -5.39
C LYS A 72 29.09 -16.83 -4.78
N LEU A 73 29.54 -15.64 -5.11
CA LEU A 73 29.04 -14.41 -4.51
C LEU A 73 28.02 -13.75 -5.42
N LYS A 74 26.76 -13.76 -5.01
CA LYS A 74 25.68 -13.17 -5.81
C LYS A 74 25.16 -11.89 -5.18
N PHE A 75 24.94 -10.88 -6.00
CA PHE A 75 24.53 -9.60 -5.48
C PHE A 75 23.11 -9.26 -5.81
N TYR A 76 22.37 -8.84 -4.80
CA TYR A 76 20.99 -8.42 -4.97
C TYR A 76 20.82 -6.99 -4.48
N ILE A 77 20.39 -6.08 -5.34
CA ILE A 77 20.00 -4.74 -4.92
C ILE A 77 18.59 -4.78 -4.36
N GLY A 78 18.40 -4.21 -3.18
CA GLY A 78 17.11 -4.17 -2.53
C GLY A 78 17.14 -3.51 -1.16
N ASP A 79 15.96 -3.23 -0.62
CA ASP A 79 15.81 -2.53 0.65
C ASP A 79 14.97 -3.46 1.55
N VAL A 80 15.37 -3.67 2.80
CA VAL A 80 14.55 -4.48 3.70
C VAL A 80 13.18 -3.84 4.00
N ARG A 81 13.03 -2.55 3.70
CA ARG A 81 11.72 -1.91 3.81
C ARG A 81 10.73 -2.41 2.78
N ASP A 82 11.22 -3.11 1.76
CA ASP A 82 10.41 -3.51 0.62
C ASP A 82 10.17 -5.00 0.68
N TYR A 83 9.00 -5.39 1.14
CA TYR A 83 8.65 -6.81 1.26
C TYR A 83 8.85 -7.59 -0.05
N ASN A 84 8.36 -7.07 -1.17
CA ASN A 84 8.55 -7.79 -2.45
C ASN A 84 10.03 -8.03 -2.79
N SER A 85 10.85 -7.02 -2.57
CA SER A 85 12.28 -7.11 -2.85
C SER A 85 12.97 -8.25 -2.10
N ILE A 86 12.80 -8.31 -0.79
CA ILE A 86 13.43 -9.34 0.01
C ILE A 86 12.77 -10.71 -0.21
N LEU A 87 11.48 -10.70 -0.51
CA LEU A 87 10.77 -11.94 -0.84
C LEU A 87 11.42 -12.55 -2.09
N ASN A 88 11.76 -11.73 -3.07
CA ASN A 88 12.40 -12.28 -4.28
C ASN A 88 13.87 -12.71 -4.07
N ALA A 89 14.59 -11.96 -3.25
CA ALA A 89 15.99 -12.30 -3.00
C ALA A 89 16.13 -13.53 -2.12
N THR A 90 15.09 -13.95 -1.40
CA THR A 90 15.26 -15.09 -0.49
C THR A 90 14.69 -16.38 -1.06
N ARG A 91 14.23 -16.35 -2.30
CA ARG A 91 13.81 -17.59 -2.94
C ARG A 91 14.97 -18.54 -3.21
N GLY A 92 14.83 -19.76 -2.70
CA GLY A 92 15.86 -20.78 -2.84
C GLY A 92 16.97 -20.62 -1.80
N VAL A 93 16.73 -19.80 -0.79
CA VAL A 93 17.72 -19.57 0.26
C VAL A 93 17.51 -20.50 1.44
N ASP A 94 18.61 -21.02 2.00
CA ASP A 94 18.56 -21.90 3.17
C ASP A 94 18.65 -21.14 4.50
N TYR A 95 19.54 -20.15 4.57
CA TYR A 95 19.84 -19.42 5.80
C TYR A 95 19.96 -17.93 5.55
N ILE A 96 19.56 -17.15 6.56
CA ILE A 96 19.69 -15.71 6.50
C ILE A 96 20.41 -15.20 7.72
N TYR A 97 21.47 -14.42 7.50
CA TYR A 97 22.02 -13.57 8.55
C TYR A 97 21.46 -12.17 8.34
N HIS A 98 20.62 -11.70 9.25
CA HIS A 98 20.01 -10.39 9.12
C HIS A 98 20.87 -9.31 9.80
N ALA A 99 21.58 -8.53 9.00
CA ALA A 99 22.49 -7.50 9.52
C ALA A 99 22.22 -6.08 9.01
N ALA A 100 21.17 -5.89 8.21
CA ALA A 100 20.82 -4.54 7.70
C ALA A 100 20.26 -3.70 8.84
N ALA A 101 20.92 -2.58 9.13
CA ALA A 101 20.40 -1.67 10.14
C ALA A 101 20.87 -0.26 9.89
N LEU A 102 20.20 0.69 10.51
CA LEU A 102 20.71 2.02 10.72
C LEU A 102 21.28 2.01 12.14
N LYS A 103 22.57 2.34 12.30
CA LYS A 103 23.24 2.15 13.57
C LYS A 103 23.85 3.42 14.19
N GLN A 104 23.84 4.54 13.47
CA GLN A 104 24.38 5.80 14.01
C GLN A 104 23.44 6.61 14.90
N VAL A 105 23.94 7.02 16.06
CA VAL A 105 23.13 7.70 17.05
C VAL A 105 22.60 9.09 16.65
N PRO A 106 23.45 9.99 16.16
CA PRO A 106 22.90 11.31 15.82
C PRO A 106 21.90 11.27 14.66
N SER A 107 22.20 10.47 13.65
CA SER A 107 21.31 10.32 12.51
C SER A 107 19.92 9.86 12.95
N CYS A 108 19.86 8.86 13.83
CA CYS A 108 18.58 8.39 14.36
C CYS A 108 17.83 9.40 15.26
N GLU A 109 18.51 10.28 15.99
CA GLU A 109 17.75 11.21 16.85
C GLU A 109 16.92 12.18 16.02
N PHE A 110 17.46 12.56 14.85
CA PHE A 110 16.79 13.52 13.98
C PHE A 110 15.81 12.88 13.00
N HIS A 111 15.95 11.58 12.79
CA HIS A 111 15.07 10.85 11.91
C HIS A 111 14.65 9.53 12.55
N PRO A 112 13.98 9.59 13.73
CA PRO A 112 13.61 8.32 14.38
C PRO A 112 12.69 7.43 13.54
N MSE A 113 11.84 8.01 12.70
CA MSE A 113 11.02 7.19 11.81
C MSE A 113 11.84 6.35 10.84
O MSE A 113 11.42 5.27 10.46
CB MSE A 113 10.00 8.03 11.02
CG MSE A 113 8.65 8.25 11.72
SE MSE A 113 7.66 6.64 12.25
CE MSE A 113 8.08 5.48 10.76
N GLU A 114 13.01 6.83 10.46
CA GLU A 114 13.86 6.07 9.54
C GLU A 114 14.42 4.85 10.22
N ALA A 115 14.77 5.00 11.49
CA ALA A 115 15.22 3.93 12.36
C ALA A 115 14.14 2.89 12.59
N VAL A 116 12.93 3.36 12.80
CA VAL A 116 11.77 2.50 12.95
C VAL A 116 11.51 1.77 11.63
N LYS A 117 11.53 2.50 10.53
CA LYS A 117 11.29 1.89 9.22
C LYS A 117 12.32 0.83 8.86
N THR A 118 13.60 1.12 9.06
CA THR A 118 14.62 0.14 8.71
C THR A 118 14.77 -0.95 9.78
N ASN A 119 14.98 -0.57 11.05
CA ASN A 119 15.30 -1.56 12.08
C ASN A 119 14.13 -2.45 12.50
N VAL A 120 12.94 -1.87 12.57
CA VAL A 120 11.79 -2.59 13.07
C VAL A 120 10.92 -3.19 11.94
N LEU A 121 10.44 -2.36 11.03
CA LEU A 121 9.57 -2.82 9.93
C LEU A 121 10.36 -3.65 8.92
N GLY A 122 11.61 -3.26 8.69
CA GLY A 122 12.51 -4.04 7.85
C GLY A 122 12.74 -5.43 8.44
N THR A 123 13.01 -5.51 9.75
CA THR A 123 13.10 -6.82 10.41
C THR A 123 11.82 -7.67 10.30
N GLU A 124 10.66 -7.06 10.52
CA GLU A 124 9.41 -7.80 10.32
C GLU A 124 9.31 -8.33 8.85
N ASN A 125 9.74 -7.52 7.88
CA ASN A 125 9.72 -7.96 6.48
C ASN A 125 10.60 -9.14 6.13
N VAL A 126 11.85 -9.12 6.60
CA VAL A 126 12.81 -10.19 6.38
C VAL A 126 12.29 -11.48 7.00
N LEU A 127 11.73 -11.39 8.21
CA LEU A 127 11.22 -12.58 8.86
C LEU A 127 10.01 -13.15 8.14
N GLU A 128 9.11 -12.29 7.69
CA GLU A 128 7.92 -12.75 6.99
C GLU A 128 8.32 -13.38 5.65
N ALA A 129 9.26 -12.74 4.96
CA ALA A 129 9.78 -13.34 3.74
C ALA A 129 10.40 -14.69 4.02
N ALA A 130 11.18 -14.80 5.10
CA ALA A 130 11.80 -16.07 5.48
C ALA A 130 10.76 -17.15 5.72
N ILE A 131 9.71 -16.79 6.43
CA ILE A 131 8.66 -17.75 6.64
C ILE A 131 8.02 -18.16 5.31
N GLN A 132 7.69 -17.19 4.45
CA GLN A 132 7.10 -17.49 3.14
C GLN A 132 7.97 -18.37 2.21
N ASN A 133 9.27 -18.13 2.17
CA ASN A 133 10.17 -18.89 1.30
C ASN A 133 10.76 -20.13 1.95
N HIS A 134 10.24 -20.47 3.12
CA HIS A 134 10.62 -21.68 3.82
C HIS A 134 12.13 -21.77 4.12
N VAL A 135 12.70 -20.61 4.44
CA VAL A 135 14.09 -20.48 4.88
C VAL A 135 14.27 -21.25 6.19
N LYS A 136 15.39 -21.96 6.34
CA LYS A 136 15.52 -22.81 7.53
C LYS A 136 15.89 -22.07 8.81
N ARG A 137 16.87 -21.18 8.75
CA ARG A 137 17.28 -20.47 9.96
C ARG A 137 17.53 -19.03 9.64
N VAL A 138 17.12 -18.16 10.54
CA VAL A 138 17.45 -16.76 10.46
C VAL A 138 18.07 -16.34 11.77
N VAL A 139 19.26 -15.77 11.69
CA VAL A 139 19.86 -15.14 12.86
C VAL A 139 19.89 -13.62 12.70
N CYS A 140 19.31 -12.91 13.67
CA CYS A 140 19.28 -11.45 13.67
C CYS A 140 20.38 -10.87 14.53
N LEU A 141 21.10 -9.90 13.98
CA LEU A 141 22.16 -9.26 14.73
C LEU A 141 21.60 -8.04 15.45
N SER A 142 21.88 -7.96 16.76
CA SER A 142 21.49 -6.83 17.57
C SER A 142 22.67 -6.29 18.33
N THR A 143 22.43 -5.28 19.14
CA THR A 143 23.52 -4.51 19.75
C THR A 143 23.31 -4.32 21.22
N ASP A 144 24.40 -4.05 21.94
CA ASP A 144 24.36 -3.82 23.39
C ASP A 144 23.55 -2.58 23.75
N LYS A 145 23.40 -1.67 22.79
CA LYS A 145 22.64 -0.43 22.95
C LYS A 145 21.15 -0.69 23.11
N ALA A 146 20.72 -1.92 22.85
CA ALA A 146 19.34 -2.32 23.09
C ALA A 146 19.07 -2.64 24.56
N VAL A 147 20.14 -2.77 25.34
CA VAL A 147 20.01 -3.03 26.76
C VAL A 147 20.00 -1.68 27.47
N TYR A 148 18.94 -1.41 28.22
CA TYR A 148 18.74 -0.11 28.86
C TYR A 148 18.82 1.05 27.85
N PRO A 149 17.99 1.03 26.80
CA PRO A 149 18.15 2.01 25.72
C PRO A 149 17.79 3.41 26.16
N ILE A 150 18.53 4.40 25.68
CA ILE A 150 18.25 5.78 26.07
C ILE A 150 18.03 6.68 24.87
N ASN A 151 18.37 6.20 23.69
CA ASN A 151 18.20 7.01 22.47
C ASN A 151 17.56 6.24 21.33
N ALA A 152 17.15 6.98 20.30
CA ALA A 152 16.34 6.41 19.23
C ALA A 152 16.97 5.22 18.53
N MSE A 153 18.26 5.25 18.24
CA MSE A 153 18.90 4.07 17.70
C MSE A 153 18.68 2.88 18.64
O MSE A 153 18.11 1.85 18.25
CB MSE A 153 20.38 4.29 17.39
CG MSE A 153 21.01 3.17 16.57
SE MSE A 153 21.68 1.72 17.72
CE MSE A 153 23.00 2.75 18.73
N GLY A 154 19.11 3.04 19.89
CA GLY A 154 18.94 1.99 20.89
C GLY A 154 17.50 1.57 21.14
N ILE A 155 16.60 2.53 21.31
CA ILE A 155 15.19 2.21 21.45
C ILE A 155 14.69 1.36 20.27
N SER A 156 15.07 1.70 19.04
CA SER A 156 14.59 0.95 17.90
C SER A 156 15.20 -0.46 17.85
N LYS A 157 16.43 -0.62 18.31
CA LYS A 157 17.03 -1.95 18.31
C LYS A 157 16.39 -2.85 19.37
N ALA A 158 16.01 -2.26 20.50
CA ALA A 158 15.23 -2.96 21.54
C ALA A 158 13.88 -3.44 20.97
N MSE A 159 13.19 -2.54 20.27
CA MSE A 159 11.94 -2.93 19.62
C MSE A 159 12.15 -4.00 18.57
O MSE A 159 11.30 -4.88 18.39
CB MSE A 159 11.23 -1.73 18.97
CG MSE A 159 9.79 -2.01 18.66
SE MSE A 159 8.87 -2.61 20.26
CE MSE A 159 7.63 -1.18 20.50
N MSE A 160 13.29 -3.97 17.87
CA MSE A 160 13.53 -5.02 16.92
C MSE A 160 13.62 -6.38 17.59
O MSE A 160 13.00 -7.34 17.11
CB MSE A 160 14.77 -4.81 16.07
CG MSE A 160 15.13 -6.15 15.40
SE MSE A 160 17.00 -6.54 15.22
CE MSE A 160 17.35 -4.87 14.19
N GLU A 161 14.35 -6.47 18.71
CA GLU A 161 14.47 -7.77 19.42
C GLU A 161 13.10 -8.29 19.83
N LYS A 162 12.26 -7.42 20.40
CA LYS A 162 10.89 -7.81 20.75
C LYS A 162 10.10 -8.33 19.54
N VAL A 163 10.22 -7.66 18.40
CA VAL A 163 9.52 -8.06 17.18
C VAL A 163 9.99 -9.43 16.67
N MSE A 164 11.31 -9.64 16.66
CA MSE A 164 11.89 -10.92 16.31
C MSE A 164 11.39 -12.02 17.27
O MSE A 164 10.88 -13.06 16.85
CB MSE A 164 13.43 -10.82 16.31
CG MSE A 164 14.18 -12.16 16.10
SE MSE A 164 14.50 -13.30 17.69
CE MSE A 164 15.84 -12.13 18.49
N VAL A 165 11.47 -11.76 18.58
CA VAL A 165 10.95 -12.72 19.53
C VAL A 165 9.46 -13.06 19.33
N ALA A 166 8.61 -12.05 19.13
CA ALA A 166 7.18 -12.30 18.92
C ALA A 166 6.95 -13.06 17.64
N LYS A 167 7.77 -12.80 16.64
CA LYS A 167 7.59 -13.49 15.38
C LYS A 167 7.91 -14.96 15.51
N SER A 168 8.82 -15.29 16.41
CA SER A 168 9.28 -16.68 16.52
C SER A 168 8.30 -17.60 17.24
N ARG A 169 7.28 -17.03 17.87
CA ARG A 169 6.23 -17.83 18.53
C ARG A 169 5.11 -18.14 17.58
N ASN A 170 5.38 -18.54 16.35
CA ASN A 170 4.27 -18.83 15.45
C ASN A 170 4.59 -19.97 14.48
N LEU A 171 5.78 -20.51 14.66
CA LEU A 171 6.41 -21.40 13.70
C LEU A 171 6.37 -22.92 13.99
N GLU A 172 5.53 -23.38 14.90
CA GLU A 172 5.60 -24.81 15.27
C GLU A 172 5.24 -25.76 14.12
N GLY A 173 4.24 -25.40 13.31
CA GLY A 173 3.93 -26.14 12.09
C GLY A 173 5.05 -26.05 11.04
N LEU A 174 5.65 -24.86 10.94
CA LEU A 174 6.70 -24.56 9.96
C LEU A 174 8.10 -25.07 10.31
N ASP A 175 8.97 -25.12 9.30
CA ASP A 175 10.37 -25.52 9.46
C ASP A 175 11.31 -24.30 9.37
N THR A 176 11.01 -23.28 10.16
CA THR A 176 11.83 -22.08 10.24
C THR A 176 12.16 -21.85 11.69
N VAL A 177 13.45 -21.63 11.96
CA VAL A 177 13.88 -21.21 13.28
C VAL A 177 14.45 -19.80 13.25
N ILE A 178 13.99 -18.96 14.16
CA ILE A 178 14.45 -17.58 14.23
C ILE A 178 15.08 -17.27 15.59
N CYS A 179 16.28 -16.74 15.59
CA CYS A 179 16.89 -16.29 16.85
C CYS A 179 17.83 -15.11 16.61
N GLY A 180 18.45 -14.63 17.68
CA GLY A 180 19.28 -13.44 17.61
C GLY A 180 20.57 -13.53 18.40
N THR A 181 21.47 -12.59 18.12
CA THR A 181 22.72 -12.46 18.84
C THR A 181 22.86 -11.01 19.23
N ARG A 182 23.59 -10.75 20.29
CA ARG A 182 23.74 -9.37 20.68
C ARG A 182 25.17 -9.12 21.01
N TYR A 183 25.78 -8.11 20.39
CA TYR A 183 27.13 -7.74 20.78
C TYR A 183 27.42 -6.26 20.63
N GLY A 184 28.48 -5.78 21.26
CA GLY A 184 28.84 -4.37 21.19
C GLY A 184 29.91 -4.13 20.15
N ASN A 185 30.53 -2.95 20.17
CA ASN A 185 31.56 -2.66 19.19
C ASN A 185 32.77 -3.59 19.20
N VAL A 186 33.29 -3.87 18.01
CA VAL A 186 34.45 -4.71 17.87
C VAL A 186 35.67 -3.81 17.82
N MSE A 187 36.79 -4.34 18.27
CA MSE A 187 38.02 -3.59 18.30
C MSE A 187 38.42 -3.16 16.89
O MSE A 187 38.24 -3.92 15.93
CB MSE A 187 39.12 -4.45 18.90
CG MSE A 187 38.85 -4.92 20.32
SE MSE A 187 40.44 -5.82 20.96
CE MSE A 187 39.75 -7.62 21.02
N ALA A 188 38.92 -1.94 16.77
CA ALA A 188 39.44 -1.43 15.50
C ALA A 188 38.39 -1.34 14.41
N SER A 189 37.13 -1.13 14.81
CA SER A 189 36.09 -0.86 13.82
C SER A 189 36.27 0.58 13.35
N ARG A 190 35.57 0.94 12.26
CA ARG A 190 35.70 2.28 11.71
C ARG A 190 35.30 3.37 12.71
N GLY A 191 36.15 4.40 12.77
CA GLY A 191 35.98 5.53 13.66
C GLY A 191 35.96 5.20 15.13
N SER A 192 36.57 4.08 15.52
CA SER A 192 36.67 3.74 16.94
C SER A 192 38.00 4.16 17.56
N VAL A 193 38.15 3.83 18.84
CA VAL A 193 39.28 4.28 19.63
C VAL A 193 40.64 3.82 19.15
N ILE A 194 40.80 2.54 18.84
CA ILE A 194 42.11 2.01 18.46
C ILE A 194 42.73 2.69 17.21
N PRO A 195 41.99 2.77 16.09
CA PRO A 195 42.60 3.50 14.95
C PRO A 195 42.77 5.00 15.19
N LEU A 196 41.96 5.61 16.05
CA LEU A 196 42.20 6.99 16.39
C LEU A 196 43.53 7.15 17.12
N PHE A 197 43.80 6.27 18.08
CA PHE A 197 45.07 6.29 18.82
C PHE A 197 46.29 6.03 17.94
N VAL A 198 46.21 5.01 17.10
CA VAL A 198 47.29 4.68 16.17
C VAL A 198 47.59 5.86 15.26
N ASP A 199 46.55 6.51 14.76
CA ASP A 199 46.73 7.67 13.89
C ASP A 199 47.42 8.82 14.65
N GLN A 200 46.95 9.09 15.86
CA GLN A 200 47.46 10.20 16.65
C GLN A 200 48.92 9.96 17.01
N ILE A 201 49.27 8.69 17.19
CA ILE A 201 50.66 8.33 17.44
C ILE A 201 51.52 8.56 16.20
N ARG A 202 51.06 8.10 15.05
CA ARG A 202 51.80 8.29 13.81
C ARG A 202 52.01 9.77 13.49
N GLN A 203 51.04 10.63 13.84
CA GLN A 203 51.20 12.06 13.56
C GLN A 203 51.70 12.89 14.76
N GLY A 204 52.29 12.21 15.74
CA GLY A 204 52.91 12.88 16.87
C GLY A 204 52.02 13.64 17.85
N LYS A 205 50.71 13.46 17.75
CA LYS A 205 49.76 14.12 18.65
C LYS A 205 49.53 13.30 19.95
N PRO A 206 49.21 13.99 21.06
CA PRO A 206 48.89 13.25 22.27
C PRO A 206 47.59 12.47 22.08
N LEU A 207 47.43 11.35 22.81
CA LEU A 207 46.21 10.55 22.66
C LEU A 207 45.01 11.27 23.27
N THR A 208 43.93 11.39 22.52
CA THR A 208 42.74 12.03 23.06
C THR A 208 41.83 11.03 23.77
N ILE A 209 41.78 11.13 25.08
CA ILE A 209 40.94 10.26 25.87
C ILE A 209 39.86 11.09 26.56
N THR A 210 38.62 10.64 26.43
CA THR A 210 37.48 11.26 27.12
C THR A 210 37.48 10.95 28.63
N ASP A 211 37.25 9.68 28.97
CA ASP A 211 37.27 9.20 30.36
C ASP A 211 38.16 7.95 30.46
N PRO A 212 39.28 8.05 31.16
CA PRO A 212 40.25 6.96 31.30
C PRO A 212 39.68 5.71 31.99
N ASN A 213 38.68 5.89 32.86
CA ASN A 213 38.09 4.79 33.62
C ASN A 213 36.90 4.12 32.98
N MSE A 214 36.53 4.62 31.81
CA MSE A 214 35.46 4.04 31.02
C MSE A 214 35.90 2.64 30.58
O MSE A 214 37.05 2.42 30.18
CB MSE A 214 35.19 4.95 29.82
CG MSE A 214 34.39 4.34 28.69
SE MSE A 214 34.37 5.51 27.12
CE MSE A 214 33.58 7.11 27.96
N THR A 215 34.98 1.68 30.68
CA THR A 215 35.28 0.32 30.30
C THR A 215 34.47 -0.11 29.11
N ARG A 216 35.05 -0.94 28.28
CA ARG A 216 34.36 -1.50 27.15
C ARG A 216 34.70 -2.99 27.09
N PHE A 217 33.75 -3.79 26.61
CA PHE A 217 34.03 -5.18 26.32
C PHE A 217 35.02 -5.23 25.17
N MSE A 218 35.94 -6.19 25.22
CA MSE A 218 36.98 -6.30 24.21
C MSE A 218 36.79 -7.59 23.42
O MSE A 218 36.80 -8.68 23.96
CB MSE A 218 38.38 -6.23 24.85
CG MSE A 218 38.67 -4.89 25.52
SE MSE A 218 38.77 -3.42 24.23
CE MSE A 218 38.28 -1.92 25.38
N MSE A 219 36.66 -7.42 22.12
CA MSE A 219 36.13 -8.46 21.28
C MSE A 219 36.50 -8.17 19.83
O MSE A 219 36.34 -7.05 19.36
CB MSE A 219 34.64 -8.37 21.42
CG MSE A 219 33.91 -9.63 21.16
SE MSE A 219 32.18 -9.03 20.65
CE MSE A 219 31.39 -10.78 20.27
N THR A 220 36.97 -9.17 19.10
CA THR A 220 37.27 -8.95 17.68
C THR A 220 36.11 -9.28 16.73
N LEU A 221 36.31 -8.95 15.45
CA LEU A 221 35.31 -9.23 14.43
C LEU A 221 35.18 -10.74 14.19
N GLU A 222 36.28 -11.48 14.34
CA GLU A 222 36.23 -12.94 14.25
C GLU A 222 35.39 -13.53 15.38
N ASP A 223 35.47 -12.90 16.55
CA ASP A 223 34.68 -13.32 17.69
C ASP A 223 33.21 -13.15 17.37
N ALA A 224 32.85 -12.05 16.70
CA ALA A 224 31.46 -11.81 16.28
C ALA A 224 30.94 -12.84 15.28
N VAL A 225 31.78 -13.22 14.32
CA VAL A 225 31.36 -14.26 13.39
C VAL A 225 31.10 -15.57 14.16
N ASP A 226 31.95 -15.89 15.12
CA ASP A 226 31.78 -17.09 15.95
C ASP A 226 30.47 -17.11 16.74
N LEU A 227 30.09 -15.95 17.27
CA LEU A 227 28.86 -15.80 18.00
C LEU A 227 27.64 -16.09 17.10
N VAL A 228 27.68 -15.52 15.90
CA VAL A 228 26.58 -15.75 14.98
C VAL A 228 26.54 -17.23 14.57
N LEU A 229 27.70 -17.83 14.34
CA LEU A 229 27.76 -19.27 14.04
C LEU A 229 27.25 -20.11 15.19
N TYR A 230 27.47 -19.64 16.42
CA TYR A 230 27.05 -20.37 17.60
C TYR A 230 25.54 -20.36 17.67
N ALA A 231 24.95 -19.18 17.46
CA ALA A 231 23.50 -19.01 17.46
C ALA A 231 22.89 -19.82 16.33
N PHE A 232 23.63 -19.83 15.24
CA PHE A 232 23.19 -20.52 14.06
C PHE A 232 23.10 -22.01 14.31
N GLU A 233 24.09 -22.56 15.04
CA GLU A 233 24.08 -23.99 15.37
C GLU A 233 23.11 -24.33 16.51
N HIS A 234 23.04 -23.50 17.54
CA HIS A 234 22.37 -23.92 18.76
C HIS A 234 21.03 -23.21 19.04
N GLY A 235 20.71 -22.19 18.28
CA GLY A 235 19.53 -21.39 18.59
C GLY A 235 18.21 -22.13 18.48
N GLU A 236 17.29 -21.83 19.38
CA GLU A 236 15.91 -22.24 19.24
C GLU A 236 15.09 -20.98 19.04
N ASN A 237 13.85 -21.15 18.63
CA ASN A 237 12.99 -20.00 18.37
C ASN A 237 12.98 -18.99 19.50
N GLY A 238 13.35 -17.75 19.18
CA GLY A 238 13.27 -16.62 20.12
C GLY A 238 14.47 -16.41 21.04
N ASP A 239 15.46 -17.26 20.90
CA ASP A 239 16.64 -17.15 21.72
C ASP A 239 17.45 -15.91 21.38
N ILE A 240 18.06 -15.30 22.39
CA ILE A 240 19.07 -14.28 22.14
C ILE A 240 20.34 -14.82 22.78
N PHE A 241 21.42 -14.84 22.00
CA PHE A 241 22.72 -15.29 22.51
C PHE A 241 23.65 -14.12 22.73
N VAL A 242 24.45 -14.19 23.78
CA VAL A 242 25.47 -13.19 24.07
C VAL A 242 26.76 -13.92 24.31
N GLN A 243 27.86 -13.38 23.78
CA GLN A 243 29.18 -13.96 24.00
C GLN A 243 29.88 -13.30 25.19
N LYS A 244 30.40 -14.10 26.12
CA LYS A 244 31.19 -13.58 27.23
C LYS A 244 32.48 -12.98 26.74
N ALA A 245 32.82 -11.80 27.24
CA ALA A 245 34.03 -11.09 26.85
C ALA A 245 34.64 -10.39 28.05
N PRO A 246 35.98 -10.27 28.05
CA PRO A 246 36.63 -9.45 29.08
C PRO A 246 36.46 -7.97 28.70
N ALA A 247 36.78 -7.09 29.65
CA ALA A 247 36.75 -5.65 29.41
C ALA A 247 38.05 -5.00 29.88
N ALA A 248 38.19 -3.73 29.51
CA ALA A 248 39.35 -2.94 29.87
C ALA A 248 38.93 -1.50 29.95
N THR A 249 39.66 -0.73 30.74
CA THR A 249 39.51 0.71 30.72
C THR A 249 40.25 1.22 29.48
N ILE A 250 39.89 2.41 29.00
CA ILE A 250 40.62 3.06 27.91
C ILE A 250 42.07 3.35 28.30
N ALA A 251 42.28 3.66 29.58
CA ALA A 251 43.63 3.83 30.12
C ALA A 251 44.50 2.62 29.85
N VAL A 252 44.05 1.45 30.27
CA VAL A 252 44.77 0.19 30.02
C VAL A 252 44.88 -0.11 28.52
N LEU A 253 43.84 0.16 27.74
CA LEU A 253 43.93 0.01 26.30
C LEU A 253 45.03 0.89 25.72
N ALA A 254 45.03 2.18 26.09
CA ALA A 254 46.02 3.13 25.60
C ALA A 254 47.46 2.71 25.97
N GLU A 255 47.65 2.22 27.19
CA GLU A 255 48.94 1.76 27.68
C GLU A 255 49.43 0.54 26.89
N ALA A 256 48.54 -0.42 26.66
CA ALA A 256 48.87 -1.65 25.96
C ALA A 256 49.28 -1.37 24.54
N LEU A 257 48.60 -0.40 23.93
CA LEU A 257 48.86 -0.02 22.54
C LEU A 257 50.17 0.75 22.41
N LYS A 258 50.43 1.62 23.37
CA LYS A 258 51.68 2.36 23.36
C LYS A 258 52.88 1.44 23.49
N GLN A 259 52.72 0.36 24.26
CA GLN A 259 53.82 -0.58 24.44
C GLN A 259 54.06 -1.39 23.18
N LEU A 260 53.00 -1.87 22.56
CA LEU A 260 53.13 -2.63 21.30
C LEU A 260 53.81 -1.78 20.22
N LEU A 261 53.55 -0.49 20.24
CA LEU A 261 54.10 0.44 19.26
C LEU A 261 55.44 1.04 19.72
N ASN A 262 55.91 0.62 20.89
CA ASN A 262 57.16 1.12 21.48
C ASN A 262 57.22 2.61 21.66
N VAL A 263 56.13 3.17 22.21
CA VAL A 263 56.00 4.58 22.54
C VAL A 263 55.43 4.70 23.96
N GLU A 264 56.06 4.05 24.93
CA GLU A 264 55.59 4.05 26.33
C GLU A 264 55.42 5.41 26.97
N ASP A 265 56.22 6.38 26.58
CA ASP A 265 56.12 7.70 27.19
C ASP A 265 55.56 8.69 26.20
N HIS A 266 54.29 8.52 25.87
CA HIS A 266 53.68 9.33 24.82
C HIS A 266 52.48 9.98 25.46
N PRO A 267 52.45 11.32 25.40
CA PRO A 267 51.51 12.16 26.12
C PRO A 267 50.07 11.74 25.88
N ILE A 268 49.22 12.03 26.86
CA ILE A 268 47.82 11.71 26.72
C ILE A 268 46.99 12.91 27.18
N SER A 269 46.00 13.27 26.38
CA SER A 269 45.13 14.40 26.70
C SER A 269 43.80 13.92 27.22
N ILE A 270 43.49 14.28 28.46
CA ILE A 270 42.21 13.93 29.03
C ILE A 270 41.20 15.03 28.71
N MSE A 271 40.41 14.75 27.67
CA MSE A 271 39.48 15.71 27.10
C MSE A 271 38.24 15.88 27.97
O MSE A 271 37.78 16.99 28.21
CB MSE A 271 39.10 15.28 25.67
CG MSE A 271 40.27 15.34 24.67
SE MSE A 271 41.14 17.09 24.73
CE MSE A 271 42.59 16.82 23.45
N GLY A 272 37.70 14.78 28.46
CA GLY A 272 36.48 14.81 29.23
C GLY A 272 35.34 14.02 28.60
N THR A 273 34.37 13.64 29.43
CA THR A 273 33.20 12.88 29.01
C THR A 273 32.29 13.55 27.97
N ARG A 274 31.97 12.80 26.93
CA ARG A 274 31.14 13.26 25.81
C ARG A 274 29.64 13.24 26.14
N HIS A 275 28.87 14.06 25.43
CA HIS A 275 27.42 14.04 25.56
C HIS A 275 26.97 12.66 25.12
N GLY A 276 26.19 11.97 25.96
CA GLY A 276 25.58 10.71 25.56
C GLY A 276 26.52 9.51 25.49
N GLU A 277 27.65 9.59 26.18
CA GLU A 277 28.61 8.49 26.21
C GLU A 277 28.65 7.91 27.61
N LYS A 278 28.25 6.65 27.77
CA LYS A 278 28.27 6.04 29.11
C LYS A 278 29.69 5.65 29.53
N ALA A 279 29.82 5.09 30.73
CA ALA A 279 31.14 4.76 31.21
C ALA A 279 31.36 3.25 31.19
N PHE A 280 30.29 2.54 30.84
CA PHE A 280 30.28 1.08 30.76
C PHE A 280 29.15 0.69 29.82
N GLU A 281 29.27 -0.48 29.21
CA GLU A 281 28.19 -1.05 28.42
C GLU A 281 27.62 -2.27 29.13
N ALA A 282 26.35 -2.56 28.89
CA ALA A 282 25.70 -3.74 29.46
C ALA A 282 25.33 -4.67 28.31
N LEU A 283 25.54 -5.96 28.48
CA LEU A 283 25.16 -6.93 27.46
C LEU A 283 23.90 -7.69 27.86
N LEU A 284 23.68 -7.82 29.15
CA LEU A 284 22.44 -8.39 29.65
C LEU A 284 21.94 -7.57 30.81
N SER A 285 20.63 -7.35 30.87
CA SER A 285 20.05 -6.61 31.98
C SER A 285 19.86 -7.55 33.18
N ARG A 286 19.60 -6.99 34.36
CA ARG A 286 19.32 -7.80 35.56
C ARG A 286 18.15 -8.76 35.30
N GLU A 287 17.06 -8.23 34.75
CA GLU A 287 15.92 -9.06 34.41
C GLU A 287 16.31 -10.23 33.48
N GLU A 288 17.19 -9.96 32.51
CA GLU A 288 17.64 -11.03 31.63
C GLU A 288 18.53 -12.05 32.34
N MSE A 289 19.34 -11.60 33.30
CA MSE A 289 20.29 -12.51 33.96
C MSE A 289 19.60 -13.56 34.79
O MSE A 289 20.08 -14.69 34.91
CB MSE A 289 21.28 -11.76 34.85
CG MSE A 289 22.51 -12.61 35.16
SE MSE A 289 23.70 -12.59 33.64
CE MSE A 289 23.31 -10.73 33.27
N VAL A 290 18.46 -13.19 35.36
CA VAL A 290 17.64 -14.11 36.12
C VAL A 290 17.18 -15.33 35.29
N HIS A 291 16.94 -15.11 33.99
CA HIS A 291 16.46 -16.19 33.13
C HIS A 291 17.53 -16.82 32.25
N ALA A 292 18.68 -16.16 32.12
CA ALA A 292 19.69 -16.60 31.16
C ALA A 292 20.35 -17.90 31.59
N PHE A 293 20.69 -18.74 30.62
CA PHE A 293 21.46 -19.93 30.89
C PHE A 293 22.93 -19.74 30.58
N ASP A 294 23.77 -20.08 31.54
CA ASP A 294 25.20 -20.06 31.32
C ASP A 294 25.56 -21.32 30.53
N GLN A 295 26.03 -21.12 29.31
CA GLN A 295 26.36 -22.23 28.41
C GLN A 295 27.84 -22.19 28.06
N GLY A 296 28.69 -21.91 29.04
CA GLY A 296 30.12 -21.91 28.80
C GLY A 296 30.65 -20.56 28.37
N ASP A 297 30.82 -20.36 27.07
CA ASP A 297 31.33 -19.10 26.56
C ASP A 297 30.20 -18.14 26.20
N TYR A 298 28.96 -18.60 26.35
CA TYR A 298 27.78 -17.85 25.93
C TYR A 298 26.72 -17.83 26.97
N PHE A 299 25.95 -16.75 26.99
CA PHE A 299 24.68 -16.75 27.70
C PHE A 299 23.60 -16.99 26.68
N ARG A 300 22.55 -17.70 27.07
CA ARG A 300 21.40 -17.88 26.22
C ARG A 300 20.15 -17.31 26.91
N VAL A 301 19.58 -16.24 26.38
CA VAL A 301 18.37 -15.69 26.97
C VAL A 301 17.16 -16.29 26.27
N PRO A 302 16.45 -17.19 26.96
CA PRO A 302 15.30 -17.81 26.31
C PRO A 302 14.10 -16.86 26.34
N ALA A 303 13.23 -17.04 25.35
CA ALA A 303 12.07 -16.20 25.22
C ALA A 303 11.03 -16.67 26.22
N ASP A 304 10.18 -15.76 26.67
CA ASP A 304 9.15 -16.11 27.63
C ASP A 304 7.89 -16.40 26.81
N GLN A 305 7.30 -17.58 26.99
CA GLN A 305 6.21 -18.03 26.12
C GLN A 305 5.01 -18.59 26.89
N ASP A 326 23.24 -8.69 36.77
CA ASP A 326 23.49 -7.81 35.62
C ASP A 326 24.86 -8.05 34.95
N TYR A 327 24.94 -8.03 33.62
CA TYR A 327 26.23 -8.32 32.95
C TYR A 327 26.78 -7.16 32.15
N ASN A 328 27.78 -6.48 32.69
CA ASN A 328 28.27 -5.29 32.04
C ASN A 328 29.79 -5.24 32.03
N SER A 329 30.35 -4.23 31.37
CA SER A 329 31.80 -4.14 31.20
C SER A 329 32.52 -3.76 32.48
N HIS A 330 31.78 -3.24 33.45
CA HIS A 330 32.37 -2.88 34.71
C HIS A 330 32.65 -4.13 35.55
N ASN A 331 31.71 -5.06 35.55
CA ASN A 331 31.83 -6.24 36.39
C ASN A 331 32.23 -7.57 35.72
N THR A 332 32.52 -7.56 34.42
CA THR A 332 33.03 -8.77 33.78
C THR A 332 34.52 -8.88 34.09
N THR A 333 35.18 -9.91 33.58
CA THR A 333 36.63 -10.07 33.77
C THR A 333 37.43 -8.83 33.32
N ARG A 334 38.18 -8.23 34.24
CA ARG A 334 38.96 -7.05 33.91
C ARG A 334 40.35 -7.42 33.39
N LEU A 335 40.71 -6.87 32.24
CA LEU A 335 42.03 -7.10 31.67
C LEU A 335 43.11 -6.15 32.22
N ASP A 336 44.31 -6.66 32.47
CA ASP A 336 45.44 -5.80 32.73
C ASP A 336 46.14 -5.56 31.41
N VAL A 337 47.19 -4.75 31.40
CA VAL A 337 47.89 -4.40 30.16
C VAL A 337 48.41 -5.60 29.37
N GLU A 338 48.87 -6.62 30.08
CA GLU A 338 49.42 -7.79 29.41
C GLU A 338 48.32 -8.54 28.62
N GLY A 339 47.15 -8.67 29.23
CA GLY A 339 46.04 -9.36 28.62
C GLY A 339 45.50 -8.59 27.43
N MSE A 340 45.48 -7.29 27.60
CA MSE A 340 44.98 -6.38 26.57
C MSE A 340 45.90 -6.39 25.36
O MSE A 340 45.45 -6.23 24.23
CB MSE A 340 44.92 -4.96 27.15
CG MSE A 340 44.44 -3.93 26.19
SE MSE A 340 42.55 -4.08 25.91
CE MSE A 340 42.52 -4.80 24.10
N LYS A 341 47.19 -6.58 25.59
CA LYS A 341 48.17 -6.67 24.51
C LYS A 341 47.97 -7.93 23.69
N GLN A 342 47.66 -9.04 24.35
CA GLN A 342 47.41 -10.30 23.63
C GLN A 342 46.17 -10.21 22.74
N LEU A 343 45.18 -9.44 23.17
CA LEU A 343 43.99 -9.19 22.35
C LEU A 343 44.33 -8.30 21.15
N LEU A 344 45.07 -7.20 21.40
CA LEU A 344 45.45 -6.27 20.34
C LEU A 344 46.27 -6.97 19.23
N LEU A 345 47.09 -7.92 19.62
CA LEU A 345 47.88 -8.67 18.66
C LEU A 345 47.03 -9.61 17.78
N LYS A 346 45.72 -9.71 18.06
CA LYS A 346 44.83 -10.50 17.21
C LYS A 346 44.45 -9.71 15.96
N LEU A 347 44.59 -8.39 16.06
CA LEU A 347 44.32 -7.50 14.94
C LEU A 347 45.53 -7.38 14.03
N ASP A 348 45.37 -7.72 12.76
CA ASP A 348 46.46 -7.64 11.79
C ASP A 348 46.91 -6.19 11.60
N PHE A 349 45.95 -5.29 11.74
CA PHE A 349 46.16 -3.85 11.68
C PHE A 349 47.21 -3.39 12.69
N VAL A 350 47.24 -4.05 13.84
CA VAL A 350 48.22 -3.74 14.87
C VAL A 350 49.51 -4.56 14.68
N ARG A 351 49.37 -5.83 14.31
CA ARG A 351 50.54 -6.70 14.07
C ARG A 351 51.50 -6.09 13.07
N ALA A 352 50.95 -5.55 11.99
CA ALA A 352 51.76 -4.94 10.95
C ALA A 352 52.64 -3.83 11.53
N LEU A 353 52.06 -3.11 12.49
CA LEU A 353 52.73 -1.98 13.10
C LEU A 353 53.89 -2.40 14.00
N THR A 354 53.84 -3.60 14.57
CA THR A 354 54.94 -4.06 15.41
C THR A 354 56.10 -4.56 14.56
N MSE B 20 -1.15 -30.69 -25.51
CA MSE B 20 -0.60 -30.28 -24.21
C MSE B 20 -1.67 -29.60 -23.33
O MSE B 20 -1.53 -29.48 -22.12
CB MSE B 20 0.62 -29.36 -24.38
CG MSE B 20 1.54 -29.24 -23.14
SE MSE B 20 3.08 -28.01 -23.30
CE MSE B 20 4.05 -28.46 -21.64
N PHE B 21 -2.75 -29.19 -23.96
CA PHE B 21 -3.81 -28.52 -23.25
C PHE B 21 -4.89 -29.46 -22.64
N LYS B 22 -4.79 -30.78 -22.83
CA LYS B 22 -5.85 -31.71 -22.38
C LYS B 22 -6.15 -31.65 -20.88
N ASP B 23 -7.40 -31.31 -20.55
CA ASP B 23 -7.88 -31.18 -19.17
C ASP B 23 -7.12 -30.17 -18.34
N LYS B 24 -6.56 -29.17 -19.00
CA LYS B 24 -5.82 -28.13 -18.32
C LYS B 24 -6.60 -26.81 -18.32
N VAL B 25 -6.15 -25.87 -17.47
CA VAL B 25 -6.79 -24.58 -17.42
C VAL B 25 -5.81 -23.50 -17.88
N LEU B 26 -6.23 -22.77 -18.91
CA LEU B 26 -5.43 -21.70 -19.49
C LEU B 26 -6.06 -20.38 -19.11
N LEU B 27 -5.24 -19.42 -18.65
CA LEU B 27 -5.73 -18.06 -18.43
C LEU B 27 -5.01 -17.09 -19.33
N ILE B 28 -5.78 -16.23 -19.98
CA ILE B 28 -5.21 -15.21 -20.86
C ILE B 28 -5.46 -13.84 -20.31
N THR B 29 -4.43 -13.13 -19.86
CA THR B 29 -4.63 -11.73 -19.48
C THR B 29 -4.74 -10.92 -20.78
N GLY B 30 -5.58 -9.89 -20.79
CA GLY B 30 -5.85 -9.13 -22.01
C GLY B 30 -6.56 -9.95 -23.08
N GLY B 31 -7.37 -10.90 -22.63
CA GLY B 31 -8.00 -11.84 -23.53
C GLY B 31 -9.10 -11.31 -24.44
N THR B 32 -9.58 -10.09 -24.18
CA THR B 32 -10.63 -9.54 -25.03
C THR B 32 -10.07 -8.88 -26.28
N GLY B 33 -8.75 -8.84 -26.37
CA GLY B 33 -8.05 -8.24 -27.50
C GLY B 33 -7.99 -9.18 -28.69
N SER B 34 -7.26 -8.78 -29.73
CA SER B 34 -7.22 -9.57 -30.96
C SER B 34 -6.49 -10.90 -30.80
N PHE B 35 -5.44 -10.89 -29.98
CA PHE B 35 -4.70 -12.10 -29.69
C PHE B 35 -5.58 -13.12 -28.96
N GLY B 36 -6.21 -12.66 -27.88
CA GLY B 36 -7.07 -13.51 -27.09
C GLY B 36 -8.13 -14.20 -27.93
N ASN B 37 -8.70 -13.47 -28.88
CA ASN B 37 -9.69 -14.06 -29.77
C ASN B 37 -9.08 -15.10 -30.70
N ALA B 38 -7.87 -14.84 -31.16
CA ALA B 38 -7.21 -15.79 -32.05
C ALA B 38 -7.02 -17.12 -31.32
N VAL B 39 -6.57 -17.06 -30.07
CA VAL B 39 -6.37 -18.26 -29.25
C VAL B 39 -7.66 -19.03 -28.96
N LEU B 40 -8.75 -18.32 -28.65
CA LEU B 40 -10.04 -18.96 -28.43
C LEU B 40 -10.53 -19.72 -29.65
N LYS B 41 -10.51 -19.06 -30.80
CA LYS B 41 -10.96 -19.70 -32.02
C LYS B 41 -10.18 -20.98 -32.27
N ARG B 42 -8.94 -21.05 -31.81
CA ARG B 42 -8.18 -22.27 -32.07
C ARG B 42 -8.46 -23.34 -31.04
N PHE B 43 -8.65 -22.92 -29.79
CA PHE B 43 -8.67 -23.90 -28.74
C PHE B 43 -9.98 -24.18 -28.07
N LEU B 44 -10.98 -23.34 -28.29
CA LEU B 44 -12.23 -23.45 -27.52
C LEU B 44 -12.87 -24.83 -27.65
N GLU B 45 -12.89 -25.38 -28.87
CA GLU B 45 -13.50 -26.69 -29.07
C GLU B 45 -12.51 -27.86 -29.07
N THR B 46 -11.37 -27.69 -28.38
CA THR B 46 -10.44 -28.80 -28.19
C THR B 46 -10.58 -29.40 -26.77
N ASP B 47 -9.63 -30.24 -26.35
CA ASP B 47 -9.80 -30.98 -25.09
C ASP B 47 -9.32 -30.21 -23.86
N ILE B 48 -9.06 -28.93 -24.03
CA ILE B 48 -8.77 -28.05 -22.92
C ILE B 48 -9.98 -27.99 -22.00
N LYS B 49 -9.75 -27.91 -20.70
CA LYS B 49 -10.84 -27.92 -19.71
C LYS B 49 -11.57 -26.61 -19.64
N GLU B 50 -10.81 -25.52 -19.64
CA GLU B 50 -11.33 -24.21 -19.34
C GLU B 50 -10.39 -23.14 -19.90
N ILE B 51 -10.94 -22.09 -20.49
CA ILE B 51 -10.13 -20.91 -20.80
C ILE B 51 -10.68 -19.73 -20.01
N ARG B 52 -9.85 -19.12 -19.16
CA ARG B 52 -10.25 -17.94 -18.39
C ARG B 52 -9.76 -16.71 -19.13
N ILE B 53 -10.66 -15.79 -19.36
CA ILE B 53 -10.34 -14.47 -19.91
C ILE B 53 -10.26 -13.45 -18.76
N PHE B 54 -9.09 -12.80 -18.62
CA PHE B 54 -8.88 -11.82 -17.54
C PHE B 54 -8.64 -10.43 -18.14
N SER B 55 -9.56 -9.52 -17.89
CA SER B 55 -9.44 -8.15 -18.38
C SER B 55 -10.39 -7.24 -17.63
N ARG B 56 -10.35 -5.95 -17.94
CA ARG B 56 -11.11 -4.98 -17.11
C ARG B 56 -12.51 -4.71 -17.60
N ASP B 57 -12.77 -4.88 -18.90
CA ASP B 57 -13.99 -4.35 -19.54
C ASP B 57 -15.16 -5.31 -19.65
N GLU B 58 -16.22 -4.99 -18.92
CA GLU B 58 -17.40 -5.84 -18.90
C GLU B 58 -18.16 -5.86 -20.25
N LYS B 59 -18.19 -4.76 -21.00
CA LYS B 59 -18.85 -4.79 -22.31
C LYS B 59 -18.15 -5.76 -23.28
N LYS B 60 -16.82 -5.66 -23.40
CA LYS B 60 -16.11 -6.57 -24.29
C LYS B 60 -16.29 -8.03 -23.83
N GLN B 61 -16.31 -8.25 -22.52
CA GLN B 61 -16.46 -9.62 -22.05
C GLN B 61 -17.84 -10.18 -22.37
N ASP B 62 -18.87 -9.34 -22.27
CA ASP B 62 -20.24 -9.78 -22.54
C ASP B 62 -20.41 -10.15 -24.01
N ASP B 63 -19.82 -9.35 -24.90
CA ASP B 63 -19.89 -9.61 -26.33
C ASP B 63 -19.27 -10.96 -26.71
N MSE B 64 -18.09 -11.24 -26.13
CA MSE B 64 -17.41 -12.51 -26.35
C MSE B 64 -18.22 -13.68 -25.81
O MSE B 64 -18.30 -14.74 -26.44
CB MSE B 64 -16.05 -12.52 -25.67
CG MSE B 64 -14.92 -12.24 -26.59
SE MSE B 64 -13.26 -12.03 -25.60
CE MSE B 64 -13.09 -13.78 -24.90
N ARG B 65 -18.83 -13.48 -24.64
CA ARG B 65 -19.60 -14.55 -24.04
C ARG B 65 -20.68 -15.00 -25.03
N LYS B 66 -21.41 -14.04 -25.59
CA LYS B 66 -22.46 -14.32 -26.56
C LYS B 66 -21.89 -14.83 -27.89
N LYS B 67 -20.77 -14.27 -28.32
CA LYS B 67 -20.17 -14.67 -29.59
C LYS B 67 -19.76 -16.14 -29.57
N TYR B 68 -19.12 -16.59 -28.49
CA TYR B 68 -18.65 -17.98 -28.43
C TYR B 68 -19.62 -18.97 -27.78
N HIS B 69 -20.56 -18.46 -26.99
CA HIS B 69 -21.55 -19.28 -26.28
C HIS B 69 -20.98 -20.66 -25.91
N SER B 70 -19.86 -20.66 -25.21
CA SER B 70 -19.19 -21.88 -24.87
C SER B 70 -19.00 -22.03 -23.38
N ALA B 71 -19.31 -23.22 -22.88
CA ALA B 71 -19.23 -23.48 -21.45
C ALA B 71 -17.80 -23.54 -20.89
N LYS B 72 -16.82 -23.64 -21.77
CA LYS B 72 -15.43 -23.68 -21.37
C LYS B 72 -14.85 -22.31 -21.11
N LEU B 73 -15.61 -21.28 -21.47
CA LEU B 73 -15.10 -19.92 -21.46
C LEU B 73 -15.53 -19.21 -20.18
N LYS B 74 -14.58 -18.95 -19.30
CA LYS B 74 -14.90 -18.29 -18.04
C LYS B 74 -14.35 -16.87 -18.09
N PHE B 75 -15.11 -15.91 -17.58
CA PHE B 75 -14.67 -14.52 -17.64
C PHE B 75 -14.38 -13.96 -16.25
N TYR B 76 -13.22 -13.36 -16.09
CA TYR B 76 -12.84 -12.73 -14.82
C TYR B 76 -12.62 -11.25 -15.05
N ILE B 77 -13.33 -10.41 -14.32
CA ILE B 77 -13.08 -8.98 -14.32
C ILE B 77 -11.89 -8.71 -13.41
N GLY B 78 -10.92 -7.95 -13.89
CA GLY B 78 -9.79 -7.63 -13.08
C GLY B 78 -8.77 -6.79 -13.82
N ASP B 79 -7.80 -6.28 -13.08
CA ASP B 79 -6.80 -5.40 -13.62
C ASP B 79 -5.45 -6.04 -13.23
N VAL B 80 -4.52 -6.18 -14.15
CA VAL B 80 -3.19 -6.66 -13.82
C VAL B 80 -2.40 -5.73 -12.86
N ARG B 81 -2.83 -4.50 -12.70
CA ARG B 81 -2.20 -3.62 -11.73
C ARG B 81 -2.52 -4.01 -10.31
N ASP B 82 -3.49 -4.91 -10.17
CA ASP B 82 -4.02 -5.32 -8.87
C ASP B 82 -3.60 -6.77 -8.56
N TYR B 83 -2.60 -6.89 -7.71
CA TYR B 83 -2.04 -8.19 -7.37
C TYR B 83 -3.09 -9.16 -6.86
N ASN B 84 -3.91 -8.72 -5.91
CA ASN B 84 -4.96 -9.57 -5.35
C ASN B 84 -5.92 -10.09 -6.39
N SER B 85 -6.29 -9.22 -7.33
CA SER B 85 -7.17 -9.57 -8.41
C SER B 85 -6.65 -10.75 -9.25
N ILE B 86 -5.39 -10.63 -9.71
CA ILE B 86 -4.79 -11.65 -10.55
C ILE B 86 -4.42 -12.89 -9.74
N LEU B 87 -4.10 -12.69 -8.46
CA LEU B 87 -3.84 -13.81 -7.58
C LEU B 87 -5.07 -14.70 -7.48
N ASN B 88 -6.24 -14.11 -7.38
CA ASN B 88 -7.48 -14.88 -7.31
C ASN B 88 -7.90 -15.54 -8.63
N ALA B 89 -7.64 -14.85 -9.73
CA ALA B 89 -8.02 -15.37 -11.02
C ALA B 89 -7.12 -16.51 -11.44
N THR B 90 -5.94 -16.62 -10.82
CA THR B 90 -4.99 -17.64 -11.26
C THR B 90 -4.94 -18.83 -10.35
N ARG B 91 -5.78 -18.87 -9.33
CA ARG B 91 -5.88 -20.09 -8.52
C ARG B 91 -6.45 -21.22 -9.36
N GLY B 92 -5.72 -22.33 -9.41
CA GLY B 92 -6.13 -23.48 -10.19
C GLY B 92 -5.80 -23.42 -11.68
N VAL B 93 -4.97 -22.46 -12.07
CA VAL B 93 -4.62 -22.29 -13.47
C VAL B 93 -3.33 -23.04 -13.77
N ASP B 94 -3.24 -23.71 -14.92
CA ASP B 94 -2.02 -24.41 -15.34
C ASP B 94 -1.07 -23.55 -16.16
N TYR B 95 -1.64 -22.76 -17.09
CA TYR B 95 -0.85 -21.96 -18.02
C TYR B 95 -1.41 -20.57 -18.18
N ILE B 96 -0.50 -19.60 -18.35
CA ILE B 96 -0.90 -18.20 -18.56
C ILE B 96 -0.28 -17.61 -19.81
N TYR B 97 -1.12 -17.06 -20.68
CA TYR B 97 -0.66 -16.19 -21.77
C TYR B 97 -0.87 -14.74 -21.34
N HIS B 98 0.23 -14.02 -21.17
CA HIS B 98 0.16 -12.65 -20.69
C HIS B 98 0.17 -11.68 -21.86
N ALA B 99 -1.00 -11.11 -22.17
CA ALA B 99 -1.17 -10.19 -23.32
C ALA B 99 -1.77 -8.83 -22.98
N ALA B 100 -2.02 -8.55 -21.69
CA ALA B 100 -2.54 -7.26 -21.24
C ALA B 100 -1.49 -6.19 -21.39
N ALA B 101 -1.77 -5.17 -22.19
CA ALA B 101 -0.83 -4.08 -22.34
C ALA B 101 -1.56 -2.82 -22.71
N LEU B 102 -0.87 -1.70 -22.59
CA LEU B 102 -1.18 -0.48 -23.30
C LEU B 102 -0.25 -0.48 -24.49
N LYS B 103 -0.80 -0.41 -25.69
CA LYS B 103 0.03 -0.62 -26.87
C LYS B 103 0.06 0.57 -27.84
N GLN B 104 -0.80 1.57 -27.63
CA GLN B 104 -0.85 2.76 -28.50
C GLN B 104 0.18 3.85 -28.22
N VAL B 105 0.81 4.37 -29.26
CA VAL B 105 1.90 5.31 -29.08
C VAL B 105 1.56 6.66 -28.45
N PRO B 106 0.51 7.34 -28.93
CA PRO B 106 0.25 8.65 -28.32
C PRO B 106 -0.18 8.62 -26.84
N SER B 107 -1.10 7.72 -26.49
CA SER B 107 -1.56 7.64 -25.11
C SER B 107 -0.40 7.31 -24.15
N CYS B 108 0.48 6.40 -24.55
CA CYS B 108 1.67 6.13 -23.74
C CYS B 108 2.62 7.34 -23.68
N GLU B 109 2.68 8.16 -24.73
CA GLU B 109 3.54 9.36 -24.67
C GLU B 109 3.06 10.40 -23.67
N PHE B 110 1.75 10.55 -23.58
CA PHE B 110 1.13 11.53 -22.70
C PHE B 110 0.85 11.03 -21.29
N HIS B 111 0.85 9.74 -21.12
CA HIS B 111 0.61 9.15 -19.81
C HIS B 111 1.57 8.05 -19.54
N PRO B 112 2.89 8.38 -19.53
CA PRO B 112 3.87 7.30 -19.38
C PRO B 112 3.73 6.53 -18.07
N MSE B 113 3.33 7.17 -16.97
CA MSE B 113 3.08 6.41 -15.76
C MSE B 113 2.05 5.32 -15.96
O MSE B 113 2.16 4.24 -15.37
CB MSE B 113 2.68 7.29 -14.58
CG MSE B 113 3.85 7.91 -13.81
SE MSE B 113 5.14 6.59 -13.10
CE MSE B 113 3.95 5.27 -12.38
N GLU B 114 1.07 5.56 -16.83
CA GLU B 114 0.06 4.53 -17.07
C GLU B 114 0.66 3.35 -17.79
N ALA B 115 1.53 3.62 -18.75
CA ALA B 115 2.25 2.56 -19.44
C ALA B 115 3.16 1.80 -18.46
N VAL B 116 3.81 2.53 -17.56
CA VAL B 116 4.64 1.86 -16.56
C VAL B 116 3.79 0.98 -15.65
N LYS B 117 2.71 1.53 -15.11
CA LYS B 117 1.85 0.77 -14.20
C LYS B 117 1.28 -0.50 -14.88
N THR B 118 0.85 -0.39 -16.13
CA THR B 118 0.29 -1.55 -16.78
C THR B 118 1.34 -2.51 -17.32
N ASN B 119 2.26 -2.03 -18.15
CA ASN B 119 3.19 -2.92 -18.84
C ASN B 119 4.29 -3.47 -17.95
N VAL B 120 4.77 -2.67 -17.01
CA VAL B 120 5.87 -3.10 -16.18
C VAL B 120 5.38 -3.64 -14.83
N LEU B 121 4.67 -2.82 -14.05
CA LEU B 121 4.23 -3.30 -12.73
C LEU B 121 3.16 -4.37 -12.89
N GLY B 122 2.34 -4.25 -13.92
CA GLY B 122 1.34 -5.22 -14.23
C GLY B 122 1.96 -6.56 -14.53
N THR B 123 3.00 -6.54 -15.37
CA THR B 123 3.75 -7.76 -15.62
C THR B 123 4.37 -8.37 -14.35
N GLU B 124 5.00 -7.55 -13.51
CA GLU B 124 5.53 -8.06 -12.24
C GLU B 124 4.43 -8.78 -11.41
N ASN B 125 3.23 -8.23 -11.40
CA ASN B 125 2.17 -8.86 -10.66
C ASN B 125 1.72 -10.24 -11.16
N VAL B 126 1.55 -10.35 -12.46
CA VAL B 126 1.10 -11.60 -13.04
C VAL B 126 2.13 -12.67 -12.75
N LEU B 127 3.40 -12.34 -12.89
CA LEU B 127 4.45 -13.34 -12.68
C LEU B 127 4.49 -13.77 -11.23
N GLU B 128 4.36 -12.80 -10.33
CA GLU B 128 4.39 -13.11 -8.91
C GLU B 128 3.18 -13.96 -8.53
N ALA B 129 2.02 -13.61 -9.06
CA ALA B 129 0.84 -14.44 -8.86
C ALA B 129 1.03 -15.84 -9.42
N ALA B 130 1.59 -15.94 -10.62
CA ALA B 130 1.82 -17.24 -11.22
C ALA B 130 2.73 -18.12 -10.33
N ILE B 131 3.81 -17.53 -9.81
CA ILE B 131 4.73 -18.22 -8.92
C ILE B 131 4.00 -18.65 -7.64
N GLN B 132 3.23 -17.75 -7.02
CA GLN B 132 2.47 -18.06 -5.83
C GLN B 132 1.44 -19.18 -5.98
N ASN B 133 0.75 -19.20 -7.11
CA ASN B 133 -0.27 -20.21 -7.37
C ASN B 133 0.24 -21.47 -8.08
N HIS B 134 1.56 -21.57 -8.25
CA HIS B 134 2.18 -22.75 -8.85
C HIS B 134 1.72 -22.99 -10.28
N VAL B 135 1.55 -21.90 -11.03
CA VAL B 135 1.23 -22.00 -12.44
C VAL B 135 2.43 -22.64 -13.14
N LYS B 136 2.17 -23.52 -14.10
CA LYS B 136 3.26 -24.28 -14.69
C LYS B 136 4.03 -23.48 -15.70
N ARG B 137 3.32 -22.78 -16.56
CA ARG B 137 3.98 -22.02 -17.60
C ARG B 137 3.33 -20.68 -17.82
N VAL B 138 4.15 -19.66 -18.04
CA VAL B 138 3.69 -18.33 -18.42
C VAL B 138 4.44 -17.86 -19.66
N VAL B 139 3.72 -17.41 -20.68
CA VAL B 139 4.33 -16.78 -21.84
C VAL B 139 3.93 -15.32 -21.90
N CYS B 140 4.93 -14.43 -21.99
CA CYS B 140 4.69 -13.00 -22.09
C CYS B 140 4.82 -12.54 -23.54
N LEU B 141 3.85 -11.77 -24.01
CA LEU B 141 3.87 -11.27 -25.37
C LEU B 141 4.58 -9.93 -25.41
N SER B 142 5.52 -9.77 -26.33
CA SER B 142 6.24 -8.52 -26.47
C SER B 142 6.26 -8.09 -27.93
N THR B 143 6.90 -6.97 -28.22
CA THR B 143 6.81 -6.40 -29.55
C THR B 143 8.18 -6.02 -30.14
N ASP B 144 8.26 -5.92 -31.45
CA ASP B 144 9.49 -5.52 -32.11
C ASP B 144 9.85 -4.08 -31.73
N LYS B 145 8.87 -3.32 -31.28
CA LYS B 145 9.08 -1.95 -30.86
C LYS B 145 9.94 -1.86 -29.59
N ALA B 146 10.16 -3.01 -28.97
CA ALA B 146 11.01 -3.10 -27.79
C ALA B 146 12.50 -3.20 -28.14
N VAL B 147 12.77 -3.50 -29.41
CA VAL B 147 14.13 -3.59 -29.88
C VAL B 147 14.50 -2.19 -30.36
N TYR B 148 15.54 -1.60 -29.77
CA TYR B 148 15.92 -0.23 -30.08
C TYR B 148 14.78 0.76 -29.95
N PRO B 149 14.15 0.84 -28.77
CA PRO B 149 12.93 1.64 -28.58
C PRO B 149 13.11 3.15 -28.73
N ILE B 150 12.12 3.84 -29.29
CA ILE B 150 12.19 5.29 -29.52
C ILE B 150 11.08 6.08 -28.85
N ASN B 151 10.05 5.40 -28.36
CA ASN B 151 8.95 6.09 -27.69
C ASN B 151 8.51 5.40 -26.42
N ALA B 152 7.66 6.05 -25.64
CA ALA B 152 7.27 5.57 -24.33
C ALA B 152 6.64 4.19 -24.36
N MSE B 153 5.87 3.90 -25.41
CA MSE B 153 5.26 2.57 -25.51
C MSE B 153 6.35 1.50 -25.65
O MSE B 153 6.39 0.54 -24.86
CB MSE B 153 4.27 2.46 -26.67
CG MSE B 153 3.48 1.13 -26.66
SE MSE B 153 4.35 -0.35 -27.64
CE MSE B 153 4.58 0.64 -29.30
N GLY B 154 7.22 1.67 -26.65
CA GLY B 154 8.33 0.77 -26.89
C GLY B 154 9.28 0.57 -25.73
N ILE B 155 9.65 1.68 -25.10
CA ILE B 155 10.45 1.65 -23.88
C ILE B 155 9.82 0.79 -22.80
N SER B 156 8.51 0.93 -22.61
CA SER B 156 7.85 0.21 -21.55
C SER B 156 7.84 -1.28 -21.82
N LYS B 157 7.77 -1.65 -23.08
CA LYS B 157 7.82 -3.06 -23.45
C LYS B 157 9.23 -3.65 -23.29
N ALA B 158 10.24 -2.86 -23.63
CA ALA B 158 11.62 -3.22 -23.40
C ALA B 158 11.86 -3.43 -21.88
N MSE B 159 11.35 -2.53 -21.06
CA MSE B 159 11.47 -2.69 -19.63
C MSE B 159 10.72 -3.95 -19.16
O MSE B 159 11.22 -4.74 -18.34
CB MSE B 159 11.03 -1.45 -18.86
CG MSE B 159 11.47 -1.49 -17.41
SE MSE B 159 13.40 -1.77 -17.14
CE MSE B 159 13.88 0.04 -16.92
N MSE B 160 9.54 -4.18 -19.71
CA MSE B 160 8.83 -5.41 -19.38
C MSE B 160 9.65 -6.70 -19.67
O MSE B 160 9.61 -7.66 -18.89
CB MSE B 160 7.45 -5.46 -20.03
CG MSE B 160 6.85 -6.82 -19.79
SE MSE B 160 6.05 -7.63 -21.34
CE MSE B 160 4.53 -6.32 -21.37
N GLU B 161 10.41 -6.70 -20.77
CA GLU B 161 11.21 -7.88 -21.06
C GLU B 161 12.28 -8.10 -19.99
N LYS B 162 12.99 -7.01 -19.65
CA LYS B 162 14.00 -7.06 -18.63
C LYS B 162 13.39 -7.57 -17.33
N VAL B 163 12.19 -7.12 -17.01
CA VAL B 163 11.53 -7.56 -15.79
C VAL B 163 11.18 -9.03 -15.84
N MSE B 164 10.55 -9.45 -16.93
CA MSE B 164 10.26 -10.87 -17.13
C MSE B 164 11.54 -11.73 -16.98
O MSE B 164 11.52 -12.72 -16.28
CB MSE B 164 9.58 -11.08 -18.50
CG MSE B 164 9.25 -12.52 -18.86
SE MSE B 164 10.75 -13.58 -19.60
CE MSE B 164 10.72 -12.61 -21.31
N VAL B 165 12.65 -11.31 -17.58
CA VAL B 165 13.89 -12.12 -17.48
C VAL B 165 14.42 -12.20 -16.05
N ALA B 166 14.45 -11.08 -15.34
CA ALA B 166 14.90 -11.09 -13.96
C ALA B 166 13.99 -11.95 -13.08
N LYS B 167 12.70 -11.91 -13.34
CA LYS B 167 11.75 -12.66 -12.56
C LYS B 167 11.93 -14.16 -12.79
N SER B 168 12.50 -14.53 -13.94
CA SER B 168 12.63 -15.94 -14.32
C SER B 168 13.74 -16.65 -13.54
N ARG B 169 14.50 -15.90 -12.76
CA ARG B 169 15.54 -16.49 -11.89
C ARG B 169 15.08 -16.90 -10.48
N ASN B 170 15.63 -18.03 -10.05
CA ASN B 170 15.43 -18.62 -8.72
C ASN B 170 14.23 -19.55 -8.64
N LEU B 171 13.70 -19.91 -9.79
CA LEU B 171 12.51 -20.75 -9.87
C LEU B 171 12.91 -22.22 -10.03
N GLU B 172 14.17 -22.53 -9.74
CA GLU B 172 14.74 -23.86 -10.01
C GLU B 172 14.09 -24.99 -9.18
N GLY B 173 13.89 -24.72 -7.88
CA GLY B 173 13.14 -25.63 -7.04
C GLY B 173 11.67 -25.68 -7.43
N LEU B 174 11.12 -24.51 -7.75
CA LEU B 174 9.69 -24.32 -8.05
C LEU B 174 9.29 -24.90 -9.41
N ASP B 175 7.99 -25.08 -9.63
CA ASP B 175 7.56 -25.59 -10.92
C ASP B 175 6.91 -24.55 -11.82
N THR B 176 7.58 -23.42 -12.04
CA THR B 176 7.07 -22.41 -12.95
C THR B 176 8.13 -22.06 -13.97
N VAL B 177 7.78 -22.12 -15.24
CA VAL B 177 8.67 -21.66 -16.30
C VAL B 177 8.05 -20.44 -16.93
N ILE B 178 8.84 -19.38 -17.06
CA ILE B 178 8.41 -18.09 -17.63
C ILE B 178 9.29 -17.75 -18.81
N CYS B 179 8.68 -17.44 -19.95
CA CYS B 179 9.48 -17.01 -21.07
C CYS B 179 8.61 -16.07 -21.87
N GLY B 180 9.13 -15.53 -22.96
CA GLY B 180 8.40 -14.54 -23.72
C GLY B 180 8.55 -14.74 -25.21
N THR B 181 7.68 -14.07 -25.95
CA THR B 181 7.76 -14.07 -27.41
C THR B 181 7.74 -12.64 -27.85
N ARG B 182 8.30 -12.38 -29.00
CA ARG B 182 8.34 -11.04 -29.53
C ARG B 182 7.89 -11.10 -31.00
N TYR B 183 6.93 -10.26 -31.38
CA TYR B 183 6.58 -10.19 -32.78
C TYR B 183 6.19 -8.78 -33.20
N GLY B 184 6.19 -8.52 -34.51
CA GLY B 184 5.89 -7.19 -34.98
C GLY B 184 4.44 -7.07 -35.34
N ASN B 185 4.05 -6.00 -36.04
CA ASN B 185 2.64 -5.86 -36.42
C ASN B 185 2.18 -7.01 -37.32
N VAL B 186 0.94 -7.46 -37.14
CA VAL B 186 0.44 -8.53 -37.98
C VAL B 186 -0.39 -7.95 -39.13
N MSE B 187 -0.36 -8.67 -40.25
CA MSE B 187 -1.15 -8.30 -41.41
C MSE B 187 -2.63 -8.09 -41.07
O MSE B 187 -3.26 -8.86 -40.33
CB MSE B 187 -0.98 -9.36 -42.47
CG MSE B 187 0.42 -9.38 -43.06
SE MSE B 187 0.74 -10.93 -44.23
CE MSE B 187 -0.83 -10.84 -45.35
N ALA B 188 -3.15 -6.99 -41.62
CA ALA B 188 -4.56 -6.70 -41.58
C ALA B 188 -5.08 -6.49 -40.17
N SER B 189 -4.22 -6.03 -39.28
CA SER B 189 -4.69 -5.63 -37.98
C SER B 189 -5.38 -4.27 -38.13
N ARG B 190 -6.12 -3.85 -37.12
CA ARG B 190 -6.85 -2.60 -37.21
C ARG B 190 -5.95 -1.41 -37.52
N GLY B 191 -6.40 -0.59 -38.46
CA GLY B 191 -5.69 0.60 -38.89
C GLY B 191 -4.31 0.43 -39.49
N SER B 192 -4.04 -0.76 -40.03
CA SER B 192 -2.78 -0.98 -40.74
C SER B 192 -2.94 -0.82 -42.27
N VAL B 193 -1.84 -1.04 -42.98
CA VAL B 193 -1.77 -0.77 -44.40
C VAL B 193 -2.72 -1.61 -45.27
N ILE B 194 -2.79 -2.91 -45.04
CA ILE B 194 -3.63 -3.77 -45.88
C ILE B 194 -5.12 -3.39 -45.88
N PRO B 195 -5.75 -3.27 -44.70
CA PRO B 195 -7.14 -2.79 -44.82
C PRO B 195 -7.27 -1.35 -45.38
N LEU B 196 -6.24 -0.51 -45.23
CA LEU B 196 -6.25 0.82 -45.85
C LEU B 196 -6.27 0.76 -47.39
N PHE B 197 -5.37 -0.05 -47.97
CA PHE B 197 -5.26 -0.27 -49.40
C PHE B 197 -6.52 -0.91 -49.98
N VAL B 198 -7.04 -1.90 -49.28
CA VAL B 198 -8.25 -2.57 -49.72
C VAL B 198 -9.40 -1.59 -49.82
N ASP B 199 -9.57 -0.73 -48.82
CA ASP B 199 -10.65 0.24 -48.85
C ASP B 199 -10.45 1.20 -50.02
N GLN B 200 -9.21 1.65 -50.20
CA GLN B 200 -8.93 2.62 -51.25
C GLN B 200 -9.20 2.03 -52.63
N ILE B 201 -8.93 0.75 -52.80
CA ILE B 201 -9.24 0.11 -54.05
C ILE B 201 -10.75 0.00 -54.22
N ARG B 202 -11.46 -0.46 -53.19
CA ARG B 202 -12.91 -0.53 -53.22
C ARG B 202 -13.57 0.83 -53.47
N GLN B 203 -12.94 1.89 -53.02
CA GLN B 203 -13.52 3.21 -53.17
C GLN B 203 -13.03 3.90 -54.41
N GLY B 204 -12.27 3.18 -55.22
CA GLY B 204 -11.72 3.72 -56.45
C GLY B 204 -10.66 4.82 -56.23
N LYS B 205 -10.16 4.97 -55.01
CA LYS B 205 -9.14 6.00 -54.70
C LYS B 205 -7.73 5.51 -54.98
N PRO B 206 -6.82 6.42 -55.34
CA PRO B 206 -5.44 6.00 -55.53
C PRO B 206 -4.83 5.58 -54.20
N LEU B 207 -3.92 4.62 -54.21
CA LEU B 207 -3.33 4.15 -52.95
C LEU B 207 -2.40 5.23 -52.41
N THR B 208 -2.52 5.59 -51.14
CA THR B 208 -1.60 6.59 -50.59
C THR B 208 -0.35 5.89 -50.12
N ILE B 209 0.76 6.09 -50.84
CA ILE B 209 1.99 5.43 -50.46
C ILE B 209 3.08 6.42 -50.01
N THR B 210 3.58 6.23 -48.81
CA THR B 210 4.65 7.07 -48.31
C THR B 210 5.98 6.77 -49.01
N ASP B 211 6.56 5.61 -48.71
CA ASP B 211 7.82 5.17 -49.28
C ASP B 211 7.66 3.78 -49.86
N PRO B 212 7.75 3.67 -51.18
CA PRO B 212 7.58 2.39 -51.89
C PRO B 212 8.57 1.36 -51.40
N ASN B 213 9.74 1.80 -50.95
CA ASN B 213 10.83 0.92 -50.52
C ASN B 213 10.91 0.63 -49.03
N MSE B 214 9.96 1.16 -48.25
CA MSE B 214 9.88 0.83 -46.85
C MSE B 214 9.56 -0.66 -46.75
O MSE B 214 8.66 -1.13 -47.43
CB MSE B 214 8.80 1.68 -46.18
CG MSE B 214 8.67 1.51 -44.67
SE MSE B 214 6.94 2.21 -44.08
CE MSE B 214 7.12 4.03 -44.77
N THR B 215 10.32 -1.39 -45.93
CA THR B 215 10.09 -2.83 -45.76
C THR B 215 9.42 -3.16 -44.44
N ARG B 216 8.58 -4.18 -44.45
CA ARG B 216 7.95 -4.65 -43.23
C ARG B 216 7.96 -6.16 -43.20
N PHE B 217 8.10 -6.73 -42.01
CA PHE B 217 7.93 -8.16 -41.86
C PHE B 217 6.48 -8.50 -42.16
N MSE B 218 6.23 -9.68 -42.71
CA MSE B 218 4.89 -10.11 -43.08
C MSE B 218 4.49 -11.40 -42.37
O MSE B 218 4.98 -12.49 -42.70
CB MSE B 218 4.77 -10.27 -44.60
CG MSE B 218 4.94 -8.97 -45.42
SE MSE B 218 3.53 -7.64 -45.17
CE MSE B 218 4.46 -6.12 -45.96
N MSE B 219 3.62 -11.29 -41.39
CA MSE B 219 3.13 -12.45 -40.71
C MSE B 219 1.68 -12.27 -40.30
O MSE B 219 1.24 -11.14 -40.01
CB MSE B 219 3.96 -12.74 -39.46
CG MSE B 219 3.83 -11.70 -38.36
SE MSE B 219 5.12 -12.14 -36.98
CE MSE B 219 4.41 -13.86 -36.52
N THR B 220 0.95 -13.37 -40.29
CA THR B 220 -0.47 -13.36 -39.96
C THR B 220 -0.70 -13.57 -38.48
N LEU B 221 -1.94 -13.44 -38.06
CA LEU B 221 -2.33 -13.65 -36.67
C LEU B 221 -2.21 -15.13 -36.29
N GLU B 222 -2.46 -16.02 -37.26
CA GLU B 222 -2.29 -17.46 -37.01
C GLU B 222 -0.82 -17.79 -36.69
N ASP B 223 0.10 -17.10 -37.36
CA ASP B 223 1.54 -17.31 -37.18
C ASP B 223 1.96 -16.91 -35.79
N ALA B 224 1.37 -15.83 -35.32
CA ALA B 224 1.61 -15.36 -33.98
C ALA B 224 1.15 -16.40 -32.95
N VAL B 225 -0.01 -17.00 -33.17
CA VAL B 225 -0.52 -18.00 -32.24
C VAL B 225 0.42 -19.19 -32.19
N ASP B 226 0.96 -19.54 -33.34
CA ASP B 226 1.94 -20.59 -33.43
C ASP B 226 3.24 -20.25 -32.67
N LEU B 227 3.66 -19.00 -32.76
CA LEU B 227 4.85 -18.55 -32.05
C LEU B 227 4.69 -18.73 -30.52
N VAL B 228 3.52 -18.34 -30.04
CA VAL B 228 3.17 -18.47 -28.64
C VAL B 228 3.09 -19.95 -28.25
N LEU B 229 2.49 -20.78 -29.12
CA LEU B 229 2.45 -22.22 -28.85
C LEU B 229 3.85 -22.86 -28.81
N TYR B 230 4.74 -22.33 -29.62
CA TYR B 230 6.10 -22.87 -29.69
C TYR B 230 6.87 -22.56 -28.40
N ALA B 231 6.77 -21.30 -27.98
CA ALA B 231 7.42 -20.84 -26.76
C ALA B 231 6.86 -21.61 -25.57
N PHE B 232 5.57 -21.87 -25.63
CA PHE B 232 4.88 -22.57 -24.58
C PHE B 232 5.41 -24.00 -24.43
N GLU B 233 5.69 -24.67 -25.55
CA GLU B 233 6.22 -26.04 -25.53
C GLU B 233 7.71 -26.11 -25.22
N HIS B 234 8.48 -25.17 -25.76
CA HIS B 234 9.93 -25.30 -25.77
C HIS B 234 10.69 -24.38 -24.83
N GLY B 235 10.02 -23.41 -24.24
CA GLY B 235 10.71 -22.38 -23.51
C GLY B 235 11.38 -22.85 -22.25
N GLU B 236 12.55 -22.27 -21.95
CA GLU B 236 13.12 -22.39 -20.62
C GLU B 236 13.06 -21.01 -20.01
N ASN B 237 13.25 -20.94 -18.69
CA ASN B 237 13.20 -19.69 -17.96
C ASN B 237 14.00 -18.59 -18.63
N GLY B 238 13.32 -17.48 -18.95
CA GLY B 238 13.96 -16.30 -19.49
C GLY B 238 14.19 -16.30 -20.99
N ASP B 239 13.79 -17.37 -21.65
CA ASP B 239 13.94 -17.44 -23.11
C ASP B 239 13.04 -16.41 -23.79
N ILE B 240 13.53 -15.84 -24.88
CA ILE B 240 12.67 -15.06 -25.74
C ILE B 240 12.70 -15.66 -27.13
N PHE B 241 11.52 -15.97 -27.65
CA PHE B 241 11.42 -16.54 -28.97
C PHE B 241 10.94 -15.52 -29.98
N VAL B 242 11.53 -15.60 -31.17
CA VAL B 242 11.12 -14.74 -32.26
C VAL B 242 10.88 -15.64 -33.45
N GLN B 243 9.83 -15.38 -34.20
CA GLN B 243 9.57 -16.18 -35.39
C GLN B 243 10.21 -15.53 -36.60
N LYS B 244 10.93 -16.33 -37.40
CA LYS B 244 11.52 -15.83 -38.63
C LYS B 244 10.40 -15.46 -39.57
N ALA B 245 10.51 -14.30 -40.20
CA ALA B 245 9.45 -13.81 -41.07
C ALA B 245 10.05 -13.19 -42.31
N PRO B 246 9.38 -13.38 -43.44
CA PRO B 246 9.90 -12.73 -44.64
C PRO B 246 9.48 -11.26 -44.61
N ALA B 247 10.04 -10.43 -45.49
CA ALA B 247 9.57 -9.06 -45.56
C ALA B 247 9.25 -8.69 -47.01
N ALA B 248 8.61 -7.53 -47.17
CA ALA B 248 8.30 -7.00 -48.49
C ALA B 248 8.28 -5.50 -48.41
N THR B 249 8.53 -4.84 -49.53
CA THR B 249 8.35 -3.41 -49.66
C THR B 249 6.87 -3.07 -49.84
N ILE B 250 6.51 -1.82 -49.57
CA ILE B 250 5.16 -1.36 -49.82
C ILE B 250 4.84 -1.42 -51.32
N ALA B 251 5.86 -1.19 -52.13
CA ALA B 251 5.68 -1.32 -53.57
C ALA B 251 5.14 -2.70 -53.92
N VAL B 252 5.84 -3.74 -53.48
CA VAL B 252 5.43 -5.12 -53.74
C VAL B 252 4.07 -5.45 -53.13
N LEU B 253 3.83 -4.96 -51.91
CA LEU B 253 2.54 -5.18 -51.26
C LEU B 253 1.37 -4.60 -52.10
N ALA B 254 1.52 -3.35 -52.54
CA ALA B 254 0.49 -2.72 -53.37
C ALA B 254 0.30 -3.47 -54.71
N GLU B 255 1.42 -3.87 -55.34
CA GLU B 255 1.33 -4.58 -56.61
C GLU B 255 0.63 -5.92 -56.44
N ALA B 256 1.00 -6.68 -55.42
CA ALA B 256 0.39 -7.99 -55.19
C ALA B 256 -1.09 -7.86 -54.90
N LEU B 257 -1.45 -6.80 -54.20
CA LEU B 257 -2.83 -6.59 -53.83
C LEU B 257 -3.70 -6.14 -55.01
N LYS B 258 -3.16 -5.28 -55.88
CA LYS B 258 -3.87 -4.87 -57.08
C LYS B 258 -4.10 -6.07 -58.01
N GLN B 259 -3.17 -7.03 -58.02
CA GLN B 259 -3.37 -8.23 -58.82
C GLN B 259 -4.42 -9.18 -58.19
N LEU B 260 -4.40 -9.40 -56.88
CA LEU B 260 -5.46 -10.21 -56.29
C LEU B 260 -6.87 -9.62 -56.47
N LEU B 261 -6.98 -8.30 -56.44
CA LEU B 261 -8.30 -7.67 -56.55
C LEU B 261 -8.73 -7.27 -57.98
N ASN B 262 -7.94 -7.66 -58.99
CA ASN B 262 -8.24 -7.32 -60.39
C ASN B 262 -8.32 -5.85 -60.74
N VAL B 263 -7.36 -5.06 -60.27
CA VAL B 263 -7.30 -3.66 -60.62
C VAL B 263 -5.86 -3.23 -60.91
N GLU B 264 -5.18 -3.90 -61.82
CA GLU B 264 -3.81 -3.45 -62.14
C GLU B 264 -3.86 -1.99 -62.65
N ASP B 265 -4.58 -1.74 -63.76
CA ASP B 265 -4.80 -0.35 -64.21
C ASP B 265 -5.54 0.54 -63.20
N HIS B 266 -4.90 0.82 -62.07
CA HIS B 266 -5.47 1.58 -60.96
C HIS B 266 -4.41 2.52 -60.36
N PRO B 267 -4.73 3.82 -60.25
CA PRO B 267 -3.82 4.90 -59.83
C PRO B 267 -3.08 4.74 -58.46
N ILE B 268 -1.84 5.27 -58.34
CA ILE B 268 -1.07 5.29 -57.07
C ILE B 268 -0.28 6.60 -56.83
N SER B 269 -0.44 7.19 -55.64
CA SER B 269 0.23 8.46 -55.28
C SER B 269 1.32 8.40 -54.17
N ILE B 270 2.56 8.78 -54.50
CA ILE B 270 3.64 8.83 -53.51
C ILE B 270 3.75 10.19 -52.78
N ALA B 279 11.74 3.06 -41.37
CA ALA B 279 11.75 2.59 -42.76
C ALA B 279 12.04 1.09 -42.84
N PHE B 280 12.32 0.50 -41.68
CA PHE B 280 12.56 -0.94 -41.54
C PHE B 280 12.27 -1.24 -40.07
N GLU B 281 11.85 -2.46 -39.77
CA GLU B 281 11.70 -2.86 -38.39
C GLU B 281 12.73 -3.95 -38.03
N ALA B 282 13.13 -4.00 -36.76
CA ALA B 282 14.06 -5.01 -36.28
C ALA B 282 13.39 -5.93 -35.27
N LEU B 283 13.69 -7.22 -35.36
CA LEU B 283 13.12 -8.18 -34.42
C LEU B 283 14.14 -8.64 -33.39
N LEU B 284 15.42 -8.61 -33.77
CA LEU B 284 16.52 -8.92 -32.86
C LEU B 284 17.67 -7.96 -33.13
N SER B 285 18.32 -7.52 -32.06
CA SER B 285 19.47 -6.64 -32.15
C SER B 285 20.73 -7.44 -32.46
N ARG B 286 21.81 -6.75 -32.83
CA ARG B 286 23.09 -7.40 -33.06
C ARG B 286 23.48 -8.24 -31.88
N GLU B 287 23.41 -7.65 -30.69
CA GLU B 287 23.76 -8.35 -29.46
C GLU B 287 22.94 -9.61 -29.29
N GLU B 288 21.65 -9.56 -29.57
CA GLU B 288 20.83 -10.74 -29.38
C GLU B 288 21.25 -11.80 -30.42
N MSE B 289 21.56 -11.33 -31.63
CA MSE B 289 21.92 -12.25 -32.70
C MSE B 289 23.16 -13.08 -32.41
O MSE B 289 23.21 -14.23 -32.80
CB MSE B 289 22.05 -11.50 -34.02
CG MSE B 289 20.69 -11.35 -34.70
SE MSE B 289 20.13 -13.06 -35.47
CE MSE B 289 18.23 -12.97 -35.37
N VAL B 290 24.14 -12.55 -31.69
CA VAL B 290 25.36 -13.32 -31.45
C VAL B 290 25.11 -14.50 -30.51
N HIS B 291 24.12 -14.36 -29.61
CA HIS B 291 23.84 -15.41 -28.61
C HIS B 291 22.68 -16.33 -29.00
N ALA B 292 21.94 -15.98 -30.05
CA ALA B 292 20.71 -16.65 -30.42
C ALA B 292 20.90 -18.06 -30.99
N PHE B 293 19.98 -18.96 -30.67
CA PHE B 293 19.98 -20.27 -31.30
C PHE B 293 19.01 -20.26 -32.46
N ASP B 294 19.48 -20.72 -33.62
CA ASP B 294 18.64 -20.89 -34.78
C ASP B 294 17.92 -22.22 -34.66
N GLN B 295 16.60 -22.18 -34.54
CA GLN B 295 15.80 -23.38 -34.29
C GLN B 295 14.76 -23.67 -35.37
N GLY B 296 15.17 -23.51 -36.63
CA GLY B 296 14.32 -23.82 -37.77
C GLY B 296 13.56 -22.58 -38.16
N ASP B 297 12.30 -22.51 -37.74
CA ASP B 297 11.47 -21.37 -38.05
C ASP B 297 11.53 -20.30 -36.97
N TYR B 298 12.33 -20.54 -35.92
CA TYR B 298 12.37 -19.59 -34.80
C TYR B 298 13.79 -19.27 -34.36
N PHE B 299 13.99 -18.06 -33.83
CA PHE B 299 15.20 -17.80 -33.05
C PHE B 299 14.87 -17.88 -31.56
N ARG B 300 15.80 -18.43 -30.79
CA ARG B 300 15.62 -18.53 -29.36
C ARG B 300 16.73 -17.75 -28.70
N VAL B 301 16.38 -16.66 -28.03
CA VAL B 301 17.38 -15.85 -27.34
C VAL B 301 17.46 -16.23 -25.84
N PRO B 302 18.53 -16.91 -25.44
CA PRO B 302 18.56 -17.36 -24.03
C PRO B 302 18.89 -16.22 -23.10
N ALA B 303 18.40 -16.25 -21.87
CA ALA B 303 18.67 -15.14 -20.98
C ALA B 303 20.11 -15.21 -20.47
N ASP B 304 20.75 -14.06 -20.27
CA ASP B 304 22.14 -14.02 -19.79
C ASP B 304 22.31 -13.73 -18.30
N GLU B 325 25.42 -8.76 -37.44
CA GLU B 325 24.18 -8.11 -37.92
C GLU B 325 22.83 -8.23 -37.16
N ASP B 326 22.12 -7.11 -37.12
CA ASP B 326 20.72 -7.11 -36.68
C ASP B 326 19.87 -7.98 -37.56
N TYR B 327 18.71 -8.38 -37.04
CA TYR B 327 17.72 -9.12 -37.80
C TYR B 327 16.57 -8.17 -38.01
N ASN B 328 16.51 -7.64 -39.23
CA ASN B 328 15.52 -6.64 -39.56
C ASN B 328 14.87 -6.90 -40.91
N SER B 329 13.86 -6.11 -41.21
CA SER B 329 13.03 -6.37 -42.37
C SER B 329 13.78 -6.08 -43.65
N HIS B 330 14.86 -5.32 -43.57
CA HIS B 330 15.65 -5.04 -44.77
C HIS B 330 16.48 -6.27 -45.18
N ASN B 331 17.09 -6.95 -44.21
CA ASN B 331 17.98 -8.07 -44.52
C ASN B 331 17.40 -9.47 -44.37
N THR B 332 16.12 -9.60 -44.04
CA THR B 332 15.52 -10.93 -44.04
C THR B 332 15.11 -11.34 -45.47
N THR B 333 14.56 -12.53 -45.62
CA THR B 333 14.06 -12.99 -46.92
C THR B 333 13.11 -11.95 -47.52
N ARG B 334 13.43 -11.49 -48.72
CA ARG B 334 12.58 -10.53 -49.42
C ARG B 334 11.56 -11.26 -50.30
N LEU B 335 10.30 -10.87 -50.20
CA LEU B 335 9.24 -11.43 -51.03
C LEU B 335 9.13 -10.73 -52.36
N ASP B 336 8.83 -11.50 -53.39
CA ASP B 336 8.41 -10.93 -54.67
C ASP B 336 6.88 -10.88 -54.70
N VAL B 337 6.31 -10.34 -55.77
CA VAL B 337 4.87 -10.24 -55.87
C VAL B 337 4.15 -11.57 -55.73
N GLU B 338 4.71 -12.63 -56.31
CA GLU B 338 4.05 -13.93 -56.25
C GLU B 338 3.99 -14.49 -54.82
N GLY B 339 5.11 -14.35 -54.09
CA GLY B 339 5.18 -14.80 -52.71
C GLY B 339 4.31 -13.95 -51.81
N MSE B 340 4.26 -12.65 -52.09
CA MSE B 340 3.38 -11.75 -51.38
C MSE B 340 1.91 -12.10 -51.60
O MSE B 340 1.10 -12.01 -50.66
CB MSE B 340 3.65 -10.30 -51.79
CG MSE B 340 2.87 -9.25 -50.99
SE MSE B 340 3.49 -9.00 -49.17
CE MSE B 340 2.33 -10.24 -48.22
N LYS B 341 1.55 -12.48 -52.83
CA LYS B 341 0.17 -12.90 -53.13
C LYS B 341 -0.23 -14.14 -52.33
N GLN B 342 0.70 -15.09 -52.17
CA GLN B 342 0.41 -16.29 -51.38
C GLN B 342 0.17 -15.98 -49.91
N LEU B 343 0.91 -15.02 -49.36
CA LEU B 343 0.70 -14.58 -47.98
C LEU B 343 -0.63 -13.87 -47.78
N LEU B 344 -0.97 -12.97 -48.69
CA LEU B 344 -2.24 -12.27 -48.63
C LEU B 344 -3.41 -13.25 -48.66
N LEU B 345 -3.29 -14.29 -49.47
CA LEU B 345 -4.35 -15.29 -49.60
C LEU B 345 -4.54 -16.13 -48.34
N LYS B 346 -3.68 -15.94 -47.36
CA LYS B 346 -3.87 -16.58 -46.07
C LYS B 346 -4.87 -15.78 -45.19
N LEU B 347 -5.17 -14.55 -45.59
CA LEU B 347 -6.21 -13.75 -44.91
C LEU B 347 -7.60 -14.12 -45.41
N ASP B 348 -8.51 -14.50 -44.51
CA ASP B 348 -9.84 -14.91 -44.95
C ASP B 348 -10.63 -13.81 -45.65
N PHE B 349 -10.55 -12.58 -45.17
CA PHE B 349 -11.24 -11.50 -45.86
C PHE B 349 -10.71 -11.26 -47.27
N VAL B 350 -9.47 -11.61 -47.52
CA VAL B 350 -8.90 -11.44 -48.85
C VAL B 350 -9.26 -12.60 -49.78
N ARG B 351 -9.27 -13.82 -49.25
CA ARG B 351 -9.75 -14.95 -50.05
C ARG B 351 -11.19 -14.64 -50.48
N ALA B 352 -12.00 -14.15 -49.54
CA ALA B 352 -13.37 -13.78 -49.81
C ALA B 352 -13.50 -12.72 -50.91
N LEU B 353 -12.57 -11.75 -50.97
CA LEU B 353 -12.69 -10.71 -52.00
C LEU B 353 -12.46 -11.26 -53.40
N THR B 354 -11.64 -12.28 -53.53
CA THR B 354 -11.39 -12.82 -54.84
C THR B 354 -12.55 -13.67 -55.31
N ARG B 355 -13.56 -13.81 -54.45
CA ARG B 355 -14.77 -14.54 -54.82
C ARG B 355 -15.97 -13.60 -54.91
N GLY B 356 -15.74 -12.31 -54.68
CA GLY B 356 -16.80 -11.34 -54.68
C GLY B 356 -17.61 -11.35 -53.40
N GLU B 357 -17.04 -11.92 -52.33
CA GLU B 357 -17.64 -11.89 -51.01
C GLU B 357 -16.96 -10.84 -50.15
N TYR B 358 -17.71 -10.24 -49.23
CA TYR B 358 -17.17 -9.18 -48.36
C TYR B 358 -17.39 -9.48 -46.87
N ILE B 359 -16.28 -9.66 -46.15
CA ILE B 359 -16.27 -9.81 -44.68
C ILE B 359 -15.11 -8.98 -44.15
N SER B 360 -15.05 -8.75 -42.85
CA SER B 360 -14.04 -7.81 -42.32
C SER B 360 -12.66 -8.40 -42.02
N MSE C 20 -15.92 -32.57 16.73
CA MSE C 20 -15.02 -32.35 15.60
C MSE C 20 -13.79 -31.50 16.01
O MSE C 20 -12.89 -31.23 15.19
CB MSE C 20 -15.77 -31.73 14.38
CG MSE C 20 -14.96 -31.65 13.03
SE MSE C 20 -16.02 -31.64 11.34
CE MSE C 20 -14.74 -30.90 10.03
N PHE C 21 -13.72 -31.13 17.29
CA PHE C 21 -12.73 -30.15 17.76
C PHE C 21 -11.53 -30.76 18.47
N LYS C 22 -11.49 -32.08 18.64
CA LYS C 22 -10.42 -32.75 19.38
C LYS C 22 -9.01 -32.51 18.82
N ASP C 23 -8.14 -31.94 19.65
CA ASP C 23 -6.75 -31.63 19.32
C ASP C 23 -6.60 -30.63 18.18
N LYS C 24 -7.60 -29.79 18.01
CA LYS C 24 -7.63 -28.79 16.95
C LYS C 24 -7.43 -27.38 17.47
N VAL C 25 -7.11 -26.46 16.57
CA VAL C 25 -6.96 -25.06 16.94
C VAL C 25 -8.04 -24.22 16.25
N LEU C 26 -8.82 -23.51 17.07
CA LEU C 26 -9.91 -22.68 16.60
C LEU C 26 -9.56 -21.20 16.80
N LEU C 27 -9.78 -20.36 15.79
CA LEU C 27 -9.63 -18.91 15.95
C LEU C 27 -10.96 -18.19 15.73
N ILE C 28 -11.32 -17.27 16.62
CA ILE C 28 -12.54 -16.48 16.45
C ILE C 28 -12.18 -15.02 16.26
N THR C 29 -12.45 -14.43 15.10
CA THR C 29 -12.31 -12.98 14.93
C THR C 29 -13.51 -12.35 15.61
N GLY C 30 -13.30 -11.19 16.23
CA GLY C 30 -14.39 -10.58 16.98
C GLY C 30 -14.73 -11.47 18.15
N GLY C 31 -13.72 -12.12 18.69
CA GLY C 31 -13.96 -13.10 19.73
C GLY C 31 -14.40 -12.55 21.08
N THR C 32 -14.28 -11.23 21.27
CA THR C 32 -14.65 -10.62 22.54
C THR C 32 -16.12 -10.25 22.66
N GLY C 33 -16.86 -10.44 21.58
CA GLY C 33 -18.28 -10.15 21.56
C GLY C 33 -19.14 -11.26 22.16
N SER C 34 -20.46 -11.13 22.02
CA SER C 34 -21.38 -12.09 22.63
C SER C 34 -21.37 -13.50 22.00
N PHE C 35 -21.14 -13.60 20.71
CA PHE C 35 -20.99 -14.91 20.09
C PHE C 35 -19.73 -15.63 20.63
N GLY C 36 -18.59 -14.93 20.60
CA GLY C 36 -17.34 -15.48 21.11
C GLY C 36 -17.44 -16.02 22.53
N ASN C 37 -18.20 -15.34 23.39
CA ASN C 37 -18.39 -15.83 24.76
C ASN C 37 -19.19 -17.13 24.82
N ALA C 38 -20.24 -17.20 24.01
CA ALA C 38 -21.08 -18.36 23.94
C ALA C 38 -20.27 -19.57 23.43
N VAL C 39 -19.44 -19.36 22.43
CA VAL C 39 -18.57 -20.44 21.96
C VAL C 39 -17.54 -20.89 23.04
N LEU C 40 -16.94 -19.94 23.75
CA LEU C 40 -16.01 -20.29 24.82
C LEU C 40 -16.67 -21.11 25.94
N LYS C 41 -17.80 -20.63 26.46
CA LYS C 41 -18.52 -21.32 27.53
C LYS C 41 -18.82 -22.76 27.17
N ARG C 42 -18.97 -22.98 25.87
CA ARG C 42 -19.34 -24.29 25.36
C ARG C 42 -18.14 -25.20 25.12
N PHE C 43 -17.04 -24.65 24.60
CA PHE C 43 -15.96 -25.51 24.13
C PHE C 43 -14.66 -25.48 24.93
N LEU C 44 -14.53 -24.49 25.80
CA LEU C 44 -13.25 -24.26 26.48
C LEU C 44 -12.81 -25.48 27.29
N GLU C 45 -13.75 -26.12 27.98
CA GLU C 45 -13.40 -27.26 28.81
C GLU C 45 -13.62 -28.64 28.14
N THR C 46 -13.56 -28.65 26.80
CA THR C 46 -13.54 -29.90 26.03
C THR C 46 -12.12 -30.21 25.55
N ASP C 47 -12.00 -31.15 24.62
CA ASP C 47 -10.69 -31.63 24.18
C ASP C 47 -10.05 -30.81 23.06
N ILE C 48 -10.63 -29.64 22.79
CA ILE C 48 -10.06 -28.72 21.83
C ILE C 48 -8.70 -28.30 22.39
N LYS C 49 -7.72 -28.10 21.51
CA LYS C 49 -6.38 -27.75 21.96
C LYS C 49 -6.22 -26.29 22.39
N GLU C 50 -6.79 -25.39 21.60
CA GLU C 50 -6.49 -23.98 21.73
C GLU C 50 -7.65 -23.20 21.12
N ILE C 51 -8.05 -22.12 21.78
CA ILE C 51 -8.96 -21.17 21.14
C ILE C 51 -8.29 -19.81 21.05
N ARG C 52 -8.13 -19.29 19.84
CA ARG C 52 -7.55 -17.95 19.69
C ARG C 52 -8.63 -16.91 19.55
N ILE C 53 -8.57 -15.91 20.40
CA ILE C 53 -9.45 -14.77 20.30
C ILE C 53 -8.70 -13.64 19.59
N PHE C 54 -9.25 -13.18 18.47
CA PHE C 54 -8.59 -12.14 17.65
C PHE C 54 -9.45 -10.90 17.61
N SER C 55 -8.97 -9.82 18.21
CA SER C 55 -9.74 -8.57 18.22
C SER C 55 -8.80 -7.41 18.48
N ARG C 56 -9.35 -6.19 18.47
CA ARG C 56 -8.52 -4.98 18.57
C ARG C 56 -8.32 -4.47 20.00
N ASP C 57 -9.25 -4.82 20.91
CA ASP C 57 -9.34 -4.17 22.23
C ASP C 57 -8.68 -4.90 23.40
N GLU C 58 -7.60 -4.31 23.91
CA GLU C 58 -6.87 -4.95 24.98
C GLU C 58 -7.65 -5.08 26.31
N LYS C 59 -8.51 -4.11 26.60
CA LYS C 59 -9.35 -4.15 27.80
C LYS C 59 -10.29 -5.35 27.84
N LYS C 60 -11.06 -5.54 26.76
CA LYS C 60 -11.99 -6.65 26.70
C LYS C 60 -11.23 -7.96 26.78
N GLN C 61 -10.08 -8.03 26.11
CA GLN C 61 -9.30 -9.26 26.16
C GLN C 61 -8.78 -9.56 27.57
N ASP C 62 -8.37 -8.52 28.29
CA ASP C 62 -7.86 -8.76 29.63
C ASP C 62 -8.99 -9.25 30.54
N ASP C 63 -10.18 -8.67 30.38
CA ASP C 63 -11.34 -9.09 31.16
C ASP C 63 -11.67 -10.57 30.91
N MSE C 64 -11.75 -10.96 29.65
CA MSE C 64 -12.00 -12.36 29.32
C MSE C 64 -10.96 -13.28 29.97
O MSE C 64 -11.31 -14.24 30.64
CB MSE C 64 -11.99 -12.57 27.83
CG MSE C 64 -13.22 -12.12 27.11
SE MSE C 64 -13.10 -12.88 25.30
CE MSE C 64 -14.70 -13.96 25.31
N ARG C 65 -9.68 -12.94 29.76
CA ARG C 65 -8.59 -13.74 30.28
C ARG C 65 -8.81 -14.08 31.76
N LYS C 66 -9.18 -13.07 32.54
CA LYS C 66 -9.44 -13.23 33.97
C LYS C 66 -10.70 -14.03 34.23
N LYS C 67 -11.71 -13.81 33.40
CA LYS C 67 -13.00 -14.48 33.57
C LYS C 67 -12.91 -16.00 33.40
N TYR C 68 -12.23 -16.45 32.36
CA TYR C 68 -12.15 -17.87 32.06
C TYR C 68 -10.95 -18.60 32.65
N HIS C 69 -9.91 -17.83 33.01
CA HIS C 69 -8.64 -18.35 33.56
C HIS C 69 -8.25 -19.72 33.00
N SER C 70 -8.20 -19.82 31.68
CA SER C 70 -7.94 -21.10 31.04
C SER C 70 -6.67 -21.04 30.21
N ALA C 71 -5.87 -22.09 30.31
CA ALA C 71 -4.61 -22.14 29.60
C ALA C 71 -4.82 -22.39 28.12
N LYS C 72 -6.04 -22.80 27.75
CA LYS C 72 -6.39 -23.06 26.36
C LYS C 72 -6.71 -21.80 25.59
N LEU C 73 -6.86 -20.71 26.32
CA LEU C 73 -7.35 -19.48 25.73
C LEU C 73 -6.19 -18.55 25.43
N LYS C 74 -5.90 -18.37 24.15
CA LYS C 74 -4.80 -17.52 23.72
C LYS C 74 -5.33 -16.24 23.09
N PHE C 75 -4.72 -15.12 23.40
CA PHE C 75 -5.20 -13.83 22.87
C PHE C 75 -4.26 -13.19 21.85
N TYR C 76 -4.85 -12.75 20.75
CA TYR C 76 -4.12 -12.01 19.71
C TYR C 76 -4.74 -10.64 19.46
N ILE C 77 -3.95 -9.59 19.63
CA ILE C 77 -4.35 -8.24 19.24
C ILE C 77 -4.18 -8.04 17.74
N GLY C 78 -5.22 -7.53 17.09
CA GLY C 78 -5.15 -7.29 15.67
C GLY C 78 -6.44 -6.78 15.08
N ASP C 79 -6.39 -6.38 13.83
CA ASP C 79 -7.53 -5.82 13.15
C ASP C 79 -7.70 -6.62 11.88
N VAL C 80 -8.92 -7.05 11.59
CA VAL C 80 -9.18 -7.76 10.35
C VAL C 80 -8.88 -6.90 9.12
N ARG C 81 -8.82 -5.58 9.27
CA ARG C 81 -8.42 -4.69 8.17
C ARG C 81 -6.96 -4.79 7.81
N ASP C 82 -6.20 -5.47 8.66
CA ASP C 82 -4.75 -5.58 8.51
C ASP C 82 -4.42 -7.02 8.10
N TYR C 83 -4.16 -7.20 6.82
CA TYR C 83 -3.88 -8.52 6.30
C TYR C 83 -2.71 -9.20 7.04
N ASN C 84 -1.59 -8.50 7.21
CA ASN C 84 -0.45 -9.12 7.90
C ASN C 84 -0.80 -9.59 9.29
N SER C 85 -1.59 -8.80 10.02
CA SER C 85 -2.00 -9.14 11.37
C SER C 85 -2.77 -10.48 11.41
N ILE C 86 -3.77 -10.61 10.55
CA ILE C 86 -4.56 -11.82 10.56
C ILE C 86 -3.84 -13.02 9.96
N LEU C 87 -2.96 -12.76 8.99
CA LEU C 87 -2.14 -13.82 8.37
C LEU C 87 -1.30 -14.49 9.43
N ASN C 88 -0.78 -13.64 10.29
CA ASN C 88 0.10 -14.05 11.33
C ASN C 88 -0.64 -14.80 12.45
N ALA C 89 -1.86 -14.37 12.75
CA ALA C 89 -2.65 -14.98 13.82
C ALA C 89 -3.26 -16.32 13.43
N THR C 90 -3.31 -16.60 12.13
CA THR C 90 -3.97 -17.84 11.70
C THR C 90 -3.01 -18.94 11.27
N ARG C 91 -1.70 -18.75 11.49
CA ARG C 91 -0.73 -19.81 11.26
C ARG C 91 -0.97 -20.93 12.25
N GLY C 92 -1.17 -22.15 11.76
CA GLY C 92 -1.40 -23.31 12.62
C GLY C 92 -2.85 -23.43 13.08
N VAL C 93 -3.73 -22.66 12.46
CA VAL C 93 -5.13 -22.67 12.82
C VAL C 93 -5.86 -23.64 11.92
N ASP C 94 -6.75 -24.44 12.50
CA ASP C 94 -7.55 -25.39 11.71
C ASP C 94 -8.86 -24.78 11.27
N TYR C 95 -9.52 -24.05 12.17
CA TYR C 95 -10.85 -23.55 11.90
C TYR C 95 -10.99 -22.10 12.33
N ILE C 96 -11.77 -21.32 11.58
CA ILE C 96 -12.02 -19.92 11.92
C ILE C 96 -13.53 -19.64 11.95
N TYR C 97 -13.99 -19.07 13.06
CA TYR C 97 -15.31 -18.45 13.11
C TYR C 97 -15.09 -16.95 12.96
N HIS C 98 -15.55 -16.41 11.85
CA HIS C 98 -15.37 -15.00 11.54
C HIS C 98 -16.57 -14.18 12.01
N ALA C 99 -16.42 -13.49 13.12
CA ALA C 99 -17.54 -12.75 13.71
C ALA C 99 -17.25 -11.28 13.92
N ALA C 100 -16.08 -10.82 13.48
CA ALA C 100 -15.72 -9.41 13.56
C ALA C 100 -16.55 -8.55 12.61
N ALA C 101 -17.31 -7.61 13.14
CA ALA C 101 -18.04 -6.66 12.30
C ALA C 101 -18.33 -5.36 13.02
N LEU C 102 -18.69 -4.34 12.24
CA LEU C 102 -19.38 -3.17 12.75
C LEU C 102 -20.87 -3.41 12.53
N LYS C 103 -21.64 -3.38 13.60
CA LYS C 103 -23.01 -3.85 13.46
C LYS C 103 -24.08 -2.83 13.82
N GLN C 104 -23.69 -1.67 14.35
CA GLN C 104 -24.67 -0.63 14.70
C GLN C 104 -25.12 0.28 13.55
N VAL C 105 -26.42 0.49 13.45
CA VAL C 105 -27.03 1.20 12.32
C VAL C 105 -26.67 2.70 12.21
N PRO C 106 -26.77 3.47 13.30
CA PRO C 106 -26.44 4.90 13.16
C PRO C 106 -24.98 5.13 12.79
N SER C 107 -24.13 4.33 13.42
CA SER C 107 -22.69 4.38 13.25
C SER C 107 -22.26 4.15 11.78
N CYS C 108 -22.82 3.13 11.15
CA CYS C 108 -22.55 2.84 9.74
C CYS C 108 -23.13 3.91 8.80
N GLU C 109 -24.24 4.55 9.18
CA GLU C 109 -24.82 5.58 8.33
C GLU C 109 -23.92 6.80 8.21
N PHE C 110 -23.23 7.17 9.29
CA PHE C 110 -22.38 8.36 9.22
C PHE C 110 -20.96 8.06 8.77
N HIS C 111 -20.59 6.79 8.81
CA HIS C 111 -19.27 6.37 8.36
C HIS C 111 -19.38 5.12 7.52
N PRO C 112 -20.08 5.20 6.39
CA PRO C 112 -20.29 3.97 5.61
C PRO C 112 -18.98 3.35 5.16
N MSE C 113 -17.96 4.17 4.89
CA MSE C 113 -16.62 3.65 4.58
C MSE C 113 -16.03 2.75 5.66
O MSE C 113 -15.31 1.82 5.36
CB MSE C 113 -15.63 4.75 4.23
CG MSE C 113 -15.72 5.25 2.78
SE MSE C 113 -15.45 3.85 1.43
CE MSE C 113 -14.00 2.85 2.24
N GLU C 114 -16.33 3.05 6.92
CA GLU C 114 -15.83 2.22 8.01
C GLU C 114 -16.54 0.87 7.98
N ALA C 115 -17.82 0.86 7.69
CA ALA C 115 -18.55 -0.40 7.50
C ALA C 115 -17.98 -1.18 6.32
N VAL C 116 -17.69 -0.50 5.22
CA VAL C 116 -17.11 -1.17 4.09
C VAL C 116 -15.72 -1.71 4.43
N LYS C 117 -14.90 -0.86 5.05
CA LYS C 117 -13.56 -1.30 5.39
C LYS C 117 -13.54 -2.51 6.31
N THR C 118 -14.38 -2.51 7.33
CA THR C 118 -14.40 -3.65 8.26
C THR C 118 -15.20 -4.85 7.72
N ASN C 119 -16.45 -4.64 7.34
CA ASN C 119 -17.32 -5.77 6.98
C ASN C 119 -16.96 -6.43 5.63
N VAL C 120 -16.56 -5.65 4.65
CA VAL C 120 -16.26 -6.19 3.33
C VAL C 120 -14.77 -6.49 3.12
N LEU C 121 -13.92 -5.48 3.23
CA LEU C 121 -12.47 -5.65 3.02
C LEU C 121 -11.86 -6.50 4.14
N GLY C 122 -12.38 -6.36 5.34
CA GLY C 122 -11.95 -7.17 6.46
C GLY C 122 -12.23 -8.64 6.26
N THR C 123 -13.45 -8.96 5.81
CA THR C 123 -13.82 -10.34 5.44
C THR C 123 -12.92 -10.88 4.32
N GLU C 124 -12.68 -10.10 3.28
CA GLU C 124 -11.73 -10.50 2.25
C GLU C 124 -10.34 -10.84 2.83
N ASN C 125 -9.85 -10.04 3.79
CA ASN C 125 -8.55 -10.34 4.42
C ASN C 125 -8.50 -11.63 5.19
N VAL C 126 -9.53 -11.84 6.00
CA VAL C 126 -9.64 -13.06 6.76
C VAL C 126 -9.70 -14.27 5.85
N LEU C 127 -10.48 -14.22 4.77
CA LEU C 127 -10.57 -15.36 3.86
C LEU C 127 -9.24 -15.59 3.12
N GLU C 128 -8.59 -14.54 2.69
CA GLU C 128 -7.32 -14.73 2.01
C GLU C 128 -6.26 -15.30 2.99
N ALA C 129 -6.22 -14.77 4.21
CA ALA C 129 -5.33 -15.33 5.21
C ALA C 129 -5.62 -16.82 5.44
N ALA C 130 -6.90 -17.16 5.52
CA ALA C 130 -7.26 -18.55 5.74
C ALA C 130 -6.71 -19.44 4.61
N ILE C 131 -6.86 -18.97 3.38
CA ILE C 131 -6.34 -19.71 2.25
C ILE C 131 -4.81 -19.82 2.28
N GLN C 132 -4.10 -18.72 2.50
CA GLN C 132 -2.64 -18.79 2.55
C GLN C 132 -2.11 -19.73 3.64
N ASN C 133 -2.75 -19.75 4.80
CA ASN C 133 -2.31 -20.59 5.89
C ASN C 133 -2.94 -21.99 5.91
N HIS C 134 -3.69 -22.30 4.86
CA HIS C 134 -4.28 -23.62 4.70
C HIS C 134 -5.23 -24.01 5.81
N VAL C 135 -5.99 -23.03 6.30
CA VAL C 135 -7.04 -23.29 7.26
C VAL C 135 -8.11 -24.20 6.63
N LYS C 136 -8.61 -25.17 7.39
CA LYS C 136 -9.51 -26.15 6.82
C LYS C 136 -10.94 -25.64 6.63
N ARG C 137 -11.49 -24.95 7.61
CA ARG C 137 -12.85 -24.43 7.48
C ARG C 137 -12.97 -23.04 8.05
N VAL C 138 -13.76 -22.21 7.37
CA VAL C 138 -14.11 -20.89 7.83
C VAL C 138 -15.61 -20.77 7.79
N VAL C 139 -16.23 -20.35 8.89
CA VAL C 139 -17.65 -20.00 8.86
C VAL C 139 -17.82 -18.50 9.10
N CYS C 140 -18.48 -17.81 8.16
CA CYS C 140 -18.73 -16.37 8.33
C CYS C 140 -20.13 -16.10 8.87
N LEU C 141 -20.20 -15.27 9.89
CA LEU C 141 -21.48 -14.92 10.50
C LEU C 141 -22.09 -13.69 9.83
N SER C 142 -23.35 -13.79 9.45
CA SER C 142 -24.05 -12.67 8.85
C SER C 142 -25.38 -12.45 9.57
N THR C 143 -26.16 -11.48 9.10
CA THR C 143 -27.36 -11.06 9.81
C THR C 143 -28.58 -11.01 8.91
N ASP C 144 -29.77 -11.03 9.51
CA ASP C 144 -31.00 -10.91 8.74
C ASP C 144 -31.09 -9.55 8.03
N LYS C 145 -30.35 -8.57 8.56
CA LYS C 145 -30.33 -7.22 8.00
C LYS C 145 -29.69 -7.17 6.62
N ALA C 146 -29.06 -8.27 6.22
CA ALA C 146 -28.48 -8.39 4.89
C ALA C 146 -29.52 -8.74 3.83
N VAL C 147 -30.68 -9.23 4.26
CA VAL C 147 -31.75 -9.61 3.34
C VAL C 147 -32.59 -8.37 3.11
N TYR C 148 -32.74 -7.97 1.85
CA TYR C 148 -33.44 -6.72 1.54
C TYR C 148 -32.86 -5.52 2.30
N PRO C 149 -31.56 -5.25 2.12
CA PRO C 149 -30.94 -4.21 2.94
C PRO C 149 -31.42 -2.79 2.60
N ILE C 150 -31.62 -1.94 3.61
CA ILE C 150 -32.08 -0.58 3.36
C ILE C 150 -31.21 0.51 3.96
N ASN C 151 -30.25 0.13 4.81
CA ASN C 151 -29.31 1.11 5.37
C ASN C 151 -27.89 0.59 5.28
N ALA C 152 -26.93 1.48 5.51
CA ALA C 152 -25.52 1.17 5.25
C ALA C 152 -24.97 -0.04 6.01
N MSE C 153 -25.48 -0.31 7.22
CA MSE C 153 -25.03 -1.50 7.95
C MSE C 153 -25.49 -2.75 7.21
O MSE C 153 -24.69 -3.66 6.97
CB MSE C 153 -25.52 -1.50 9.41
CG MSE C 153 -24.93 -2.64 10.26
SE MSE C 153 -25.82 -4.41 10.14
CE MSE C 153 -27.39 -3.94 11.23
N GLY C 154 -26.77 -2.80 6.83
CA GLY C 154 -27.30 -3.95 6.14
C GLY C 154 -26.70 -4.10 4.76
N ILE C 155 -26.64 -3.01 4.03
CA ILE C 155 -26.01 -3.03 2.72
C ILE C 155 -24.61 -3.63 2.79
N SER C 156 -23.81 -3.25 3.79
CA SER C 156 -22.44 -3.75 3.88
C SER C 156 -22.38 -5.24 4.23
N LYS C 157 -23.34 -5.70 5.02
CA LYS C 157 -23.38 -7.11 5.35
C LYS C 157 -23.82 -7.93 4.13
N ALA C 158 -24.70 -7.38 3.31
CA ALA C 158 -25.08 -8.05 2.07
C ALA C 158 -23.85 -8.19 1.17
N MSE C 159 -23.03 -7.14 1.08
CA MSE C 159 -21.83 -7.16 0.25
C MSE C 159 -20.87 -8.28 0.73
O MSE C 159 -20.36 -9.07 -0.08
CB MSE C 159 -21.11 -5.79 0.20
CG MSE C 159 -21.12 -5.09 -1.19
SE MSE C 159 -20.93 -6.31 -2.77
CE MSE C 159 -21.39 -5.14 -4.19
N MSE C 160 -20.67 -8.35 2.04
CA MSE C 160 -19.82 -9.39 2.61
C MSE C 160 -20.21 -10.81 2.21
O MSE C 160 -19.33 -11.64 1.92
CB MSE C 160 -19.77 -9.30 4.13
CG MSE C 160 -19.19 -10.60 4.68
SE MSE C 160 -19.89 -11.18 6.34
CE MSE C 160 -19.44 -9.52 7.29
N GLU C 161 -21.50 -11.12 2.20
CA GLU C 161 -21.94 -12.46 1.77
C GLU C 161 -21.56 -12.71 0.31
N LYS C 162 -21.82 -11.74 -0.56
CA LYS C 162 -21.44 -11.84 -1.98
C LYS C 162 -19.94 -12.07 -2.11
N VAL C 163 -19.15 -11.34 -1.32
CA VAL C 163 -17.70 -11.48 -1.36
C VAL C 163 -17.24 -12.85 -0.85
N MSE C 164 -17.81 -13.28 0.28
CA MSE C 164 -17.55 -14.63 0.79
C MSE C 164 -17.90 -15.68 -0.25
O MSE C 164 -17.06 -16.51 -0.57
CB MSE C 164 -18.30 -14.87 2.11
CG MSE C 164 -18.10 -16.28 2.66
SE MSE C 164 -19.45 -17.61 2.09
CE MSE C 164 -20.81 -16.78 3.24
N VAL C 165 -19.10 -15.62 -0.84
CA VAL C 165 -19.45 -16.59 -1.87
C VAL C 165 -18.49 -16.58 -3.09
N ALA C 166 -18.14 -15.40 -3.58
CA ALA C 166 -17.23 -15.30 -4.73
C ALA C 166 -15.84 -15.84 -4.43
N LYS C 167 -15.35 -15.62 -3.22
CA LYS C 167 -14.05 -16.13 -2.81
C LYS C 167 -14.08 -17.66 -2.65
N SER C 168 -15.26 -18.20 -2.38
CA SER C 168 -15.41 -19.64 -2.12
C SER C 168 -15.25 -20.50 -3.37
N ARG C 169 -15.13 -19.84 -4.52
CA ARG C 169 -14.83 -20.51 -5.79
C ARG C 169 -13.32 -20.65 -6.03
N ASN C 170 -12.96 -21.68 -6.77
CA ASN C 170 -11.56 -21.97 -7.12
C ASN C 170 -10.73 -22.61 -6.02
N LEU C 171 -11.38 -23.01 -4.93
CA LEU C 171 -10.69 -23.63 -3.81
C LEU C 171 -10.74 -25.15 -3.98
N GLU C 172 -11.03 -25.58 -5.20
CA GLU C 172 -11.27 -26.97 -5.52
C GLU C 172 -10.02 -27.80 -5.26
N GLY C 173 -8.87 -27.28 -5.71
CA GLY C 173 -7.58 -27.89 -5.44
C GLY C 173 -7.20 -27.80 -3.99
N LEU C 174 -7.46 -26.66 -3.38
CA LEU C 174 -7.07 -26.40 -2.00
C LEU C 174 -7.92 -27.14 -0.99
N ASP C 175 -7.43 -27.27 0.23
CA ASP C 175 -8.21 -27.96 1.24
C ASP C 175 -8.79 -26.97 2.25
N THR C 176 -9.49 -25.95 1.74
CA THR C 176 -10.20 -24.97 2.57
C THR C 176 -11.65 -24.90 2.12
N VAL C 177 -12.57 -24.94 3.07
CA VAL C 177 -13.99 -24.75 2.79
C VAL C 177 -14.47 -23.48 3.49
N ILE C 178 -15.20 -22.64 2.76
CA ILE C 178 -15.70 -21.38 3.29
C ILE C 178 -17.21 -21.37 3.15
N CYS C 179 -17.94 -21.07 4.23
CA CYS C 179 -19.38 -20.95 4.11
C CYS C 179 -19.92 -19.98 5.14
N GLY C 180 -21.24 -19.75 5.15
CA GLY C 180 -21.75 -18.72 6.02
C GLY C 180 -23.00 -19.10 6.76
N THR C 181 -23.33 -18.33 7.79
CA THR C 181 -24.58 -18.52 8.49
C THR C 181 -25.25 -17.17 8.58
N ARG C 182 -26.56 -17.16 8.67
CA ARG C 182 -27.24 -15.89 8.80
C ARG C 182 -28.25 -16.04 9.94
N TYR C 183 -28.22 -15.13 10.90
CA TYR C 183 -29.29 -15.14 11.91
C TYR C 183 -29.62 -13.74 12.45
N GLY C 184 -30.77 -13.62 13.07
CA GLY C 184 -31.22 -12.33 13.57
C GLY C 184 -30.86 -12.17 15.02
N ASN C 185 -31.47 -11.20 15.69
CA ASN C 185 -31.20 -10.99 17.11
C ASN C 185 -31.54 -12.24 17.94
N VAL C 186 -30.71 -12.53 18.93
CA VAL C 186 -30.98 -13.67 19.80
C VAL C 186 -31.66 -13.18 21.08
N MSE C 187 -32.37 -14.09 21.74
CA MSE C 187 -33.10 -13.76 22.94
C MSE C 187 -32.16 -13.39 24.09
O MSE C 187 -31.11 -14.02 24.28
CB MSE C 187 -34.01 -14.90 23.35
CG MSE C 187 -35.35 -14.92 22.61
SE MSE C 187 -36.44 -16.43 23.16
CE MSE C 187 -35.42 -17.80 22.33
N ALA C 188 -32.56 -12.36 24.84
CA ALA C 188 -31.84 -11.89 26.03
C ALA C 188 -30.43 -11.39 25.73
N SER C 189 -30.22 -10.88 24.52
CA SER C 189 -28.96 -10.20 24.19
C SER C 189 -29.00 -8.80 24.81
N ARG C 190 -27.86 -8.10 24.79
CA ARG C 190 -27.73 -6.77 25.38
C ARG C 190 -28.77 -5.82 24.77
N GLY C 191 -29.00 -4.69 25.44
CA GLY C 191 -30.03 -3.72 25.10
C GLY C 191 -31.28 -4.14 24.33
N SER C 192 -31.68 -5.41 24.45
CA SER C 192 -32.89 -5.91 23.79
C SER C 192 -34.14 -5.92 24.70
N VAL C 193 -35.24 -6.41 24.16
CA VAL C 193 -36.56 -6.33 24.79
C VAL C 193 -36.72 -7.09 26.13
N ILE C 194 -36.30 -8.35 26.17
CA ILE C 194 -36.47 -9.19 27.37
C ILE C 194 -35.80 -8.66 28.65
N PRO C 195 -34.49 -8.34 28.59
CA PRO C 195 -33.91 -7.78 29.82
C PRO C 195 -34.48 -6.40 30.16
N LEU C 196 -34.95 -5.66 29.15
CA LEU C 196 -35.67 -4.40 29.43
C LEU C 196 -37.01 -4.65 30.18
N PHE C 197 -37.79 -5.62 29.71
CA PHE C 197 -39.06 -5.99 30.35
C PHE C 197 -38.81 -6.54 31.75
N VAL C 198 -37.84 -7.43 31.87
CA VAL C 198 -37.50 -8.01 33.15
C VAL C 198 -37.10 -6.93 34.14
N ASP C 199 -36.26 -5.99 33.70
CA ASP C 199 -35.88 -4.91 34.59
C ASP C 199 -37.04 -4.02 34.98
N GLN C 200 -37.89 -3.68 34.02
CA GLN C 200 -39.01 -2.78 34.29
C GLN C 200 -39.99 -3.39 35.27
N ILE C 201 -40.13 -4.71 35.21
CA ILE C 201 -41.00 -5.41 36.15
C ILE C 201 -40.43 -5.35 37.58
N ARG C 202 -39.14 -5.63 37.74
CA ARG C 202 -38.46 -5.57 39.04
C ARG C 202 -38.56 -4.21 39.70
N GLN C 203 -38.61 -3.15 38.89
CA GLN C 203 -38.77 -1.80 39.44
C GLN C 203 -40.20 -1.29 39.39
N GLY C 204 -41.14 -2.18 39.10
CA GLY C 204 -42.56 -1.85 39.14
C GLY C 204 -43.02 -0.83 38.10
N LYS C 205 -42.16 -0.57 37.12
CA LYS C 205 -42.45 0.40 36.09
C LYS C 205 -43.22 -0.30 34.97
N PRO C 206 -44.12 0.44 34.29
CA PRO C 206 -44.79 -0.23 33.16
C PRO C 206 -43.86 -0.57 32.01
N LEU C 207 -44.19 -1.64 31.29
CA LEU C 207 -43.42 -2.10 30.15
C LEU C 207 -43.61 -1.13 29.00
N THR C 208 -42.49 -0.74 28.41
CA THR C 208 -42.52 0.13 27.24
C THR C 208 -42.59 -0.70 25.95
N ILE C 209 -43.73 -0.66 25.25
CA ILE C 209 -43.88 -1.36 23.98
C ILE C 209 -44.12 -0.39 22.81
N THR C 210 -43.30 -0.49 21.78
CA THR C 210 -43.48 0.31 20.56
C THR C 210 -44.68 -0.14 19.72
N ASP C 211 -44.55 -1.31 19.11
CA ASP C 211 -45.63 -1.87 18.30
C ASP C 211 -45.90 -3.33 18.73
N PRO C 212 -47.06 -3.55 19.36
CA PRO C 212 -47.42 -4.87 19.91
C PRO C 212 -47.49 -5.97 18.87
N ASN C 213 -47.79 -5.61 17.62
CA ASN C 213 -47.97 -6.62 16.60
C ASN C 213 -46.71 -6.93 15.81
N MSE C 214 -45.65 -6.21 16.12
CA MSE C 214 -44.37 -6.47 15.49
C MSE C 214 -43.89 -7.88 15.84
O MSE C 214 -43.82 -8.25 17.02
CB MSE C 214 -43.37 -5.43 15.99
CG MSE C 214 -41.93 -5.79 15.72
SE MSE C 214 -40.82 -4.53 16.68
CE MSE C 214 -41.50 -2.90 15.85
N THR C 215 -43.59 -8.67 14.82
CA THR C 215 -43.09 -10.03 15.02
C THR C 215 -41.57 -10.13 14.90
N ARG C 216 -40.98 -11.00 15.71
CA ARG C 216 -39.54 -11.26 15.64
C ARG C 216 -39.32 -12.77 15.73
N PHE C 217 -38.28 -13.26 15.08
CA PHE C 217 -37.90 -14.66 15.27
C PHE C 217 -37.45 -14.88 16.71
N MSE C 218 -37.77 -16.05 17.24
CA MSE C 218 -37.38 -16.39 18.60
C MSE C 218 -36.34 -17.50 18.63
O MSE C 218 -36.58 -18.63 18.19
CB MSE C 218 -38.62 -16.70 19.46
CG MSE C 218 -39.56 -15.51 19.61
SE MSE C 218 -38.73 -14.01 20.53
CE MSE C 218 -39.85 -12.55 19.86
N MSE C 219 -35.17 -17.18 19.17
CA MSE C 219 -34.00 -18.01 19.04
C MSE C 219 -32.98 -17.63 20.10
O MSE C 219 -32.66 -16.45 20.26
CB MSE C 219 -33.46 -17.73 17.65
CG MSE C 219 -32.55 -18.73 17.07
SE MSE C 219 -31.44 -17.66 15.93
CE MSE C 219 -30.06 -18.99 15.73
N THR C 220 -32.49 -18.62 20.88
CA THR C 220 -31.54 -18.37 21.96
C THR C 220 -30.08 -18.27 21.48
N LEU C 221 -29.19 -17.92 22.39
CA LEU C 221 -27.78 -17.85 22.06
C LEU C 221 -27.23 -19.25 21.76
N GLU C 222 -27.77 -20.25 22.46
CA GLU C 222 -27.36 -21.63 22.24
C GLU C 222 -27.73 -22.10 20.87
N ASP C 223 -28.88 -21.63 20.37
CA ASP C 223 -29.33 -22.00 19.04
C ASP C 223 -28.37 -21.48 17.98
N ALA C 224 -27.91 -20.25 18.17
CA ALA C 224 -26.96 -19.67 17.24
C ALA C 224 -25.65 -20.45 17.20
N VAL C 225 -25.18 -20.88 18.36
CA VAL C 225 -23.96 -21.67 18.41
C VAL C 225 -24.12 -22.99 17.64
N ASP C 226 -25.28 -23.63 17.80
CA ASP C 226 -25.59 -24.87 17.08
C ASP C 226 -25.61 -24.63 15.60
N LEU C 227 -26.21 -23.51 15.19
CA LEU C 227 -26.25 -23.09 13.78
C LEU C 227 -24.83 -22.94 13.22
N VAL C 228 -23.93 -22.32 13.98
CA VAL C 228 -22.54 -22.21 13.54
C VAL C 228 -21.85 -23.56 13.48
N LEU C 229 -22.08 -24.39 14.51
CA LEU C 229 -21.57 -25.76 14.51
C LEU C 229 -22.12 -26.59 13.37
N TYR C 230 -23.37 -26.35 13.00
CA TYR C 230 -23.98 -27.12 11.94
C TYR C 230 -23.31 -26.79 10.62
N ALA C 231 -23.18 -25.49 10.36
CA ALA C 231 -22.55 -24.97 9.16
C ALA C 231 -21.13 -25.47 9.12
N PHE C 232 -20.52 -25.55 10.29
CA PHE C 232 -19.18 -26.04 10.40
C PHE C 232 -19.05 -27.51 9.97
N GLU C 233 -20.01 -28.35 10.34
CA GLU C 233 -19.97 -29.77 9.97
C GLU C 233 -20.39 -30.05 8.53
N HIS C 234 -21.38 -29.31 8.02
CA HIS C 234 -22.11 -29.67 6.79
C HIS C 234 -21.85 -28.84 5.56
N GLY C 235 -21.20 -27.69 5.73
CA GLY C 235 -21.10 -26.75 4.63
C GLY C 235 -20.25 -27.19 3.46
N GLU C 236 -20.69 -26.82 2.26
CA GLU C 236 -19.83 -26.88 1.10
C GLU C 236 -19.52 -25.42 0.74
N ASN C 237 -18.50 -25.20 -0.06
CA ASN C 237 -18.10 -23.84 -0.43
C ASN C 237 -19.27 -22.96 -0.88
N GLY C 238 -19.41 -21.80 -0.24
CA GLY C 238 -20.40 -20.81 -0.66
C GLY C 238 -21.79 -20.98 -0.10
N ASP C 239 -21.96 -22.00 0.73
CA ASP C 239 -23.23 -22.29 1.39
C ASP C 239 -23.51 -21.21 2.40
N ILE C 240 -24.78 -20.85 2.51
CA ILE C 240 -25.25 -20.01 3.59
C ILE C 240 -26.34 -20.79 4.31
N PHE C 241 -26.19 -21.00 5.62
CA PHE C 241 -27.18 -21.76 6.37
C PHE C 241 -28.04 -20.82 7.16
N VAL C 242 -29.32 -21.14 7.24
CA VAL C 242 -30.23 -20.38 8.05
C VAL C 242 -30.94 -21.40 8.93
N GLN C 243 -31.12 -21.08 10.21
CA GLN C 243 -31.83 -21.97 11.11
C GLN C 243 -33.30 -21.56 11.14
N LYS C 244 -34.17 -22.55 10.96
CA LYS C 244 -35.60 -22.31 11.06
C LYS C 244 -35.95 -21.93 12.48
N ALA C 245 -36.74 -20.89 12.65
CA ALA C 245 -37.16 -20.47 13.98
C ALA C 245 -38.59 -20.00 13.92
N PRO C 246 -39.34 -20.24 15.00
CA PRO C 246 -40.72 -19.78 15.09
C PRO C 246 -40.69 -18.28 15.37
N ALA C 247 -41.81 -17.58 15.24
CA ALA C 247 -41.78 -16.18 15.59
C ALA C 247 -42.88 -15.83 16.55
N ALA C 248 -42.81 -14.63 17.09
CA ALA C 248 -43.87 -14.16 17.96
C ALA C 248 -43.96 -12.64 17.94
N THR C 249 -45.15 -12.15 18.26
CA THR C 249 -45.40 -10.72 18.45
C THR C 249 -44.85 -10.30 19.81
N ILE C 250 -44.57 -9.00 19.95
CA ILE C 250 -44.15 -8.45 21.24
C ILE C 250 -45.30 -8.57 22.25
N ALA C 251 -46.52 -8.48 21.76
CA ALA C 251 -47.69 -8.69 22.59
C ALA C 251 -47.58 -10.05 23.28
N VAL C 252 -47.45 -11.10 22.49
CA VAL C 252 -47.33 -12.46 23.03
C VAL C 252 -46.09 -12.61 23.90
N LEU C 253 -44.99 -11.95 23.52
CA LEU C 253 -43.79 -11.98 24.34
C LEU C 253 -44.03 -11.38 25.73
N ALA C 254 -44.66 -10.22 25.77
CA ALA C 254 -44.96 -9.58 27.04
C ALA C 254 -45.90 -10.43 27.90
N GLU C 255 -46.93 -10.99 27.28
CA GLU C 255 -47.86 -11.81 28.06
C GLU C 255 -47.21 -13.07 28.63
N ALA C 256 -46.43 -13.77 27.82
CA ALA C 256 -45.80 -14.98 28.29
C ALA C 256 -44.83 -14.68 29.43
N LEU C 257 -44.15 -13.54 29.33
CA LEU C 257 -43.17 -13.15 30.35
C LEU C 257 -43.86 -12.68 31.62
N LYS C 258 -44.98 -11.96 31.47
CA LYS C 258 -45.71 -11.50 32.65
C LYS C 258 -46.26 -12.67 33.46
N GLN C 259 -46.63 -13.74 32.77
CA GLN C 259 -47.15 -14.94 33.43
C GLN C 259 -46.06 -15.74 34.13
N LEU C 260 -44.93 -15.92 33.48
CA LEU C 260 -43.81 -16.61 34.12
C LEU C 260 -43.29 -15.89 35.39
N LEU C 261 -43.31 -14.56 35.38
CA LEU C 261 -42.79 -13.77 36.50
C LEU C 261 -43.87 -13.42 37.52
N ASN C 262 -45.06 -13.94 37.28
CA ASN C 262 -46.21 -13.74 38.16
C ASN C 262 -46.65 -12.29 38.34
N VAL C 263 -46.72 -11.54 37.25
CA VAL C 263 -47.26 -10.17 37.26
C VAL C 263 -48.22 -9.99 36.10
N GLU C 264 -49.20 -10.89 36.02
CA GLU C 264 -50.17 -10.93 34.94
C GLU C 264 -50.95 -9.62 34.80
N ASP C 265 -51.02 -8.88 35.89
CA ASP C 265 -51.71 -7.59 35.92
C ASP C 265 -50.66 -6.50 35.99
N HIS C 266 -49.93 -6.30 34.91
CA HIS C 266 -48.84 -5.35 34.93
C HIS C 266 -48.96 -4.38 33.78
N PRO C 267 -48.97 -3.08 34.11
CA PRO C 267 -49.22 -2.01 33.14
C PRO C 267 -48.31 -2.09 31.91
N ILE C 268 -48.85 -1.64 30.78
CA ILE C 268 -48.10 -1.60 29.53
C ILE C 268 -48.39 -0.27 28.83
N SER C 269 -47.32 0.41 28.44
CA SER C 269 -47.43 1.70 27.76
C SER C 269 -47.11 1.56 26.27
N ILE C 270 -48.10 1.86 25.42
CA ILE C 270 -47.91 1.80 23.98
C ILE C 270 -47.41 3.15 23.44
N MSE C 271 -46.13 3.21 23.07
CA MSE C 271 -45.49 4.45 22.65
C MSE C 271 -45.88 4.82 21.22
O MSE C 271 -46.26 5.96 20.92
CB MSE C 271 -43.96 4.35 22.75
CG MSE C 271 -43.42 3.78 24.07
SE MSE C 271 -44.11 4.63 25.70
CE MSE C 271 -42.41 5.03 26.58
N GLY C 272 -45.80 3.82 20.34
CA GLY C 272 -46.04 4.02 18.92
C GLY C 272 -44.91 3.35 18.15
N THR C 273 -45.15 3.07 16.87
CA THR C 273 -44.14 2.46 16.02
C THR C 273 -42.89 3.34 15.93
N ARG C 274 -41.73 2.73 16.18
CA ARG C 274 -40.47 3.45 16.25
C ARG C 274 -39.87 3.69 14.85
N HIS C 275 -39.05 4.73 14.70
CA HIS C 275 -38.36 5.03 13.44
C HIS C 275 -37.33 3.98 13.07
N GLY C 276 -37.42 3.47 11.85
CA GLY C 276 -36.43 2.56 11.29
C GLY C 276 -36.53 1.16 11.87
N GLU C 277 -37.67 0.86 12.47
CA GLU C 277 -37.94 -0.44 13.06
C GLU C 277 -39.03 -1.14 12.26
N LYS C 278 -38.71 -2.29 11.64
CA LYS C 278 -39.72 -2.98 10.84
C LYS C 278 -40.73 -3.71 11.73
N ALA C 279 -41.71 -4.37 11.12
CA ALA C 279 -42.76 -5.06 11.88
C ALA C 279 -42.52 -6.56 11.80
N PHE C 280 -41.48 -6.90 11.03
CA PHE C 280 -41.02 -8.27 10.81
C PHE C 280 -39.57 -8.25 10.33
N GLU C 281 -38.84 -9.33 10.58
CA GLU C 281 -37.53 -9.52 10.01
C GLU C 281 -37.60 -10.65 8.97
N ALA C 282 -36.77 -10.59 7.95
CA ALA C 282 -36.71 -11.64 6.94
C ALA C 282 -35.36 -12.36 6.99
N LEU C 283 -35.37 -13.69 6.88
CA LEU C 283 -34.14 -14.47 6.89
C LEU C 283 -33.74 -15.01 5.52
N LEU C 284 -34.71 -15.26 4.64
CA LEU C 284 -34.43 -15.64 3.25
C LEU C 284 -35.36 -14.87 2.33
N SER C 285 -34.83 -14.38 1.22
CA SER C 285 -35.62 -13.65 0.24
C SER C 285 -36.37 -14.63 -0.66
N ARG C 286 -37.33 -14.14 -1.43
CA ARG C 286 -38.05 -14.99 -2.37
C ARG C 286 -37.09 -15.71 -3.30
N GLU C 287 -36.16 -14.97 -3.89
CA GLU C 287 -35.20 -15.58 -4.78
C GLU C 287 -34.41 -16.70 -4.10
N GLU C 288 -34.00 -16.48 -2.85
CA GLU C 288 -33.23 -17.51 -2.14
C GLU C 288 -34.07 -18.77 -1.86
N MSE C 289 -35.33 -18.58 -1.47
CA MSE C 289 -36.22 -19.71 -1.18
C MSE C 289 -36.40 -20.62 -2.38
O MSE C 289 -36.57 -21.83 -2.22
CB MSE C 289 -37.59 -19.22 -0.71
CG MSE C 289 -37.64 -18.81 0.76
SE MSE C 289 -37.57 -20.32 1.98
CE MSE C 289 -38.29 -21.68 0.76
N VAL C 290 -36.36 -20.03 -3.57
CA VAL C 290 -36.52 -20.77 -4.81
C VAL C 290 -35.37 -21.76 -4.99
N HIS C 291 -34.20 -21.40 -4.50
CA HIS C 291 -33.01 -22.23 -4.63
C HIS C 291 -32.62 -23.03 -3.38
N ALA C 292 -33.27 -22.73 -2.26
CA ALA C 292 -32.87 -23.29 -0.98
C ALA C 292 -33.13 -24.79 -0.84
N PHE C 293 -32.22 -25.46 -0.13
CA PHE C 293 -32.38 -26.84 0.25
C PHE C 293 -32.89 -26.93 1.70
N ASP C 294 -33.95 -27.70 1.92
CA ASP C 294 -34.42 -27.97 3.27
C ASP C 294 -33.62 -29.12 3.91
N GLN C 295 -32.96 -28.85 5.02
CA GLN C 295 -32.14 -29.87 5.64
C GLN C 295 -32.53 -30.16 7.09
N GLY C 296 -33.83 -30.27 7.35
CA GLY C 296 -34.30 -30.59 8.68
C GLY C 296 -34.58 -29.37 9.53
N ASP C 297 -33.62 -28.99 10.37
CA ASP C 297 -33.76 -27.80 11.19
C ASP C 297 -33.20 -26.56 10.49
N TYR C 298 -32.65 -26.73 9.30
CA TYR C 298 -31.95 -25.66 8.64
C TYR C 298 -32.36 -25.55 7.19
N PHE C 299 -32.26 -24.34 6.63
CA PHE C 299 -32.27 -24.10 5.19
C PHE C 299 -30.84 -23.98 4.73
N ARG C 300 -30.53 -24.50 3.54
CA ARG C 300 -29.20 -24.37 3.00
C ARG C 300 -29.27 -23.71 1.62
N VAL C 301 -28.74 -22.49 1.52
CA VAL C 301 -28.73 -21.77 0.24
C VAL C 301 -27.42 -21.97 -0.49
N PRO C 302 -27.46 -22.70 -1.61
CA PRO C 302 -26.26 -23.02 -2.37
C PRO C 302 -25.78 -21.84 -3.21
N ALA C 303 -24.48 -21.77 -3.46
CA ALA C 303 -23.97 -20.66 -4.26
C ALA C 303 -24.32 -20.92 -5.73
N ASP C 304 -24.81 -19.89 -6.41
CA ASP C 304 -25.25 -20.07 -7.79
C ASP C 304 -24.24 -19.53 -8.79
N GLU C 325 -42.34 -17.86 -2.25
CA GLU C 325 -42.55 -17.39 -0.89
C GLU C 325 -41.31 -16.81 -0.19
N ASP C 326 -41.43 -15.61 0.34
CA ASP C 326 -40.44 -15.00 1.22
C ASP C 326 -40.41 -15.70 2.61
N TYR C 327 -39.25 -15.84 3.26
CA TYR C 327 -39.23 -16.47 4.61
C TYR C 327 -38.91 -15.48 5.71
N ASN C 328 -39.96 -15.07 6.42
CA ASN C 328 -39.86 -14.00 7.39
C ASN C 328 -40.61 -14.30 8.68
N SER C 329 -40.51 -13.40 9.65
CA SER C 329 -41.09 -13.62 10.96
C SER C 329 -42.62 -13.52 10.94
N HIS C 330 -43.17 -12.93 9.88
CA HIS C 330 -44.61 -12.84 9.76
C HIS C 330 -45.22 -14.18 9.31
N ASN C 331 -44.62 -14.85 8.34
CA ASN C 331 -45.22 -16.09 7.79
C ASN C 331 -44.66 -17.43 8.29
N THR C 332 -43.74 -17.39 9.25
CA THR C 332 -43.26 -18.62 9.86
C THR C 332 -44.24 -19.03 10.98
N THR C 333 -43.95 -20.13 11.66
CA THR C 333 -44.77 -20.59 12.79
C THR C 333 -44.97 -19.51 13.85
N ARG C 334 -46.21 -19.19 14.19
CA ARG C 334 -46.48 -18.25 15.27
C ARG C 334 -46.52 -18.97 16.57
N LEU C 335 -45.87 -18.43 17.57
CA LEU C 335 -45.95 -19.01 18.88
C LEU C 335 -47.17 -18.42 19.56
N ASP C 336 -47.91 -19.23 20.32
CA ASP C 336 -48.90 -18.66 21.21
C ASP C 336 -48.23 -18.45 22.55
N VAL C 337 -48.94 -17.88 23.52
CA VAL C 337 -48.33 -17.57 24.80
C VAL C 337 -47.67 -18.79 25.44
N GLU C 338 -48.33 -19.94 25.33
CA GLU C 338 -47.83 -21.15 25.99
C GLU C 338 -46.50 -21.64 25.40
N GLY C 339 -46.41 -21.65 24.07
CA GLY C 339 -45.20 -22.08 23.38
C GLY C 339 -44.05 -21.12 23.57
N MSE C 340 -44.39 -19.85 23.79
CA MSE C 340 -43.45 -18.78 24.08
C MSE C 340 -42.88 -18.91 25.50
O MSE C 340 -41.76 -18.50 25.77
CB MSE C 340 -44.12 -17.41 23.87
CG MSE C 340 -43.25 -16.18 24.10
SE MSE C 340 -41.72 -15.98 22.90
CE MSE C 340 -42.13 -14.26 22.18
N LYS C 341 -43.67 -19.47 26.42
CA LYS C 341 -43.19 -19.75 27.76
C LYS C 341 -42.04 -20.74 27.75
N GLN C 342 -42.21 -21.78 26.95
CA GLN C 342 -41.25 -22.86 26.82
C GLN C 342 -39.91 -22.37 26.28
N LEU C 343 -39.96 -21.36 25.41
CA LEU C 343 -38.74 -20.73 24.91
C LEU C 343 -38.04 -19.87 25.97
N LEU C 344 -38.81 -19.04 26.66
CA LEU C 344 -38.30 -18.21 27.73
C LEU C 344 -37.69 -19.06 28.83
N LEU C 345 -38.28 -20.23 29.09
CA LEU C 345 -37.74 -21.11 30.12
C LEU C 345 -36.40 -21.72 29.73
N LYS C 346 -35.96 -21.47 28.51
CA LYS C 346 -34.64 -21.93 28.11
C LYS C 346 -33.57 -20.96 28.58
N LEU C 347 -33.96 -19.74 28.92
CA LEU C 347 -33.01 -18.78 29.45
C LEU C 347 -32.80 -19.02 30.96
N ASP C 348 -31.53 -19.15 31.36
CA ASP C 348 -31.16 -19.41 32.74
C ASP C 348 -31.61 -18.22 33.60
N PHE C 349 -31.49 -17.07 32.96
CA PHE C 349 -31.89 -15.78 33.46
C PHE C 349 -33.38 -15.67 33.80
N VAL C 350 -34.22 -16.35 33.04
CA VAL C 350 -35.66 -16.38 33.29
C VAL C 350 -36.06 -17.50 34.24
N ARG C 351 -35.44 -18.67 34.10
CA ARG C 351 -35.69 -19.75 35.05
C ARG C 351 -35.42 -19.30 36.46
N ALA C 352 -34.35 -18.54 36.64
CA ALA C 352 -33.97 -18.04 37.95
C ALA C 352 -35.08 -17.19 38.60
N LEU C 353 -35.75 -16.36 37.81
CA LEU C 353 -36.78 -15.45 38.32
C LEU C 353 -38.05 -16.15 38.74
N THR C 354 -38.35 -17.29 38.15
CA THR C 354 -39.52 -18.07 38.52
C THR C 354 -39.26 -18.81 39.84
N ARG C 355 -38.07 -18.58 40.40
CA ARG C 355 -37.69 -19.14 41.71
C ARG C 355 -37.47 -18.07 42.79
N MSE D 20 20.86 34.77 -7.40
CA MSE D 20 19.61 34.02 -7.62
C MSE D 20 19.38 32.97 -6.52
O MSE D 20 18.26 32.50 -6.29
CB MSE D 20 19.60 33.35 -9.01
CG MSE D 20 18.25 32.72 -9.39
SE MSE D 20 18.07 32.06 -11.23
CE MSE D 20 16.19 31.50 -11.21
N PHE D 21 20.47 32.62 -5.85
CA PHE D 21 20.44 31.72 -4.72
C PHE D 21 20.42 32.46 -3.38
N LYS D 22 20.49 33.79 -3.41
CA LYS D 22 20.53 34.57 -2.18
C LYS D 22 19.32 34.35 -1.27
N ASP D 23 19.59 33.84 -0.07
CA ASP D 23 18.59 33.53 0.95
C ASP D 23 17.53 32.52 0.55
N LYS D 24 17.87 31.64 -0.38
CA LYS D 24 16.96 30.62 -0.84
C LYS D 24 17.37 29.29 -0.22
N VAL D 25 16.47 28.32 -0.31
CA VAL D 25 16.74 26.98 0.21
C VAL D 25 16.80 25.97 -0.93
N LEU D 26 17.95 25.32 -1.06
CA LEU D 26 18.13 24.36 -2.12
C LEU D 26 18.11 22.95 -1.52
N LEU D 27 17.37 22.03 -2.13
CA LEU D 27 17.46 20.62 -1.73
C LEU D 27 18.03 19.80 -2.87
N ILE D 28 19.03 18.98 -2.58
CA ILE D 28 19.63 18.10 -3.58
C ILE D 28 19.35 16.64 -3.22
N THR D 29 18.55 15.95 -4.01
CA THR D 29 18.43 14.50 -3.78
C THR D 29 19.64 13.81 -4.35
N GLY D 30 20.06 12.74 -3.69
CA GLY D 30 21.28 12.07 -4.09
C GLY D 30 22.46 12.99 -3.86
N GLY D 31 22.35 13.86 -2.85
CA GLY D 31 23.33 14.89 -2.64
C GLY D 31 24.71 14.40 -2.19
N THR D 32 24.82 13.13 -1.81
CA THR D 32 26.11 12.58 -1.39
C THR D 32 26.99 12.08 -2.53
N GLY D 33 26.47 12.10 -3.75
CA GLY D 33 27.21 11.65 -4.93
C GLY D 33 28.18 12.70 -5.46
N SER D 34 28.81 12.42 -6.61
CA SER D 34 29.83 13.34 -7.12
C SER D 34 29.23 14.68 -7.58
N PHE D 35 28.01 14.63 -8.11
CA PHE D 35 27.33 15.86 -8.52
C PHE D 35 27.07 16.78 -7.35
N GLY D 36 26.42 16.23 -6.33
CA GLY D 36 26.14 16.96 -5.10
C GLY D 36 27.40 17.58 -4.50
N ASN D 37 28.51 16.86 -4.53
CA ASN D 37 29.74 17.48 -4.00
C ASN D 37 30.21 18.63 -4.83
N ALA D 38 30.13 18.48 -6.14
CA ALA D 38 30.55 19.56 -7.02
C ALA D 38 29.67 20.79 -6.77
N VAL D 39 28.37 20.59 -6.58
CA VAL D 39 27.47 21.70 -6.29
C VAL D 39 27.76 22.38 -4.94
N LEU D 40 28.05 21.60 -3.91
CA LEU D 40 28.43 22.19 -2.64
C LEU D 40 29.69 23.02 -2.78
N LYS D 41 30.74 22.46 -3.39
CA LYS D 41 32.02 23.20 -3.53
C LYS D 41 31.84 24.57 -4.16
N ARG D 42 30.83 24.70 -5.02
CA ARG D 42 30.56 25.96 -5.70
C ARG D 42 29.67 26.90 -4.89
N PHE D 43 28.68 26.36 -4.19
CA PHE D 43 27.65 27.23 -3.63
C PHE D 43 27.60 27.36 -2.11
N LEU D 44 28.27 26.47 -1.40
CA LEU D 44 28.14 26.45 0.05
C LEU D 44 28.52 27.77 0.73
N GLU D 45 29.60 28.38 0.30
CA GLU D 45 30.06 29.62 0.93
C GLU D 45 29.63 30.90 0.20
N THR D 46 28.50 30.82 -0.50
CA THR D 46 27.86 31.99 -1.09
C THR D 46 26.69 32.44 -0.21
N ASP D 47 25.81 33.30 -0.71
CA ASP D 47 24.74 33.87 0.14
C ASP D 47 23.48 33.01 0.22
N ILE D 48 23.58 31.75 -0.23
CA ILE D 48 22.47 30.83 -0.08
C ILE D 48 22.18 30.56 1.40
N LYS D 49 20.90 30.44 1.75
CA LYS D 49 20.51 30.28 3.14
C LYS D 49 20.82 28.87 3.63
N GLU D 50 20.49 27.88 2.81
CA GLU D 50 20.55 26.51 3.29
C GLU D 50 20.66 25.54 2.12
N ILE D 51 21.51 24.53 2.28
CA ILE D 51 21.49 23.44 1.33
C ILE D 51 21.11 22.15 2.07
N ARG D 52 20.04 21.51 1.61
CA ARG D 52 19.61 20.23 2.15
C ARG D 52 20.10 19.08 1.31
N ILE D 53 20.77 18.14 1.96
CA ILE D 53 21.16 16.89 1.33
C ILE D 53 20.20 15.80 1.73
N PHE D 54 19.54 15.20 0.75
CA PHE D 54 18.54 14.15 0.95
C PHE D 54 19.04 12.89 0.27
N SER D 55 19.36 11.87 1.06
CA SER D 55 19.83 10.57 0.56
C SER D 55 19.60 9.53 1.66
N ARG D 56 19.96 8.27 1.39
CA ARG D 56 19.62 7.14 2.29
C ARG D 56 20.70 6.77 3.32
N ASP D 57 21.95 7.08 3.00
CA ASP D 57 23.13 6.52 3.67
C ASP D 57 23.74 7.38 4.80
N GLU D 58 23.62 6.88 6.02
CA GLU D 58 24.08 7.63 7.17
C GLU D 58 25.62 7.81 7.20
N LYS D 59 26.37 6.82 6.70
CA LYS D 59 27.83 6.89 6.66
C LYS D 59 28.31 8.03 5.78
N LYS D 60 27.82 8.06 4.55
CA LYS D 60 28.20 9.07 3.54
C LYS D 60 27.82 10.46 4.03
N GLN D 61 26.65 10.59 4.64
CA GLN D 61 26.21 11.89 5.13
C GLN D 61 27.09 12.37 6.25
N ASP D 62 27.52 11.44 7.09
CA ASP D 62 28.35 11.81 8.22
C ASP D 62 29.71 12.30 7.76
N ASP D 63 30.27 11.62 6.79
CA ASP D 63 31.58 11.98 6.24
C ASP D 63 31.50 13.38 5.67
N MSE D 64 30.45 13.61 4.87
CA MSE D 64 30.25 14.85 4.16
C MSE D 64 30.09 16.01 5.15
O MSE D 64 30.65 17.08 4.96
CB MSE D 64 29.02 14.71 3.25
CG MSE D 64 28.52 15.99 2.61
SE MSE D 64 27.32 15.62 1.08
CE MSE D 64 28.41 14.13 0.44
N ARG D 65 29.34 15.75 6.21
CA ARG D 65 29.13 16.75 7.24
C ARG D 65 30.46 17.16 7.87
N LYS D 66 31.31 16.19 8.13
CA LYS D 66 32.61 16.54 8.71
C LYS D 66 33.45 17.30 7.71
N LYS D 67 33.37 16.91 6.44
CA LYS D 67 34.18 17.53 5.40
C LYS D 67 33.90 19.03 5.22
N TYR D 68 32.64 19.41 5.14
CA TYR D 68 32.32 20.81 4.90
C TYR D 68 32.13 21.59 6.18
N HIS D 69 31.87 20.89 7.29
CA HIS D 69 31.60 21.49 8.60
C HIS D 69 30.93 22.86 8.54
N SER D 70 29.83 22.94 7.79
CA SER D 70 29.16 24.21 7.55
C SER D 70 27.74 24.19 8.09
N ALA D 71 27.37 25.27 8.77
CA ALA D 71 26.06 25.35 9.41
C ALA D 71 24.91 25.50 8.42
N LYS D 72 25.24 25.85 7.18
CA LYS D 72 24.24 26.00 6.13
C LYS D 72 23.84 24.63 5.56
N LEU D 73 24.60 23.59 5.95
CA LEU D 73 24.45 22.27 5.35
C LEU D 73 23.57 21.38 6.23
N LYS D 74 22.36 21.10 5.78
CA LYS D 74 21.42 20.29 6.56
C LYS D 74 21.24 18.88 5.98
N PHE D 75 21.17 17.86 6.82
CA PHE D 75 21.08 16.50 6.32
C PHE D 75 19.77 15.78 6.62
N TYR D 76 19.19 15.16 5.60
CA TYR D 76 17.95 14.38 5.74
C TYR D 76 18.15 12.94 5.30
N ILE D 77 17.91 11.97 6.19
CA ILE D 77 17.88 10.58 5.77
C ILE D 77 16.50 10.26 5.22
N GLY D 78 16.48 9.67 4.04
CA GLY D 78 15.23 9.30 3.40
C GLY D 78 15.46 8.70 2.02
N ASP D 79 14.41 8.14 1.46
CA ASP D 79 14.51 7.47 0.18
C ASP D 79 13.49 8.12 -0.73
N VAL D 80 13.87 8.41 -1.97
CA VAL D 80 12.91 9.00 -2.91
C VAL D 80 11.75 8.06 -3.24
N ARG D 81 11.92 6.78 -2.95
CA ARG D 81 10.81 5.83 -3.08
C ARG D 81 9.74 6.04 -2.02
N ASP D 82 10.03 6.85 -1.03
CA ASP D 82 9.11 7.05 0.07
C ASP D 82 8.52 8.46 -0.02
N TYR D 83 7.31 8.54 -0.58
CA TYR D 83 6.66 9.84 -0.78
C TYR D 83 6.59 10.72 0.48
N ASN D 84 6.14 10.16 1.60
CA ASN D 84 6.08 10.93 2.84
C ASN D 84 7.42 11.53 3.19
N SER D 85 8.49 10.75 3.00
CA SER D 85 9.85 11.18 3.30
C SER D 85 10.29 12.39 2.49
N ILE D 86 10.10 12.33 1.19
CA ILE D 86 10.52 13.46 0.38
C ILE D 86 9.56 14.66 0.57
N LEU D 87 8.28 14.38 0.82
CA LEU D 87 7.30 15.42 1.11
C LEU D 87 7.70 16.21 2.33
N ASN D 88 8.21 15.50 3.31
CA ASN D 88 8.63 16.13 4.53
C ASN D 88 9.89 16.97 4.39
N ALA D 89 10.87 16.49 3.63
CA ALA D 89 12.13 17.20 3.51
C ALA D 89 12.05 18.41 2.62
N THR D 90 11.00 18.50 1.80
CA THR D 90 10.92 19.59 0.83
C THR D 90 9.96 20.68 1.33
N ARG D 91 9.51 20.56 2.58
CA ARG D 91 8.71 21.62 3.18
C ARG D 91 9.61 22.83 3.34
N GLY D 92 9.21 23.97 2.79
CA GLY D 92 10.00 25.18 2.93
C GLY D 92 11.18 25.29 1.98
N VAL D 93 11.21 24.46 0.96
CA VAL D 93 12.30 24.48 -0.01
C VAL D 93 11.90 25.31 -1.22
N ASP D 94 12.84 26.09 -1.75
CA ASP D 94 12.58 26.85 -2.96
C ASP D 94 12.97 26.11 -4.24
N TYR D 95 14.12 25.42 -4.23
CA TYR D 95 14.62 24.79 -5.44
C TYR D 95 15.11 23.37 -5.17
N ILE D 96 14.93 22.48 -6.14
CA ILE D 96 15.41 21.10 -6.00
C ILE D 96 16.28 20.66 -7.21
N TYR D 97 17.47 20.15 -6.91
CA TYR D 97 18.24 19.38 -7.90
C TYR D 97 18.01 17.90 -7.63
N HIS D 98 17.33 17.25 -8.56
CA HIS D 98 17.00 15.86 -8.38
C HIS D 98 18.10 15.00 -8.99
N ALA D 99 18.97 14.42 -8.15
CA ALA D 99 20.08 13.62 -8.68
C ALA D 99 20.12 12.18 -8.16
N ALA D 100 19.11 11.76 -7.41
CA ALA D 100 19.03 10.38 -6.89
C ALA D 100 18.75 9.38 -8.01
N ALA D 101 19.65 8.42 -8.22
CA ALA D 101 19.39 7.40 -9.23
C ALA D 101 20.16 6.16 -8.96
N LEU D 102 19.76 5.06 -9.59
CA LEU D 102 20.60 3.88 -9.78
C LEU D 102 21.20 4.04 -11.16
N LYS D 103 22.51 4.08 -11.26
CA LYS D 103 23.10 4.49 -12.54
C LYS D 103 24.03 3.45 -13.16
N GLN D 104 24.37 2.42 -12.40
CA GLN D 104 25.27 1.39 -12.90
C GLN D 104 24.56 0.37 -13.79
N VAL D 105 25.19 0.06 -14.90
CA VAL D 105 24.57 -0.77 -15.90
C VAL D 105 24.31 -2.26 -15.51
N PRO D 106 25.31 -2.96 -14.96
CA PRO D 106 25.10 -4.39 -14.63
C PRO D 106 24.08 -4.58 -13.51
N SER D 107 24.22 -3.72 -12.52
CA SER D 107 23.32 -3.71 -11.40
C SER D 107 21.84 -3.53 -11.85
N CYS D 108 21.56 -2.57 -12.74
CA CYS D 108 20.21 -2.40 -13.29
C CYS D 108 19.76 -3.55 -14.22
N GLU D 109 20.68 -4.18 -14.94
CA GLU D 109 20.30 -5.32 -15.79
C GLU D 109 19.80 -6.50 -14.99
N PHE D 110 20.40 -6.75 -13.82
CA PHE D 110 20.02 -7.90 -13.02
C PHE D 110 18.86 -7.58 -12.10
N HIS D 111 18.60 -6.30 -11.88
CA HIS D 111 17.52 -5.84 -11.01
C HIS D 111 16.71 -4.70 -11.62
N PRO D 112 16.11 -4.94 -12.80
CA PRO D 112 15.44 -3.83 -13.47
C PRO D 112 14.30 -3.21 -12.63
N MSE D 113 13.59 -4.01 -11.85
CA MSE D 113 12.56 -3.44 -10.96
C MSE D 113 13.11 -2.40 -9.96
O MSE D 113 12.41 -1.43 -9.62
CB MSE D 113 11.76 -4.52 -10.23
CG MSE D 113 10.55 -5.04 -11.01
SE MSE D 113 9.19 -3.67 -11.42
CE MSE D 113 8.95 -2.89 -9.66
N GLU D 114 14.36 -2.56 -9.51
CA GLU D 114 14.95 -1.58 -8.62
C GLU D 114 15.22 -0.23 -9.34
N ALA D 115 15.65 -0.31 -10.60
CA ALA D 115 15.78 0.86 -11.47
C ALA D 115 14.41 1.53 -11.73
N VAL D 116 13.36 0.75 -11.92
CA VAL D 116 12.04 1.36 -12.09
C VAL D 116 11.62 2.06 -10.78
N LYS D 117 11.75 1.37 -9.64
CA LYS D 117 11.36 1.95 -8.36
C LYS D 117 12.13 3.21 -8.04
N THR D 118 13.43 3.19 -8.27
CA THR D 118 14.22 4.36 -7.95
C THR D 118 14.14 5.45 -9.02
N ASN D 119 14.43 5.13 -10.29
CA ASN D 119 14.55 6.15 -11.35
C ASN D 119 13.23 6.70 -11.87
N VAL D 120 12.21 5.86 -11.93
CA VAL D 120 10.93 6.29 -12.47
C VAL D 120 9.96 6.67 -11.35
N LEU D 121 9.65 5.73 -10.45
CA LEU D 121 8.67 6.02 -9.38
C LEU D 121 9.22 7.02 -8.37
N GLY D 122 10.51 6.91 -8.09
CA GLY D 122 11.18 7.85 -7.21
C GLY D 122 11.07 9.27 -7.74
N THR D 123 11.33 9.44 -9.03
CA THR D 123 11.17 10.73 -9.70
C THR D 123 9.72 11.24 -9.66
N GLU D 124 8.75 10.38 -9.92
CA GLU D 124 7.35 10.80 -9.77
C GLU D 124 7.10 11.35 -8.36
N ASN D 125 7.68 10.71 -7.32
CA ASN D 125 7.52 11.19 -5.94
C ASN D 125 8.12 12.56 -5.65
N VAL D 126 9.34 12.75 -6.12
CA VAL D 126 10.01 14.00 -5.92
C VAL D 126 9.21 15.09 -6.60
N LEU D 127 8.77 14.84 -7.83
CA LEU D 127 8.00 15.89 -8.53
C LEU D 127 6.67 16.17 -7.88
N GLU D 128 5.98 15.14 -7.41
CA GLU D 128 4.70 15.34 -6.76
C GLU D 128 4.86 16.10 -5.45
N ALA D 129 5.88 15.76 -4.66
CA ALA D 129 6.17 16.48 -3.43
C ALA D 129 6.51 17.94 -3.71
N ALA D 130 7.30 18.19 -4.75
CA ALA D 130 7.63 19.55 -5.12
C ALA D 130 6.37 20.38 -5.46
N ILE D 131 5.44 19.78 -6.22
CA ILE D 131 4.20 20.47 -6.58
C ILE D 131 3.36 20.79 -5.33
N GLN D 132 3.19 19.80 -4.46
CA GLN D 132 2.47 19.98 -3.20
C GLN D 132 3.08 21.03 -2.25
N ASN D 133 4.40 21.08 -2.17
CA ASN D 133 5.03 22.03 -1.27
C ASN D 133 5.34 23.37 -1.90
N HIS D 134 4.83 23.59 -3.11
CA HIS D 134 4.99 24.87 -3.80
C HIS D 134 6.47 25.22 -4.00
N VAL D 135 7.25 24.22 -4.32
CA VAL D 135 8.64 24.40 -4.71
C VAL D 135 8.66 25.17 -6.03
N LYS D 136 9.55 26.14 -6.17
CA LYS D 136 9.54 27.00 -7.34
C LYS D 136 10.14 26.33 -8.57
N ARG D 137 11.29 25.70 -8.43
CA ARG D 137 11.95 25.07 -9.56
C ARG D 137 12.54 23.73 -9.23
N VAL D 138 12.44 22.78 -10.16
CA VAL D 138 13.11 21.50 -10.04
C VAL D 138 13.88 21.22 -11.31
N VAL D 139 15.16 20.87 -11.18
CA VAL D 139 15.92 20.40 -12.34
C VAL D 139 16.25 18.92 -12.15
N CYS D 140 15.87 18.08 -13.11
CA CYS D 140 16.16 16.64 -13.08
C CYS D 140 17.40 16.26 -13.94
N LEU D 141 18.29 15.45 -13.36
CA LEU D 141 19.47 15.01 -14.09
C LEU D 141 19.21 13.72 -14.85
N SER D 142 19.60 13.68 -16.11
CA SER D 142 19.47 12.47 -16.93
C SER D 142 20.78 12.19 -17.65
N THR D 143 20.82 11.11 -18.44
CA THR D 143 22.08 10.68 -19.03
C THR D 143 21.90 10.45 -20.53
N ASP D 144 23.00 10.47 -21.26
CA ASP D 144 22.97 10.24 -22.71
C ASP D 144 22.48 8.82 -23.02
N LYS D 145 22.61 7.95 -22.04
CA LYS D 145 22.22 6.55 -22.18
C LYS D 145 20.72 6.37 -22.29
N ALA D 146 19.99 7.45 -22.01
CA ALA D 146 18.54 7.46 -22.20
C ALA D 146 18.13 7.71 -23.65
N VAL D 147 19.07 8.12 -24.49
CA VAL D 147 18.78 8.32 -25.91
C VAL D 147 19.08 7.06 -26.70
N TYR D 148 18.07 6.49 -27.36
CA TYR D 148 18.21 5.18 -28.03
C TYR D 148 18.75 4.17 -27.03
N PRO D 149 18.03 3.98 -25.91
CA PRO D 149 18.58 3.19 -24.82
C PRO D 149 18.69 1.73 -25.20
N ILE D 150 19.71 1.03 -24.69
CA ILE D 150 19.86 -0.40 -25.00
C ILE D 150 19.94 -1.26 -23.73
N ASN D 151 20.02 -0.62 -22.58
CA ASN D 151 20.04 -1.39 -21.35
C ASN D 151 19.06 -0.81 -20.32
N ALA D 152 18.79 -1.59 -19.28
CA ALA D 152 17.75 -1.27 -18.30
C ALA D 152 18.00 0.05 -17.62
N MSE D 153 19.27 0.39 -17.42
CA MSE D 153 19.59 1.64 -16.76
C MSE D 153 19.10 2.78 -17.67
O MSE D 153 18.29 3.62 -17.24
CB MSE D 153 21.09 1.77 -16.42
CG MSE D 153 21.42 3.00 -15.56
SE MSE D 153 21.68 4.68 -16.60
CE MSE D 153 23.36 4.14 -17.39
N GLY D 154 19.58 2.81 -18.90
CA GLY D 154 19.15 3.78 -19.89
C GLY D 154 17.66 3.78 -20.19
N ILE D 155 17.07 2.60 -20.38
CA ILE D 155 15.62 2.52 -20.52
C ILE D 155 14.90 3.20 -19.35
N SER D 156 15.35 2.94 -18.12
CA SER D 156 14.68 3.52 -16.95
C SER D 156 14.82 5.05 -16.91
N LYS D 157 15.94 5.58 -17.37
CA LYS D 157 16.15 7.02 -17.44
C LYS D 157 15.32 7.70 -18.56
N ALA D 158 15.19 7.01 -19.69
CA ALA D 158 14.32 7.43 -20.78
C ALA D 158 12.89 7.50 -20.27
N MSE D 159 12.44 6.49 -19.53
CA MSE D 159 11.11 6.50 -18.95
C MSE D 159 10.98 7.64 -17.95
O MSE D 159 9.96 8.34 -17.89
CB MSE D 159 10.78 5.17 -18.30
CG MSE D 159 9.31 4.82 -18.24
SE MSE D 159 8.20 5.48 -19.73
CE MSE D 159 7.41 3.83 -20.33
N MSE D 160 12.03 7.86 -17.16
CA MSE D 160 12.02 8.97 -16.23
C MSE D 160 11.83 10.35 -16.91
O MSE D 160 11.04 11.19 -16.43
CB MSE D 160 13.28 8.99 -15.38
CG MSE D 160 13.28 10.21 -14.49
SE MSE D 160 14.85 11.32 -14.55
CE MSE D 160 15.84 10.06 -13.36
N GLU D 161 12.54 10.59 -18.02
CA GLU D 161 12.40 11.84 -18.77
C GLU D 161 10.95 12.07 -19.20
N LYS D 162 10.33 11.03 -19.77
CA LYS D 162 8.93 11.08 -20.20
C LYS D 162 8.01 11.43 -19.04
N VAL D 163 8.25 10.85 -17.88
CA VAL D 163 7.45 11.14 -16.72
C VAL D 163 7.64 12.60 -16.25
N MSE D 164 8.89 13.06 -16.21
CA MSE D 164 9.15 14.45 -15.87
C MSE D 164 8.37 15.36 -16.81
O MSE D 164 7.64 16.24 -16.37
CB MSE D 164 10.65 14.74 -15.95
CG MSE D 164 11.07 16.18 -15.67
SE MSE D 164 11.05 17.36 -17.24
CE MSE D 164 12.58 16.56 -18.13
N VAL D 165 8.49 15.12 -18.11
CA VAL D 165 7.81 15.93 -19.10
C VAL D 165 6.29 15.91 -18.97
N ALA D 166 5.72 14.73 -18.76
CA ALA D 166 4.27 14.61 -18.58
C ALA D 166 3.79 15.32 -17.32
N LYS D 167 4.59 15.25 -16.28
CA LYS D 167 4.24 15.89 -15.03
C LYS D 167 4.32 17.42 -15.17
N SER D 168 5.12 17.90 -16.12
CA SER D 168 5.31 19.34 -16.29
C SER D 168 4.12 20.02 -16.94
N ARG D 169 3.14 19.24 -17.42
CA ARG D 169 1.92 19.84 -17.93
C ARG D 169 0.89 20.01 -16.77
N ASN D 170 -0.17 20.77 -16.98
CA ASN D 170 -1.14 21.03 -15.90
C ASN D 170 -0.62 21.89 -14.74
N LEU D 171 0.59 22.43 -14.87
CA LEU D 171 1.15 23.27 -13.83
C LEU D 171 0.86 24.72 -14.17
N GLU D 172 -0.07 24.91 -15.09
CA GLU D 172 -0.33 26.23 -15.65
C GLU D 172 -0.80 27.18 -14.57
N GLY D 173 -1.68 26.71 -13.70
CA GLY D 173 -2.07 27.50 -12.56
C GLY D 173 -0.96 27.66 -11.53
N LEU D 174 -0.24 26.56 -11.28
CA LEU D 174 0.72 26.52 -10.20
C LEU D 174 2.03 27.27 -10.50
N ASP D 175 2.77 27.59 -9.45
CA ASP D 175 4.03 28.30 -9.58
C ASP D 175 5.24 27.37 -9.38
N THR D 176 5.25 26.28 -10.14
CA THR D 176 6.34 25.32 -10.11
C THR D 176 6.82 25.10 -11.54
N VAL D 177 8.14 25.16 -11.75
CA VAL D 177 8.73 24.82 -13.04
C VAL D 177 9.60 23.58 -12.97
N ILE D 178 9.38 22.67 -13.91
CA ILE D 178 10.13 21.44 -13.96
C ILE D 178 10.82 21.33 -15.32
N CYS D 179 12.13 21.08 -15.29
CA CYS D 179 12.87 20.84 -16.51
C CYS D 179 13.98 19.86 -16.21
N GLY D 180 14.74 19.48 -17.22
CA GLY D 180 15.74 18.45 -17.05
C GLY D 180 17.01 18.76 -17.82
N THR D 181 18.07 18.04 -17.51
CA THR D 181 19.33 18.17 -18.21
C THR D 181 19.76 16.79 -18.54
N ARG D 182 20.55 16.65 -19.60
CA ARG D 182 21.02 15.34 -20.00
C ARG D 182 22.50 15.48 -20.29
N TYR D 183 23.35 14.66 -19.67
CA TYR D 183 24.77 14.72 -20.03
C TYR D 183 25.42 13.35 -19.96
N GLY D 184 26.61 13.25 -20.51
CA GLY D 184 27.31 11.97 -20.58
C GLY D 184 28.36 11.79 -19.50
N ASN D 185 29.26 10.84 -19.74
CA ASN D 185 30.37 10.58 -18.84
C ASN D 185 31.30 11.79 -18.70
N VAL D 186 31.81 12.05 -17.50
CA VAL D 186 32.74 13.16 -17.35
C VAL D 186 34.19 12.66 -17.30
N MSE D 187 35.12 13.50 -17.74
CA MSE D 187 36.54 13.16 -17.63
C MSE D 187 37.00 13.26 -16.17
O MSE D 187 36.54 14.14 -15.43
CB MSE D 187 37.35 14.13 -18.49
CG MSE D 187 37.12 14.00 -19.99
SE MSE D 187 38.17 15.31 -20.99
CE MSE D 187 37.13 16.90 -20.57
N ALA D 188 37.91 12.38 -15.77
CA ALA D 188 38.53 12.49 -14.45
C ALA D 188 37.51 12.37 -13.31
N SER D 189 36.46 11.61 -13.56
CA SER D 189 35.51 11.16 -12.55
C SER D 189 36.12 9.99 -11.81
N ARG D 190 35.46 9.54 -10.74
CA ARG D 190 35.94 8.47 -9.87
C ARG D 190 36.47 7.26 -10.61
N GLY D 191 35.59 6.59 -11.33
CA GLY D 191 35.93 5.36 -12.01
C GLY D 191 36.04 5.48 -13.50
N SER D 192 36.38 6.66 -14.02
CA SER D 192 36.43 6.79 -15.48
C SER D 192 37.74 6.43 -16.12
N VAL D 193 37.74 6.58 -17.44
CA VAL D 193 38.83 6.10 -18.27
C VAL D 193 40.17 6.78 -17.96
N ILE D 194 40.15 8.09 -17.81
CA ILE D 194 41.37 8.86 -17.55
C ILE D 194 42.13 8.49 -16.25
N PRO D 195 41.46 8.53 -15.08
CA PRO D 195 42.20 8.10 -13.90
C PRO D 195 42.52 6.61 -13.90
N LEU D 196 41.71 5.79 -14.56
CA LEU D 196 42.04 4.38 -14.69
C LEU D 196 43.30 4.16 -15.55
N PHE D 197 43.43 4.89 -16.67
CA PHE D 197 44.63 4.80 -17.49
C PHE D 197 45.88 5.26 -16.74
N VAL D 198 45.75 6.35 -16.01
CA VAL D 198 46.84 6.85 -15.19
C VAL D 198 47.26 5.80 -14.16
N ASP D 199 46.25 5.21 -13.52
CA ASP D 199 46.45 4.20 -12.50
C ASP D 199 47.17 2.97 -13.08
N GLN D 200 46.76 2.57 -14.28
CA GLN D 200 47.35 1.42 -14.95
C GLN D 200 48.81 1.66 -15.31
N ILE D 201 49.13 2.91 -15.65
CA ILE D 201 50.51 3.31 -15.93
C ILE D 201 51.36 3.32 -14.66
N ARG D 202 50.80 3.87 -13.58
CA ARG D 202 51.44 3.89 -12.27
C ARG D 202 51.79 2.46 -11.84
N GLN D 203 51.01 1.50 -12.32
CA GLN D 203 51.29 0.09 -12.04
C GLN D 203 52.02 -0.60 -13.22
N GLY D 204 52.48 0.20 -14.18
CA GLY D 204 53.24 -0.29 -15.33
C GLY D 204 52.50 -1.20 -16.31
N LYS D 205 51.18 -1.29 -16.16
CA LYS D 205 50.33 -2.18 -16.96
C LYS D 205 49.88 -1.54 -18.27
N PRO D 206 49.61 -2.36 -19.31
CA PRO D 206 49.09 -1.84 -20.58
C PRO D 206 47.67 -1.27 -20.41
N LEU D 207 47.30 -0.32 -21.25
CA LEU D 207 45.97 0.27 -21.17
C LEU D 207 44.89 -0.69 -21.66
N THR D 208 43.88 -0.88 -20.81
CA THR D 208 42.72 -1.72 -21.12
C THR D 208 41.63 -0.92 -21.83
N ILE D 209 41.48 -1.16 -23.12
CA ILE D 209 40.50 -0.49 -23.98
C ILE D 209 39.47 -1.47 -24.53
N THR D 210 38.19 -1.15 -24.38
CA THR D 210 37.12 -1.98 -24.97
C THR D 210 37.11 -1.81 -26.49
N ASP D 211 36.75 -0.62 -26.98
CA ASP D 211 36.73 -0.32 -28.42
C ASP D 211 37.49 0.95 -28.77
N PRO D 212 38.60 0.81 -29.49
CA PRO D 212 39.44 1.95 -29.89
C PRO D 212 38.66 2.95 -30.73
N ASN D 213 37.65 2.49 -31.46
CA ASN D 213 36.91 3.37 -32.36
C ASN D 213 35.69 4.01 -31.71
N MSE D 214 35.46 3.63 -30.45
CA MSE D 214 34.38 4.23 -29.67
C MSE D 214 34.65 5.71 -29.44
O MSE D 214 35.75 6.10 -29.08
CB MSE D 214 34.27 3.50 -28.33
CG MSE D 214 33.16 4.04 -27.43
SE MSE D 214 32.94 2.97 -25.83
CE MSE D 214 34.71 3.11 -25.08
N THR D 215 33.64 6.53 -29.69
CA THR D 215 33.71 7.95 -29.39
C THR D 215 32.93 8.31 -28.12
N ARG D 216 33.44 9.31 -27.40
CA ARG D 216 32.78 9.85 -26.21
C ARG D 216 32.83 11.37 -26.28
N PHE D 217 31.80 12.05 -25.77
CA PHE D 217 31.89 13.49 -25.62
C PHE D 217 32.95 13.78 -24.56
N MSE D 218 33.71 14.84 -24.75
CA MSE D 218 34.74 15.19 -23.78
C MSE D 218 34.30 16.41 -22.98
O MSE D 218 34.16 17.51 -23.52
CB MSE D 218 36.10 15.40 -24.44
CG MSE D 218 36.68 14.10 -25.03
SE MSE D 218 36.99 12.69 -23.69
CE MSE D 218 37.07 11.14 -24.87
N MSE D 219 34.13 16.20 -21.67
CA MSE D 219 33.38 17.11 -20.83
C MSE D 219 33.80 16.93 -19.37
O MSE D 219 34.19 15.84 -18.96
CB MSE D 219 31.91 16.75 -21.00
CG MSE D 219 30.92 17.79 -20.62
SE MSE D 219 29.28 16.85 -20.25
CE MSE D 219 28.05 18.36 -20.28
N THR D 220 33.71 17.98 -18.56
CA THR D 220 34.15 17.86 -17.16
C THR D 220 33.00 17.90 -16.15
N LEU D 221 33.31 17.68 -14.87
CA LEU D 221 32.29 17.79 -13.83
C LEU D 221 31.87 19.25 -13.71
N GLU D 222 32.82 20.15 -13.96
CA GLU D 222 32.53 21.57 -13.88
C GLU D 222 31.51 21.99 -14.93
N ASP D 223 31.63 21.41 -16.10
CA ASP D 223 30.73 21.70 -17.20
C ASP D 223 29.33 21.22 -16.88
N ALA D 224 29.23 20.04 -16.27
CA ALA D 224 27.92 19.50 -15.89
C ALA D 224 27.21 20.41 -14.89
N VAL D 225 27.94 20.94 -13.92
CA VAL D 225 27.37 21.90 -12.97
C VAL D 225 26.87 23.15 -13.71
N ASP D 226 27.65 23.63 -14.68
CA ASP D 226 27.25 24.76 -15.50
C ASP D 226 25.98 24.43 -16.24
N LEU D 227 25.92 23.21 -16.77
CA LEU D 227 24.75 22.74 -17.50
C LEU D 227 23.52 22.71 -16.60
N VAL D 228 23.67 22.19 -15.39
CA VAL D 228 22.56 22.18 -14.44
C VAL D 228 22.14 23.60 -14.03
N LEU D 229 23.10 24.49 -13.77
CA LEU D 229 22.78 25.89 -13.50
C LEU D 229 22.09 26.60 -14.67
N TYR D 230 22.47 26.20 -15.89
CA TYR D 230 21.91 26.82 -17.09
C TYR D 230 20.42 26.51 -17.20
N ALA D 231 20.06 25.24 -17.02
CA ALA D 231 18.67 24.80 -17.03
C ALA D 231 17.91 25.46 -15.91
N PHE D 232 18.59 25.62 -14.79
CA PHE D 232 17.98 26.22 -13.63
C PHE D 232 17.58 27.68 -13.89
N GLU D 233 18.43 28.44 -14.60
CA GLU D 233 18.08 29.82 -14.90
C GLU D 233 17.03 29.95 -16.00
N HIS D 234 17.16 29.14 -17.04
CA HIS D 234 16.43 29.40 -18.26
C HIS D 234 15.27 28.47 -18.56
N GLY D 235 15.16 27.36 -17.84
CA GLY D 235 14.24 26.33 -18.24
C GLY D 235 12.77 26.71 -18.23
N GLU D 236 12.03 26.19 -19.20
CA GLU D 236 10.59 26.29 -19.18
C GLU D 236 10.05 24.89 -18.88
N ASN D 237 8.78 24.80 -18.49
CA ASN D 237 8.22 23.49 -18.18
C ASN D 237 8.44 22.43 -19.28
N GLY D 238 9.08 21.33 -18.89
CA GLY D 238 9.26 20.21 -19.80
C GLY D 238 10.49 20.31 -20.68
N ASP D 239 11.27 21.37 -20.52
CA ASP D 239 12.49 21.54 -21.30
C ASP D 239 13.58 20.54 -20.92
N ILE D 240 14.33 20.09 -21.91
CA ILE D 240 15.50 19.29 -21.60
C ILE D 240 16.67 19.97 -22.21
N PHE D 241 17.68 20.24 -21.40
CA PHE D 241 18.88 20.90 -21.90
C PHE D 241 20.02 19.93 -22.08
N VAL D 242 20.77 20.18 -23.15
CA VAL D 242 21.97 19.45 -23.47
C VAL D 242 23.06 20.48 -23.76
N GLN D 243 24.27 20.19 -23.29
CA GLN D 243 25.44 21.04 -23.56
C GLN D 243 26.23 20.54 -24.77
N LYS D 244 26.57 21.43 -25.70
CA LYS D 244 27.47 21.05 -26.79
C LYS D 244 28.86 20.79 -26.28
N ALA D 245 29.45 19.69 -26.74
CA ALA D 245 30.80 19.29 -26.37
C ALA D 245 31.53 18.65 -27.57
N PRO D 246 32.87 18.80 -27.64
CA PRO D 246 33.55 18.08 -28.73
C PRO D 246 33.65 16.60 -28.37
N ALA D 247 34.04 15.75 -29.31
CA ALA D 247 34.26 14.34 -28.96
C ALA D 247 35.62 13.81 -29.41
N ALA D 248 35.94 12.62 -28.92
CA ALA D 248 37.16 11.93 -29.29
C ALA D 248 36.95 10.43 -29.16
N THR D 249 37.73 9.66 -29.91
CA THR D 249 37.78 8.22 -29.72
C THR D 249 38.60 7.92 -28.49
N ILE D 250 38.43 6.73 -27.92
CA ILE D 250 39.25 6.33 -26.79
C ILE D 250 40.70 6.26 -27.27
N ALA D 251 40.87 5.87 -28.53
CA ALA D 251 42.17 5.83 -29.17
C ALA D 251 42.87 7.18 -29.07
N VAL D 252 42.22 8.23 -29.56
CA VAL D 252 42.82 9.56 -29.49
C VAL D 252 43.07 9.99 -28.05
N LEU D 253 42.13 9.65 -27.16
CA LEU D 253 42.27 9.97 -25.73
C LEU D 253 43.50 9.27 -25.14
N ALA D 254 43.61 7.97 -25.37
CA ALA D 254 44.72 7.18 -24.84
C ALA D 254 46.04 7.67 -25.39
N GLU D 255 46.07 7.99 -26.68
CA GLU D 255 47.29 8.48 -27.28
C GLU D 255 47.73 9.82 -26.68
N ALA D 256 46.78 10.74 -26.54
CA ALA D 256 47.08 12.08 -26.04
C ALA D 256 47.59 12.02 -24.60
N LEU D 257 47.07 11.07 -23.83
CA LEU D 257 47.46 10.91 -22.45
C LEU D 257 48.86 10.31 -22.37
N LYS D 258 49.17 9.37 -23.27
CA LYS D 258 50.51 8.79 -23.31
C LYS D 258 51.59 9.81 -23.65
N GLN D 259 51.25 10.77 -24.52
CA GLN D 259 52.19 11.82 -24.91
C GLN D 259 52.43 12.79 -23.74
N LEU D 260 51.35 13.17 -23.06
CA LEU D 260 51.43 14.01 -21.87
C LEU D 260 52.24 13.32 -20.77
N LEU D 261 52.15 12.00 -20.71
CA LEU D 261 52.91 11.27 -19.71
C LEU D 261 54.23 10.70 -20.21
N ASN D 262 54.54 10.89 -21.50
CA ASN D 262 55.79 10.41 -22.11
C ASN D 262 56.05 8.90 -21.97
N VAL D 263 55.04 8.06 -22.19
CA VAL D 263 55.24 6.60 -22.11
C VAL D 263 54.61 5.78 -23.26
N GLU D 264 54.91 6.11 -24.51
CA GLU D 264 54.40 5.34 -25.64
C GLU D 264 54.87 3.89 -25.63
N ILE D 268 49.10 -1.28 -25.44
CA ILE D 268 47.65 -1.22 -25.28
C ILE D 268 46.96 -2.56 -25.50
N SER D 269 46.09 -2.93 -24.57
CA SER D 269 45.34 -4.18 -24.68
C SER D 269 43.90 -3.89 -25.06
N ILE D 270 43.51 -4.36 -26.24
CA ILE D 270 42.16 -4.22 -26.73
C ILE D 270 41.29 -5.38 -26.29
N MSE D 271 40.40 -5.14 -25.33
CA MSE D 271 39.37 -6.12 -24.98
C MSE D 271 38.20 -5.97 -25.95
O MSE D 271 38.35 -5.40 -27.03
CB MSE D 271 38.92 -5.95 -23.52
CG MSE D 271 39.96 -5.35 -22.59
SE MSE D 271 41.67 -5.98 -22.71
CE MSE D 271 41.53 -7.62 -21.99
N GLY D 272 37.03 -6.48 -25.60
CA GLY D 272 35.88 -6.39 -26.49
C GLY D 272 34.88 -5.34 -26.05
N THR D 273 34.00 -4.93 -26.96
CA THR D 273 32.92 -4.00 -26.63
C THR D 273 32.07 -4.70 -25.57
N ARG D 274 31.81 -4.04 -24.44
CA ARG D 274 31.10 -4.74 -23.35
C ARG D 274 29.59 -4.74 -23.59
N HIS D 275 28.88 -5.68 -22.95
CA HIS D 275 27.43 -5.78 -23.09
C HIS D 275 26.75 -4.49 -22.64
N GLY D 276 25.87 -3.97 -23.50
CA GLY D 276 25.08 -2.80 -23.19
C GLY D 276 25.87 -1.51 -23.30
N GLU D 277 26.97 -1.57 -24.04
CA GLU D 277 27.85 -0.42 -24.26
C GLU D 277 27.80 -0.03 -25.74
N LYS D 278 27.34 1.17 -26.06
CA LYS D 278 27.27 1.56 -27.47
C LYS D 278 28.65 1.97 -27.94
N ALA D 279 28.78 2.43 -29.18
CA ALA D 279 30.10 2.76 -29.73
C ALA D 279 30.26 4.27 -29.82
N PHE D 280 29.19 4.96 -29.42
CA PHE D 280 29.12 6.40 -29.45
C PHE D 280 28.05 6.80 -28.43
N GLU D 281 28.08 8.04 -27.97
CA GLU D 281 27.02 8.56 -27.10
C GLU D 281 26.12 9.46 -27.92
N ALA D 282 24.83 9.47 -27.61
CA ALA D 282 23.91 10.36 -28.31
C ALA D 282 23.27 11.30 -27.30
N LEU D 283 23.20 12.59 -27.63
CA LEU D 283 22.60 13.55 -26.71
C LEU D 283 21.21 14.00 -27.18
N LEU D 284 21.00 13.99 -28.49
CA LEU D 284 19.69 14.29 -29.07
C LEU D 284 19.41 13.26 -30.14
N SER D 285 18.17 12.77 -30.19
CA SER D 285 17.77 11.82 -31.20
C SER D 285 17.37 12.58 -32.47
N ARG D 286 17.27 11.85 -33.57
CA ARG D 286 16.86 12.43 -34.86
C ARG D 286 15.55 13.17 -34.65
N GLU D 287 14.63 12.50 -33.97
CA GLU D 287 13.34 13.08 -33.65
C GLU D 287 13.43 14.42 -32.86
N GLU D 288 14.28 14.46 -31.84
CA GLU D 288 14.45 15.63 -30.99
C GLU D 288 15.15 16.76 -31.73
N MSE D 289 16.12 16.39 -32.57
CA MSE D 289 16.93 17.34 -33.32
C MSE D 289 16.09 18.28 -34.17
O MSE D 289 16.46 19.42 -34.43
CB MSE D 289 17.88 16.57 -34.23
CG MSE D 289 18.99 17.42 -34.81
SE MSE D 289 19.84 18.41 -33.37
CE MSE D 289 21.54 18.75 -34.27
N VAL D 290 14.94 17.77 -34.60
CA VAL D 290 14.01 18.49 -35.44
C VAL D 290 13.27 19.62 -34.70
N HIS D 291 13.02 19.43 -33.41
CA HIS D 291 12.31 20.42 -32.61
C HIS D 291 13.24 21.28 -31.77
N ALA D 292 14.50 20.87 -31.69
CA ALA D 292 15.42 21.48 -30.74
C ALA D 292 15.80 22.87 -31.14
N PHE D 293 15.96 23.75 -30.15
CA PHE D 293 16.47 25.08 -30.43
C PHE D 293 17.96 25.14 -30.08
N ASP D 294 18.78 25.58 -31.03
CA ASP D 294 20.20 25.81 -30.80
C ASP D 294 20.38 27.17 -30.13
N GLN D 295 20.93 27.16 -28.91
CA GLN D 295 21.06 28.37 -28.10
C GLN D 295 22.52 28.73 -27.80
N GLY D 296 23.38 28.54 -28.80
CA GLY D 296 24.79 28.83 -28.64
C GLY D 296 25.57 27.60 -28.22
N ASP D 297 25.86 27.47 -26.91
CA ASP D 297 26.57 26.32 -26.36
C ASP D 297 25.67 25.19 -25.89
N TYR D 298 24.36 25.41 -25.98
CA TYR D 298 23.37 24.46 -25.51
C TYR D 298 22.27 24.23 -26.56
N PHE D 299 21.72 23.02 -26.60
CA PHE D 299 20.47 22.77 -27.27
C PHE D 299 19.36 22.77 -26.23
N ARG D 300 18.21 23.27 -26.60
CA ARG D 300 17.05 23.19 -25.73
C ARG D 300 15.91 22.43 -26.41
N VAL D 301 15.57 21.26 -25.88
CA VAL D 301 14.50 20.46 -26.44
C VAL D 301 13.18 20.78 -25.74
N PRO D 302 12.27 21.47 -26.43
CA PRO D 302 11.02 21.83 -25.77
C PRO D 302 10.09 20.64 -25.71
N ALA D 303 9.21 20.62 -24.71
CA ALA D 303 8.26 19.53 -24.55
C ALA D 303 7.10 19.66 -25.54
N ASP D 304 6.18 18.70 -25.53
CA ASP D 304 5.00 18.79 -26.38
C ASP D 304 3.81 19.37 -25.62
N ASP D 326 20.33 14.67 -36.13
CA ASP D 326 20.81 13.85 -35.01
C ASP D 326 22.10 14.41 -34.37
N TYR D 327 22.19 14.45 -33.04
CA TYR D 327 23.42 14.96 -32.38
C TYR D 327 24.11 13.96 -31.46
N ASN D 328 25.23 13.40 -31.91
CA ASN D 328 25.94 12.40 -31.14
C ASN D 328 27.46 12.59 -31.22
N SER D 329 28.20 11.77 -30.48
CA SER D 329 29.66 11.92 -30.39
C SER D 329 30.37 11.52 -31.68
N HIS D 330 29.66 10.82 -32.54
CA HIS D 330 30.20 10.43 -33.84
C HIS D 330 30.27 11.62 -34.80
N ASN D 331 29.21 12.43 -34.83
CA ASN D 331 29.13 13.57 -35.75
C ASN D 331 29.37 14.97 -35.17
N THR D 332 29.74 15.06 -33.89
CA THR D 332 30.11 16.36 -33.36
C THR D 332 31.56 16.60 -33.73
N THR D 333 32.09 17.76 -33.32
CA THR D 333 33.49 18.11 -33.53
C THR D 333 34.41 17.01 -33.02
N ARG D 334 35.20 16.44 -33.93
CA ARG D 334 36.14 15.40 -33.55
C ARG D 334 37.49 16.04 -33.16
N LEU D 335 38.00 15.67 -31.99
CA LEU D 335 39.32 16.13 -31.57
C LEU D 335 40.41 15.19 -32.09
N ASP D 336 41.55 15.76 -32.46
CA ASP D 336 42.76 14.98 -32.72
C ASP D 336 43.64 14.97 -31.47
N VAL D 337 44.78 14.31 -31.53
CA VAL D 337 45.68 14.24 -30.38
C VAL D 337 46.03 15.63 -29.82
N GLU D 338 46.25 16.61 -30.69
CA GLU D 338 46.59 17.96 -30.28
C GLU D 338 45.45 18.65 -29.55
N GLY D 339 44.23 18.50 -30.08
CA GLY D 339 43.04 19.08 -29.50
C GLY D 339 42.71 18.42 -28.18
N MSE D 340 42.81 17.10 -28.16
CA MSE D 340 42.62 16.28 -26.97
C MSE D 340 43.61 16.64 -25.85
O MSE D 340 43.26 16.65 -24.67
CB MSE D 340 42.76 14.80 -27.34
CG MSE D 340 42.42 13.82 -26.23
SE MSE D 340 40.52 13.85 -25.80
CE MSE D 340 40.59 14.85 -24.12
N LYS D 341 44.84 16.95 -26.23
CA LYS D 341 45.87 17.33 -25.26
C LYS D 341 45.55 18.68 -24.60
N GLN D 342 45.10 19.64 -25.41
CA GLN D 342 44.78 20.95 -24.88
C GLN D 342 43.61 20.89 -23.89
N LEU D 343 42.69 19.95 -24.09
CA LEU D 343 41.64 19.68 -23.10
C LEU D 343 42.17 19.01 -21.83
N LEU D 344 42.97 17.96 -22.00
CA LEU D 344 43.49 17.25 -20.85
C LEU D 344 44.29 18.17 -19.93
N LEU D 345 45.03 19.10 -20.53
CA LEU D 345 45.82 20.04 -19.75
C LEU D 345 44.97 21.06 -19.01
N LYS D 346 43.67 21.09 -19.27
CA LYS D 346 42.77 21.93 -18.49
C LYS D 346 42.31 21.23 -17.20
N LEU D 347 42.44 19.91 -17.16
CA LEU D 347 42.09 19.11 -15.98
C LEU D 347 43.24 19.15 -14.97
N ASP D 348 42.93 19.52 -13.73
CA ASP D 348 43.92 19.63 -12.66
C ASP D 348 44.59 18.30 -12.27
N PHE D 349 43.82 17.23 -12.32
CA PHE D 349 44.31 15.88 -12.00
C PHE D 349 45.48 15.50 -12.94
N VAL D 350 45.44 16.04 -14.15
CA VAL D 350 46.46 15.82 -15.19
C VAL D 350 47.62 16.80 -15.01
N ARG D 351 47.29 18.04 -14.69
CA ARG D 351 48.28 19.08 -14.40
C ARG D 351 49.21 18.62 -13.27
N ALA D 352 48.61 18.01 -12.25
CA ALA D 352 49.34 17.49 -11.10
C ALA D 352 50.41 16.48 -11.53
N LEU D 353 50.05 15.62 -12.48
CA LEU D 353 50.97 14.60 -13.00
C LEU D 353 52.04 15.12 -13.96
N THR D 354 51.73 16.16 -14.71
CA THR D 354 52.71 16.74 -15.61
C THR D 354 53.64 17.66 -14.86
N ARG D 355 53.34 17.87 -13.58
CA ARG D 355 54.19 18.67 -12.70
C ARG D 355 54.69 17.87 -11.48
N MSE E 20 -9.91 30.26 25.95
CA MSE E 20 -9.09 29.79 24.82
C MSE E 20 -9.82 28.78 23.92
O MSE E 20 -9.45 28.58 22.76
CB MSE E 20 -7.75 29.21 25.33
CG MSE E 20 -6.76 28.85 24.21
SE MSE E 20 -4.92 28.44 24.75
CE MSE E 20 -4.13 28.03 23.00
N PHE E 21 -10.85 28.14 24.46
CA PHE E 21 -11.66 27.20 23.71
C PHE E 21 -12.90 27.85 23.07
N LYS E 22 -13.09 29.14 23.26
CA LYS E 22 -14.31 29.80 22.77
C LYS E 22 -14.58 29.65 21.28
N ASP E 23 -15.71 29.01 20.97
CA ASP E 23 -16.14 28.79 19.59
C ASP E 23 -15.08 28.06 18.77
N LYS E 24 -14.30 27.22 19.46
CA LYS E 24 -13.26 26.43 18.84
C LYS E 24 -13.70 24.98 18.70
N VAL E 25 -12.95 24.24 17.88
CA VAL E 25 -13.18 22.85 17.65
C VAL E 25 -12.02 22.00 18.19
N LEU E 26 -12.35 21.10 19.10
CA LEU E 26 -11.38 20.23 19.71
C LEU E 26 -11.67 18.80 19.27
N LEU E 27 -10.62 18.08 18.87
CA LEU E 27 -10.73 16.65 18.57
C LEU E 27 -9.87 15.85 19.57
N ILE E 28 -10.45 14.79 20.11
CA ILE E 28 -9.73 13.93 21.02
C ILE E 28 -9.60 12.53 20.41
N THR E 29 -8.38 12.12 20.07
CA THR E 29 -8.16 10.74 19.62
C THR E 29 -8.14 9.87 20.85
N GLY E 30 -8.70 8.66 20.73
CA GLY E 30 -8.85 7.82 21.91
C GLY E 30 -9.80 8.46 22.90
N GLY E 31 -10.77 9.18 22.36
CA GLY E 31 -11.65 9.99 23.19
C GLY E 31 -12.60 9.20 24.05
N THR E 32 -12.73 7.91 23.81
CA THR E 32 -13.64 7.10 24.61
C THR E 32 -13.02 6.59 25.91
N GLY E 33 -11.74 6.91 26.11
CA GLY E 33 -11.03 6.44 27.29
C GLY E 33 -11.36 7.23 28.53
N SER E 34 -10.68 6.95 29.62
CA SER E 34 -10.98 7.61 30.89
C SER E 34 -10.57 9.08 30.84
N PHE E 35 -9.48 9.36 30.14
CA PHE E 35 -9.05 10.73 29.93
C PHE E 35 -10.07 11.56 29.13
N GLY E 36 -10.47 11.05 27.97
CA GLY E 36 -11.45 11.69 27.12
C GLY E 36 -12.75 12.02 27.85
N ASN E 37 -13.18 11.10 28.71
CA ASN E 37 -14.37 11.36 29.53
C ASN E 37 -14.12 12.45 30.55
N ALA E 38 -12.93 12.49 31.12
CA ALA E 38 -12.55 13.55 32.06
C ALA E 38 -12.57 14.93 31.37
N VAL E 39 -12.04 15.00 30.15
CA VAL E 39 -12.07 16.24 29.38
C VAL E 39 -13.51 16.66 29.05
N LEU E 40 -14.34 15.72 28.65
CA LEU E 40 -15.75 16.02 28.38
C LEU E 40 -16.49 16.60 29.59
N LYS E 41 -16.35 15.94 30.73
CA LYS E 41 -17.01 16.39 31.94
C LYS E 41 -16.66 17.84 32.23
N ARG E 42 -15.46 18.20 31.80
CA ARG E 42 -14.91 19.52 32.06
C ARG E 42 -15.33 20.59 31.07
N PHE E 43 -15.38 20.23 29.80
CA PHE E 43 -15.50 21.25 28.76
C PHE E 43 -16.82 21.30 28.03
N LEU E 44 -17.63 20.26 28.20
CA LEU E 44 -18.85 20.19 27.41
C LEU E 44 -19.77 21.39 27.66
N GLU E 45 -19.88 21.82 28.91
CA GLU E 45 -20.78 22.91 29.23
C GLU E 45 -20.11 24.29 29.21
N THR E 46 -19.03 24.42 28.46
CA THR E 46 -18.42 25.73 28.23
C THR E 46 -18.74 26.26 26.82
N ASP E 47 -18.07 27.35 26.42
CA ASP E 47 -18.38 28.01 25.14
C ASP E 47 -17.60 27.45 23.94
N ILE E 48 -17.00 26.28 24.10
CA ILE E 48 -16.37 25.58 22.99
C ILE E 48 -17.43 25.24 21.96
N LYS E 49 -17.10 25.27 20.68
CA LYS E 49 -18.14 25.04 19.69
C LYS E 49 -18.49 23.57 19.56
N GLU E 50 -17.46 22.73 19.53
CA GLU E 50 -17.62 21.35 19.11
C GLU E 50 -16.48 20.51 19.71
N ILE E 51 -16.83 19.32 20.21
CA ILE E 51 -15.82 18.35 20.61
C ILE E 51 -15.99 17.09 19.79
N ARG E 52 -14.97 16.73 19.03
CA ARG E 52 -15.01 15.53 18.22
C ARG E 52 -14.28 14.41 18.90
N ILE E 53 -14.96 13.28 19.07
CA ILE E 53 -14.38 12.06 19.61
C ILE E 53 -14.01 11.11 18.45
N PHE E 54 -12.74 10.75 18.35
CA PHE E 54 -12.24 9.89 17.26
C PHE E 54 -11.68 8.60 17.83
N SER E 55 -12.38 7.49 17.58
CA SER E 55 -11.98 6.18 18.07
C SER E 55 -12.60 5.03 17.25
N ARG E 56 -12.29 3.80 17.60
CA ARG E 56 -12.71 2.66 16.78
C ARG E 56 -14.02 1.99 17.22
N ASP E 57 -14.38 2.12 18.50
CA ASP E 57 -15.42 1.29 19.08
C ASP E 57 -16.79 1.97 19.10
N GLU E 58 -17.69 1.42 18.30
CA GLU E 58 -19.04 1.95 18.16
C GLU E 58 -19.88 1.82 19.45
N LYS E 59 -19.61 0.76 20.21
CA LYS E 59 -20.31 0.49 21.47
C LYS E 59 -20.05 1.60 22.47
N LYS E 60 -18.76 1.87 22.73
CA LYS E 60 -18.40 2.90 23.70
C LYS E 60 -18.86 4.28 23.22
N GLN E 61 -18.74 4.54 21.92
CA GLN E 61 -19.15 5.84 21.42
C GLN E 61 -20.64 6.01 21.61
N ASP E 62 -21.41 4.95 21.42
CA ASP E 62 -22.86 5.05 21.56
C ASP E 62 -23.32 5.33 22.99
N ASP E 63 -22.69 4.64 23.94
CA ASP E 63 -23.00 4.81 25.36
C ASP E 63 -22.68 6.23 25.81
N MSE E 64 -21.57 6.73 25.29
CA MSE E 64 -21.07 8.06 25.58
C MSE E 64 -21.99 9.13 25.01
O MSE E 64 -22.20 10.17 25.63
CB MSE E 64 -19.67 8.22 24.98
CG MSE E 64 -19.00 9.55 25.26
SE MSE E 64 -17.09 9.37 24.94
CE MSE E 64 -16.98 7.52 25.57
N ARG E 65 -22.53 8.87 23.82
CA ARG E 65 -23.51 9.76 23.24
C ARG E 65 -24.75 9.88 24.12
N LYS E 66 -25.23 8.73 24.62
CA LYS E 66 -26.42 8.68 25.46
C LYS E 66 -26.15 9.32 26.80
N LYS E 67 -24.97 9.06 27.35
CA LYS E 67 -24.60 9.59 28.65
C LYS E 67 -24.60 11.13 28.66
N TYR E 68 -23.99 11.76 27.65
CA TYR E 68 -23.86 13.22 27.62
C TYR E 68 -24.97 13.97 26.87
N HIS E 69 -25.72 13.27 26.03
CA HIS E 69 -26.81 13.87 25.26
C HIS E 69 -26.63 15.35 24.89
N SER E 70 -25.49 15.67 24.26
CA SER E 70 -25.14 17.05 23.93
C SER E 70 -24.92 17.30 22.45
N ALA E 71 -25.43 18.44 21.96
CA ALA E 71 -25.30 18.75 20.55
C ALA E 71 -23.88 19.18 20.18
N LYS E 72 -23.06 19.52 21.19
CA LYS E 72 -21.66 19.91 20.93
C LYS E 72 -20.76 18.69 20.70
N LEU E 73 -21.28 17.50 20.98
CA LEU E 73 -20.50 16.26 20.95
C LEU E 73 -20.69 15.48 19.66
N LYS E 74 -19.65 15.44 18.83
CA LYS E 74 -19.68 14.75 17.54
C LYS E 74 -18.81 13.48 17.56
N PHE E 75 -19.28 12.39 16.96
CA PHE E 75 -18.54 11.14 16.99
C PHE E 75 -18.01 10.71 15.62
N TYR E 76 -16.74 10.33 15.56
CA TYR E 76 -16.13 9.82 14.34
C TYR E 76 -15.61 8.42 14.59
N ILE E 77 -16.09 7.47 13.79
CA ILE E 77 -15.48 6.14 13.82
C ILE E 77 -14.24 6.21 12.95
N GLY E 78 -13.11 5.74 13.48
CA GLY E 78 -11.86 5.76 12.75
C GLY E 78 -10.71 5.19 13.54
N ASP E 79 -9.59 4.98 12.87
CA ASP E 79 -8.42 4.39 13.50
C ASP E 79 -7.26 5.34 13.21
N VAL E 80 -6.42 5.62 14.22
CA VAL E 80 -5.25 6.48 13.97
C VAL E 80 -4.24 5.87 13.00
N ARG E 81 -4.31 4.57 12.78
CA ARG E 81 -3.47 3.91 11.78
C ARG E 81 -3.88 4.22 10.36
N ASP E 82 -5.05 4.83 10.21
CA ASP E 82 -5.60 5.03 8.89
C ASP E 82 -5.48 6.52 8.59
N TYR E 83 -4.43 6.88 7.85
CA TYR E 83 -4.16 8.29 7.60
C TYR E 83 -5.37 9.04 7.08
N ASN E 84 -6.03 8.46 6.08
CA ASN E 84 -7.20 9.08 5.46
C ASN E 84 -8.33 9.34 6.46
N SER E 85 -8.57 8.37 7.33
CA SER E 85 -9.57 8.50 8.36
C SER E 85 -9.30 9.73 9.24
N ILE E 86 -8.08 9.85 9.74
CA ILE E 86 -7.74 10.95 10.63
C ILE E 86 -7.62 12.27 9.87
N LEU E 87 -7.20 12.19 8.62
CA LEU E 87 -7.13 13.37 7.76
C LEU E 87 -8.51 13.97 7.60
N ASN E 88 -9.51 13.11 7.44
CA ASN E 88 -10.87 13.56 7.27
C ASN E 88 -11.52 14.09 8.54
N ALA E 89 -11.23 13.44 9.66
CA ALA E 89 -11.83 13.82 10.92
C ALA E 89 -11.25 15.13 11.44
N THR E 90 -10.10 15.54 10.94
CA THR E 90 -9.46 16.69 11.51
C THR E 90 -9.65 17.91 10.63
N ARG E 91 -10.45 17.81 9.57
CA ARG E 91 -10.78 18.99 8.76
C ARG E 91 -11.64 19.94 9.57
N GLY E 92 -11.15 21.17 9.71
CA GLY E 92 -11.85 22.18 10.48
C GLY E 92 -11.62 22.11 11.98
N VAL E 93 -10.63 21.36 12.40
CA VAL E 93 -10.35 21.25 13.82
C VAL E 93 -9.25 22.24 14.18
N ASP E 94 -9.40 22.89 15.32
CA ASP E 94 -8.43 23.86 15.84
C ASP E 94 -7.36 23.21 16.74
N TYR E 95 -7.80 22.27 17.58
CA TYR E 95 -6.94 21.65 18.57
C TYR E 95 -7.16 20.15 18.63
N ILE E 96 -6.08 19.40 18.88
CA ILE E 96 -6.13 17.96 19.05
C ILE E 96 -5.45 17.51 20.34
N TYR E 97 -6.14 16.76 21.17
CA TYR E 97 -5.49 16.01 22.25
C TYR E 97 -5.33 14.60 21.75
N HIS E 98 -4.10 14.18 21.54
CA HIS E 98 -3.87 12.84 21.00
C HIS E 98 -3.73 11.85 22.15
N ALA E 99 -4.78 11.08 22.41
CA ALA E 99 -4.76 10.14 23.53
C ALA E 99 -5.00 8.68 23.14
N ALA E 100 -5.10 8.38 21.84
CA ALA E 100 -5.27 7.01 21.35
C ALA E 100 -4.00 6.22 21.52
N ALA E 101 -4.03 5.16 22.31
CA ALA E 101 -2.86 4.33 22.45
C ALA E 101 -3.21 2.93 22.89
N LEU E 102 -2.25 2.02 22.72
CA LEU E 102 -2.26 0.73 23.39
C LEU E 102 -1.37 0.86 24.63
N LYS E 103 -1.89 0.50 25.80
CA LYS E 103 -1.15 0.79 27.05
C LYS E 103 -0.87 -0.39 27.97
N GLN E 104 -1.45 -1.55 27.71
CA GLN E 104 -1.22 -2.67 28.62
C GLN E 104 0.07 -3.40 28.35
N VAL E 105 0.81 -3.70 29.41
CA VAL E 105 2.14 -4.27 29.26
C VAL E 105 2.23 -5.69 28.66
N PRO E 106 1.45 -6.66 29.17
CA PRO E 106 1.50 -8.02 28.62
C PRO E 106 0.99 -8.11 27.17
N SER E 107 -0.06 -7.36 26.91
CA SER E 107 -0.65 -7.26 25.60
C SER E 107 0.41 -6.78 24.59
N CYS E 108 1.16 -5.73 24.95
CA CYS E 108 2.27 -5.24 24.10
C CYS E 108 3.51 -6.15 23.96
N GLU E 109 3.84 -6.95 24.98
CA GLU E 109 4.99 -7.86 24.87
C GLU E 109 4.76 -8.98 23.84
N PHE E 110 3.53 -9.46 23.76
CA PHE E 110 3.20 -10.54 22.84
C PHE E 110 2.87 -10.05 21.43
N HIS E 111 2.56 -8.76 21.29
CA HIS E 111 2.21 -8.16 20.01
C HIS E 111 2.89 -6.80 19.83
N PRO E 112 4.22 -6.80 19.86
CA PRO E 112 4.92 -5.53 19.81
C PRO E 112 4.65 -4.74 18.53
N MSE E 113 4.45 -5.42 17.40
CA MSE E 113 4.03 -4.73 16.18
C MSE E 113 2.71 -3.92 16.31
O MSE E 113 2.57 -2.88 15.69
CB MSE E 113 3.95 -5.69 14.97
CG MSE E 113 5.28 -5.94 14.28
SE MSE E 113 6.18 -4.34 13.57
CE MSE E 113 4.63 -3.32 12.94
N GLU E 114 1.76 -4.38 17.11
CA GLU E 114 0.52 -3.63 17.27
C GLU E 114 0.81 -2.35 18.02
N ALA E 115 1.70 -2.46 19.01
CA ALA E 115 2.14 -1.30 19.75
C ALA E 115 2.85 -0.32 18.82
N VAL E 116 3.73 -0.82 17.96
CA VAL E 116 4.43 0.07 17.04
C VAL E 116 3.45 0.72 16.08
N LYS E 117 2.55 -0.08 15.52
CA LYS E 117 1.56 0.45 14.57
C LYS E 117 0.67 1.49 15.19
N THR E 118 0.17 1.25 16.39
CA THR E 118 -0.72 2.23 16.98
C THR E 118 0.03 3.39 17.62
N ASN E 119 0.99 3.09 18.50
CA ASN E 119 1.66 4.15 19.25
C ASN E 119 2.64 4.99 18.44
N VAL E 120 3.36 4.36 17.51
CA VAL E 120 4.37 5.10 16.78
C VAL E 120 3.85 5.59 15.43
N LEU E 121 3.41 4.69 14.56
CA LEU E 121 2.89 5.06 13.24
C LEU E 121 1.58 5.83 13.33
N GLY E 122 0.73 5.48 14.29
CA GLY E 122 -0.51 6.19 14.51
C GLY E 122 -0.29 7.64 14.88
N THR E 123 0.64 7.86 15.79
CA THR E 123 1.03 9.22 16.16
C THR E 123 1.59 10.01 14.98
N GLU E 124 2.46 9.38 14.21
CA GLU E 124 2.93 10.01 13.00
C GLU E 124 1.77 10.43 12.07
N ASN E 125 0.73 9.60 11.96
CA ASN E 125 -0.43 9.98 11.14
C ASN E 125 -1.20 11.18 11.67
N VAL E 126 -1.46 11.20 12.98
CA VAL E 126 -2.17 12.32 13.59
C VAL E 126 -1.41 13.61 13.37
N LEU E 127 -0.09 13.61 13.57
CA LEU E 127 0.68 14.83 13.39
C LEU E 127 0.69 15.29 11.94
N GLU E 128 0.84 14.34 11.02
CA GLU E 128 0.82 14.66 9.61
C GLU E 128 -0.55 15.17 9.17
N ALA E 129 -1.60 14.55 9.67
CA ALA E 129 -2.93 15.05 9.41
C ALA E 129 -3.11 16.47 9.97
N ALA E 130 -2.66 16.70 11.22
CA ALA E 130 -2.79 18.01 11.82
C ALA E 130 -2.04 19.07 11.00
N ILE E 131 -0.84 18.73 10.55
CA ILE E 131 -0.08 19.64 9.70
C ILE E 131 -0.79 19.93 8.38
N GLN E 132 -1.28 18.91 7.68
CA GLN E 132 -2.03 19.11 6.43
C GLN E 132 -3.31 19.94 6.58
N ASN E 133 -4.05 19.73 7.68
CA ASN E 133 -5.29 20.47 7.93
C ASN E 133 -5.11 21.77 8.70
N HIS E 134 -3.86 22.17 8.93
CA HIS E 134 -3.56 23.46 9.60
C HIS E 134 -4.15 23.58 10.98
N VAL E 135 -4.18 22.47 11.70
CA VAL E 135 -4.61 22.44 13.08
C VAL E 135 -3.66 23.30 13.89
N LYS E 136 -4.16 24.08 14.85
CA LYS E 136 -3.29 25.02 15.56
C LYS E 136 -2.38 24.40 16.61
N ARG E 137 -2.94 23.51 17.42
CA ARG E 137 -2.18 22.86 18.48
C ARG E 137 -2.50 21.38 18.60
N VAL E 138 -1.47 20.58 18.85
CA VAL E 138 -1.64 19.18 19.17
C VAL E 138 -0.90 18.91 20.47
N VAL E 139 -1.58 18.36 21.48
CA VAL E 139 -0.89 17.87 22.68
C VAL E 139 -0.93 16.35 22.71
N CYS E 140 0.24 15.71 22.79
CA CYS E 140 0.31 14.25 22.82
C CYS E 140 0.46 13.71 24.24
N LEU E 141 -0.34 12.73 24.61
CA LEU E 141 -0.22 12.15 25.93
C LEU E 141 0.76 10.96 25.97
N SER E 142 1.74 11.03 26.88
CA SER E 142 2.72 9.97 27.06
C SER E 142 2.76 9.53 28.52
N THR E 143 3.61 8.56 28.82
CA THR E 143 3.60 7.93 30.14
C THR E 143 4.98 7.84 30.76
N ASP E 144 5.03 7.70 32.09
CA ASP E 144 6.31 7.56 32.77
C ASP E 144 7.04 6.27 32.37
N LYS E 145 6.28 5.31 31.84
CA LYS E 145 6.85 4.04 31.41
C LYS E 145 7.76 4.23 30.21
N ALA E 146 7.69 5.39 29.59
CA ALA E 146 8.57 5.73 28.48
C ALA E 146 9.98 6.16 28.93
N VAL E 147 10.14 6.47 30.22
CA VAL E 147 11.43 6.88 30.78
C VAL E 147 12.15 5.63 31.28
N TYR E 148 13.37 5.41 30.79
CA TYR E 148 14.10 4.18 31.09
C TYR E 148 13.22 2.97 30.75
N PRO E 149 12.76 2.87 29.50
CA PRO E 149 11.81 1.81 29.17
C PRO E 149 12.44 0.43 29.23
N ILE E 150 11.71 -0.57 29.72
CA ILE E 150 12.24 -1.93 29.79
C ILE E 150 11.35 -2.96 29.08
N ASN E 151 10.16 -2.54 28.66
CA ASN E 151 9.27 -3.43 27.95
C ASN E 151 8.68 -2.79 26.70
N ALA E 152 8.04 -3.60 25.86
CA ALA E 152 7.56 -3.15 24.55
C ALA E 152 6.58 -2.00 24.64
N MSE E 153 5.70 -1.98 25.64
CA MSE E 153 4.78 -0.87 25.77
C MSE E 153 5.55 0.43 26.01
O MSE E 153 5.32 1.43 25.31
CB MSE E 153 3.70 -1.10 26.86
CG MSE E 153 2.57 -0.06 26.83
SE MSE E 153 2.98 1.60 27.86
CE MSE E 153 3.52 0.74 29.52
N GLY E 154 6.48 0.40 26.97
CA GLY E 154 7.29 1.57 27.30
C GLY E 154 8.23 2.03 26.20
N ILE E 155 8.94 1.07 25.61
CA ILE E 155 9.79 1.31 24.44
C ILE E 155 8.98 1.96 23.31
N SER E 156 7.75 1.51 23.08
CA SER E 156 6.94 2.09 22.01
C SER E 156 6.53 3.52 22.34
N LYS E 157 6.32 3.82 23.62
CA LYS E 157 5.97 5.18 23.99
C LYS E 157 7.18 6.10 23.92
N ALA E 158 8.34 5.56 24.27
CA ALA E 158 9.60 6.30 24.13
C ALA E 158 9.86 6.65 22.67
N MSE E 159 9.59 5.71 21.76
CA MSE E 159 9.66 5.98 20.31
C MSE E 159 8.69 7.07 19.90
O MSE E 159 9.02 7.98 19.16
CB MSE E 159 9.34 4.72 19.47
CG MSE E 159 10.50 4.19 18.61
SE MSE E 159 11.74 5.62 18.02
CE MSE E 159 13.31 4.62 17.63
N MSE E 160 7.45 6.96 20.39
CA MSE E 160 6.43 7.94 20.11
C MSE E 160 6.87 9.37 20.46
O MSE E 160 6.63 10.31 19.70
CB MSE E 160 5.17 7.55 20.85
CG MSE E 160 3.96 8.37 20.50
SE MSE E 160 3.19 9.27 22.02
CE MSE E 160 4.11 10.96 21.77
N GLU E 161 7.53 9.54 21.60
CA GLU E 161 8.04 10.87 21.99
C GLU E 161 9.09 11.41 21.03
N LYS E 162 10.07 10.57 20.69
CA LYS E 162 11.10 10.94 19.70
C LYS E 162 10.47 11.34 18.36
N VAL E 163 9.46 10.60 17.94
CA VAL E 163 8.78 10.91 16.68
C VAL E 163 8.05 12.25 16.78
N MSE E 164 7.34 12.44 17.89
CA MSE E 164 6.68 13.70 18.16
C MSE E 164 7.68 14.85 18.18
O MSE E 164 7.47 15.87 17.54
CB MSE E 164 5.87 13.62 19.46
CG MSE E 164 5.15 14.92 19.82
SE MSE E 164 6.24 16.15 20.90
CE MSE E 164 6.22 15.06 22.51
N VAL E 165 8.80 14.68 18.88
CA VAL E 165 9.79 15.75 18.93
C VAL E 165 10.41 16.04 17.55
N ALA E 166 10.71 14.99 16.79
CA ALA E 166 11.32 15.19 15.46
C ALA E 166 10.38 15.89 14.48
N LYS E 167 9.11 15.55 14.55
CA LYS E 167 8.13 16.16 13.69
C LYS E 167 7.95 17.65 14.05
N SER E 168 8.22 18.02 15.29
CA SER E 168 7.97 19.39 15.74
C SER E 168 9.01 20.36 15.18
N ARG E 169 10.05 19.82 14.55
CA ARG E 169 11.05 20.61 13.83
C ARG E 169 10.62 20.72 12.35
N ASN E 170 10.52 21.94 11.83
CA ASN E 170 10.17 22.23 10.42
C ASN E 170 8.82 22.87 10.32
N LEU E 171 8.29 23.27 11.46
CA LEU E 171 6.99 23.88 11.47
C LEU E 171 7.15 25.41 11.45
N GLU E 172 8.33 25.88 11.05
CA GLU E 172 8.63 27.31 11.09
C GLU E 172 7.71 28.10 10.18
N GLY E 173 7.52 27.61 8.97
CA GLY E 173 6.58 28.25 8.05
C GLY E 173 5.15 28.12 8.53
N LEU E 174 4.83 26.92 9.02
CA LEU E 174 3.47 26.57 9.41
C LEU E 174 3.02 27.12 10.78
N ASP E 175 1.70 27.18 10.99
CA ASP E 175 1.13 27.65 12.24
C ASP E 175 0.58 26.48 13.06
N THR E 176 1.42 25.49 13.31
CA THR E 176 1.03 24.36 14.12
C THR E 176 2.07 24.24 15.22
N VAL E 177 1.60 24.07 16.43
CA VAL E 177 2.47 23.75 17.56
C VAL E 177 2.16 22.36 18.11
N ILE E 178 3.20 21.57 18.29
CA ILE E 178 3.07 20.20 18.77
C ILE E 178 3.88 20.05 20.04
N CYS E 179 3.28 19.50 21.07
CA CYS E 179 4.02 19.20 22.27
C CYS E 179 3.40 18.01 22.98
N GLY E 180 3.96 17.64 24.12
CA GLY E 180 3.54 16.45 24.82
C GLY E 180 3.43 16.61 26.32
N THR E 181 2.79 15.64 26.96
CA THR E 181 2.72 15.58 28.41
C THR E 181 3.08 14.16 28.82
N ARG E 182 3.60 14.00 30.02
CA ARG E 182 3.94 12.67 30.49
C ARG E 182 3.42 12.51 31.90
N TYR E 183 2.66 11.46 32.17
CA TYR E 183 2.25 11.20 33.55
C TYR E 183 2.12 9.73 33.85
N GLY E 184 2.09 9.39 35.14
CA GLY E 184 2.04 8.00 35.56
C GLY E 184 0.63 7.51 35.81
N ASN E 185 0.47 6.38 36.49
CA ASN E 185 -0.87 5.88 36.83
C ASN E 185 -1.62 6.88 37.70
N VAL E 186 -2.92 6.99 37.48
CA VAL E 186 -3.72 7.86 38.31
C VAL E 186 -4.42 7.04 39.41
N MSE E 187 -4.81 7.69 40.51
CA MSE E 187 -5.52 6.98 41.57
C MSE E 187 -6.94 6.72 41.12
O MSE E 187 -7.52 7.51 40.36
CB MSE E 187 -5.56 7.80 42.86
CG MSE E 187 -4.24 8.34 43.29
SE MSE E 187 -4.35 9.18 45.03
CE MSE E 187 -5.75 10.48 44.71
N ALA E 188 -7.50 5.63 41.63
CA ALA E 188 -8.87 5.19 41.35
C ALA E 188 -9.17 5.00 39.88
N SER E 189 -8.14 4.66 39.10
CA SER E 189 -8.33 4.21 37.74
C SER E 189 -8.74 2.77 37.82
N ARG E 190 -9.22 2.19 36.72
CA ARG E 190 -9.62 0.79 36.74
C ARG E 190 -8.41 -0.09 37.09
N GLY E 191 -8.67 -1.34 37.47
CA GLY E 191 -7.67 -2.30 37.94
C GLY E 191 -6.35 -1.84 38.53
N SER E 192 -6.31 -0.64 39.10
CA SER E 192 -5.11 -0.14 39.77
C SER E 192 -5.19 -0.50 41.25
N VAL E 193 -4.20 -0.06 42.04
CA VAL E 193 -4.04 -0.54 43.41
C VAL E 193 -5.24 -0.27 44.35
N ILE E 194 -5.77 0.96 44.34
CA ILE E 194 -6.87 1.32 45.24
C ILE E 194 -8.16 0.48 45.12
N PRO E 195 -8.72 0.35 43.89
CA PRO E 195 -9.93 -0.47 43.79
C PRO E 195 -9.68 -1.96 44.08
N LEU E 196 -8.45 -2.43 43.88
CA LEU E 196 -8.08 -3.79 44.28
C LEU E 196 -8.14 -3.97 45.80
N PHE E 197 -7.57 -3.01 46.53
CA PHE E 197 -7.60 -3.04 47.99
C PHE E 197 -9.03 -2.91 48.50
N VAL E 198 -9.80 -2.01 47.89
CA VAL E 198 -11.20 -1.83 48.25
C VAL E 198 -11.99 -3.13 48.03
N ASP E 199 -11.77 -3.75 46.88
CA ASP E 199 -12.45 -5.01 46.55
C ASP E 199 -12.06 -6.15 47.51
N GLN E 200 -10.77 -6.24 47.85
CA GLN E 200 -10.30 -7.30 48.74
C GLN E 200 -10.85 -7.18 50.16
N ILE E 201 -11.06 -5.95 50.61
CA ILE E 201 -11.70 -5.72 51.91
C ILE E 201 -13.17 -6.13 51.83
N ARG E 202 -13.82 -5.75 50.74
CA ARG E 202 -15.22 -6.10 50.47
C ARG E 202 -15.44 -7.61 50.49
N GLN E 203 -14.44 -8.36 50.05
CA GLN E 203 -14.49 -9.82 50.01
C GLN E 203 -13.80 -10.50 51.21
N GLY E 204 -13.45 -9.69 52.21
CA GLY E 204 -12.85 -10.20 53.44
C GLY E 204 -11.47 -10.80 53.29
N LYS E 205 -10.86 -10.60 52.12
CA LYS E 205 -9.54 -11.15 51.82
C LYS E 205 -8.42 -10.22 52.30
N PRO E 206 -7.25 -10.80 52.63
CA PRO E 206 -6.08 -10.00 53.01
C PRO E 206 -5.55 -9.18 51.85
N LEU E 207 -4.92 -8.04 52.15
CA LEU E 207 -4.41 -7.17 51.10
C LEU E 207 -3.23 -7.80 50.39
N THR E 208 -3.28 -7.80 49.06
CA THR E 208 -2.20 -8.36 48.26
C THR E 208 -1.13 -7.31 48.05
N ILE E 209 -0.02 -7.45 48.77
CA ILE E 209 1.08 -6.54 48.59
C ILE E 209 2.31 -7.28 48.11
N THR E 210 2.87 -6.84 46.98
CA THR E 210 4.12 -7.39 46.52
C THR E 210 5.24 -6.82 47.39
N ASP E 211 5.48 -5.52 47.26
CA ASP E 211 6.51 -4.86 48.06
C ASP E 211 5.96 -3.60 48.75
N PRO E 212 5.85 -3.64 50.08
CA PRO E 212 5.36 -2.52 50.89
C PRO E 212 6.23 -1.27 50.77
N ASN E 213 7.52 -1.45 50.49
CA ASN E 213 8.47 -0.33 50.45
C ASN E 213 8.63 0.28 49.05
N MSE E 214 7.76 -0.14 48.12
CA MSE E 214 7.75 0.37 46.75
C MSE E 214 6.91 1.63 46.65
O MSE E 214 5.77 1.68 47.13
CB MSE E 214 7.24 -0.71 45.80
CG MSE E 214 6.30 -0.21 44.72
SE MSE E 214 5.24 -1.67 43.98
CE MSE E 214 6.68 -2.73 43.21
N THR E 215 7.46 2.66 46.01
CA THR E 215 6.81 3.96 45.96
C THR E 215 6.15 4.22 44.62
N ARG E 216 5.01 4.92 44.65
CA ARG E 216 4.30 5.29 43.41
C ARG E 216 3.89 6.76 43.51
N PHE E 217 3.89 7.48 42.39
CA PHE E 217 3.37 8.83 42.40
C PHE E 217 1.86 8.82 42.63
N MSE E 218 1.38 9.72 43.46
CA MSE E 218 -0.04 9.81 43.76
C MSE E 218 -0.62 11.03 43.08
O MSE E 218 -0.19 12.15 43.32
CB MSE E 218 -0.27 9.87 45.28
CG MSE E 218 0.15 8.59 45.98
SE MSE E 218 -0.87 7.04 45.37
CE MSE E 218 0.15 5.60 46.23
N MSE E 219 -1.60 10.80 42.21
CA MSE E 219 -2.14 11.86 41.38
C MSE E 219 -3.52 11.46 40.90
O MSE E 219 -3.77 10.27 40.68
CB MSE E 219 -1.19 12.04 40.21
CG MSE E 219 -1.49 13.18 39.28
SE MSE E 219 -0.65 12.73 37.61
CE MSE E 219 -1.25 14.23 36.52
N THR E 220 -4.43 12.43 40.74
CA THR E 220 -5.81 12.14 40.32
C THR E 220 -6.04 12.36 38.84
N LEU E 221 -7.23 12.00 38.38
CA LEU E 221 -7.57 12.20 36.98
C LEU E 221 -7.74 13.68 36.63
N GLU E 222 -8.26 14.45 37.58
CA GLU E 222 -8.44 15.90 37.42
C GLU E 222 -7.10 16.61 37.28
N ASP E 223 -6.11 16.10 38.00
CA ASP E 223 -4.77 16.64 37.91
C ASP E 223 -4.23 16.44 36.50
N ALA E 224 -4.48 15.27 35.94
CA ALA E 224 -4.05 14.99 34.58
C ALA E 224 -4.66 15.96 33.57
N VAL E 225 -5.94 16.28 33.73
CA VAL E 225 -6.61 17.22 32.83
C VAL E 225 -5.94 18.59 32.93
N ASP E 226 -5.58 18.99 34.15
CA ASP E 226 -4.85 20.23 34.36
C ASP E 226 -3.51 20.22 33.62
N LEU E 227 -2.81 19.09 33.67
CA LEU E 227 -1.52 18.95 33.00
C LEU E 227 -1.64 19.16 31.49
N VAL E 228 -2.65 18.53 30.88
CA VAL E 228 -2.87 18.70 29.46
C VAL E 228 -3.27 20.15 29.10
N LEU E 229 -4.13 20.78 29.90
CA LEU E 229 -4.43 22.19 29.69
C LEU E 229 -3.19 23.08 29.85
N TYR E 230 -2.25 22.66 30.71
CA TYR E 230 -1.09 23.50 30.95
C TYR E 230 -0.23 23.51 29.70
N ALA E 231 0.09 22.31 29.20
CA ALA E 231 0.89 22.14 28.00
C ALA E 231 0.20 22.80 26.81
N PHE E 232 -1.13 22.71 26.82
CA PHE E 232 -1.93 23.30 25.76
C PHE E 232 -1.80 24.81 25.71
N GLU E 233 -1.78 25.46 26.88
CA GLU E 233 -1.63 26.90 26.94
C GLU E 233 -0.19 27.39 26.74
N HIS E 234 0.75 26.67 27.34
CA HIS E 234 2.12 27.17 27.54
C HIS E 234 3.19 26.54 26.66
N GLY E 235 2.84 25.45 25.98
CA GLY E 235 3.80 24.66 25.24
C GLY E 235 4.40 25.31 24.00
N GLU E 236 5.67 25.05 23.74
CA GLU E 236 6.31 25.39 22.48
C GLU E 236 6.64 24.10 21.74
N ASN E 237 6.96 24.19 20.45
CA ASN E 237 7.26 22.99 19.66
C ASN E 237 8.26 22.05 20.34
N GLY E 238 7.85 20.79 20.52
CA GLY E 238 8.75 19.76 21.01
C GLY E 238 8.89 19.69 22.51
N ASP E 239 8.19 20.58 23.21
CA ASP E 239 8.20 20.58 24.68
C ASP E 239 7.51 19.35 25.25
N ILE E 240 8.03 18.81 26.35
CA ILE E 240 7.30 17.80 27.12
C ILE E 240 7.12 18.31 28.55
N PHE E 241 5.87 18.28 29.01
CA PHE E 241 5.56 18.75 30.35
C PHE E 241 5.29 17.58 31.29
N VAL E 242 5.76 17.73 32.52
CA VAL E 242 5.56 16.71 33.55
C VAL E 242 5.00 17.39 34.75
N GLN E 243 4.03 16.78 35.41
CA GLN E 243 3.49 17.39 36.62
C GLN E 243 4.18 16.84 37.86
N LYS E 244 4.62 17.73 38.74
CA LYS E 244 5.17 17.29 40.02
C LYS E 244 4.04 16.65 40.85
N ALA E 245 4.35 15.51 41.46
CA ALA E 245 3.38 14.80 42.26
C ALA E 245 4.12 14.23 43.48
N PRO E 246 3.42 14.13 44.62
CA PRO E 246 4.01 13.50 45.80
C PRO E 246 3.97 11.99 45.60
N ALA E 247 4.66 11.23 46.44
CA ALA E 247 4.58 9.78 46.34
C ALA E 247 4.23 9.12 47.67
N ALA E 248 4.00 7.81 47.62
CA ALA E 248 3.74 7.01 48.80
C ALA E 248 4.20 5.59 48.60
N THR E 249 4.56 4.94 49.70
CA THR E 249 4.82 3.52 49.69
C THR E 249 3.44 2.86 49.68
N ILE E 250 3.38 1.61 49.22
CA ILE E 250 2.12 0.88 49.28
C ILE E 250 1.75 0.60 50.75
N ALA E 251 2.77 0.44 51.59
CA ALA E 251 2.59 0.31 53.04
C ALA E 251 1.78 1.49 53.57
N VAL E 252 2.26 2.70 53.30
CA VAL E 252 1.60 3.93 53.70
C VAL E 252 0.19 4.02 53.09
N LEU E 253 0.08 3.59 51.85
CA LEU E 253 -1.19 3.54 51.14
C LEU E 253 -2.21 2.62 51.79
N ALA E 254 -1.78 1.42 52.13
CA ALA E 254 -2.66 0.45 52.78
C ALA E 254 -3.17 0.95 54.14
N GLU E 255 -2.26 1.51 54.93
CA GLU E 255 -2.61 1.99 56.26
C GLU E 255 -3.63 3.11 56.25
N ALA E 256 -3.40 4.11 55.41
CA ALA E 256 -4.30 5.26 55.32
C ALA E 256 -5.66 4.81 54.83
N LEU E 257 -5.66 3.82 53.96
CA LEU E 257 -6.88 3.30 53.40
C LEU E 257 -7.64 2.45 54.41
N LYS E 258 -6.91 1.67 55.21
CA LYS E 258 -7.51 0.84 56.26
C LYS E 258 -8.19 1.69 57.33
N GLN E 259 -7.59 2.85 57.61
CA GLN E 259 -8.12 3.79 58.60
C GLN E 259 -9.37 4.52 58.12
N LEU E 260 -9.36 4.98 56.87
CA LEU E 260 -10.54 5.63 56.28
C LEU E 260 -11.74 4.69 56.24
N LEU E 261 -11.47 3.40 56.03
CA LEU E 261 -12.53 2.41 55.91
C LEU E 261 -12.89 1.74 57.25
N ASN E 262 -12.20 2.14 58.30
CA ASN E 262 -12.44 1.60 59.64
C ASN E 262 -12.29 0.07 59.72
N VAL E 263 -11.24 -0.45 59.08
CA VAL E 263 -10.94 -1.87 59.14
C VAL E 263 -9.46 -2.03 59.48
N GLU E 264 -9.03 -1.37 60.55
CA GLU E 264 -7.64 -1.44 61.00
C GLU E 264 -7.34 -2.90 61.33
N ASP E 265 -6.05 -3.21 61.47
CA ASP E 265 -5.63 -4.57 61.83
C ASP E 265 -6.28 -5.58 60.90
N HIS E 266 -5.85 -5.55 59.64
CA HIS E 266 -6.42 -6.39 58.60
C HIS E 266 -5.26 -7.08 57.91
N PRO E 267 -5.31 -8.43 57.84
CA PRO E 267 -4.18 -9.25 57.37
C PRO E 267 -3.65 -8.78 56.02
N ILE E 268 -2.34 -8.95 55.81
CA ILE E 268 -1.72 -8.49 54.57
C ILE E 268 -0.72 -9.52 54.01
N LYS E 278 9.11 -2.35 37.89
CA LYS E 278 10.14 -1.86 38.81
C LYS E 278 9.58 -1.62 40.22
N ALA E 279 10.35 -0.95 41.07
CA ALA E 279 9.93 -0.70 42.46
C ALA E 279 9.55 0.77 42.71
N PHE E 280 9.71 1.59 41.67
CA PHE E 280 9.43 3.02 41.72
C PHE E 280 9.16 3.46 40.28
N GLU E 281 8.46 4.58 40.10
CA GLU E 281 8.28 5.15 38.78
C GLU E 281 9.18 6.37 38.64
N ALA E 282 9.69 6.61 37.43
CA ALA E 282 10.48 7.81 37.15
C ALA E 282 9.75 8.66 36.10
N LEU E 283 9.72 9.98 36.31
CA LEU E 283 9.05 10.89 35.39
C LEU E 283 10.03 11.69 34.53
N LEU E 284 11.23 11.92 35.05
CA LEU E 284 12.29 12.55 34.26
C LEU E 284 13.55 11.75 34.48
N SER E 285 14.31 11.55 33.41
CA SER E 285 15.59 10.85 33.49
C SER E 285 16.65 11.84 33.92
N ARG E 286 17.82 11.34 34.30
CA ARG E 286 18.95 12.20 34.67
C ARG E 286 19.29 13.19 33.55
N GLU E 287 19.36 12.69 32.33
CA GLU E 287 19.64 13.52 31.18
C GLU E 287 18.64 14.65 30.99
N GLU E 288 17.36 14.36 31.17
CA GLU E 288 16.33 15.39 31.02
C GLU E 288 16.41 16.42 32.14
N MSE E 289 16.73 15.97 33.34
CA MSE E 289 16.75 16.80 34.53
C MSE E 289 17.76 17.93 34.35
O MSE E 289 17.56 19.05 34.84
CB MSE E 289 17.09 15.95 35.75
CG MSE E 289 16.68 16.54 37.09
SE MSE E 289 14.77 16.84 37.23
CE MSE E 289 14.70 17.51 39.07
N VAL E 290 18.83 17.65 33.62
CA VAL E 290 19.87 18.63 33.36
C VAL E 290 19.35 19.77 32.49
N HIS E 291 18.42 19.47 31.60
CA HIS E 291 17.93 20.47 30.66
C HIS E 291 16.57 21.06 31.04
N ALA E 292 15.89 20.47 32.01
CA ALA E 292 14.51 20.83 32.34
C ALA E 292 14.37 22.18 32.98
N PHE E 293 13.27 22.85 32.70
CA PHE E 293 12.96 24.09 33.41
C PHE E 293 11.96 23.80 34.51
N ASP E 294 12.29 24.25 35.72
CA ASP E 294 11.36 24.14 36.83
C ASP E 294 10.40 25.31 36.75
N GLN E 295 9.13 25.00 36.51
CA GLN E 295 8.13 26.04 36.32
C GLN E 295 7.04 25.94 37.37
N GLY E 296 7.44 25.67 38.60
CA GLY E 296 6.53 25.61 39.73
C GLY E 296 5.96 24.23 39.95
N ASP E 297 4.75 24.01 39.44
CA ASP E 297 4.10 22.72 39.58
C ASP E 297 4.48 21.81 38.46
N TYR E 298 5.24 22.32 37.51
CA TYR E 298 5.57 21.53 36.33
C TYR E 298 7.04 21.62 35.99
N PHE E 299 7.58 20.55 35.42
CA PHE E 299 8.86 20.57 34.73
C PHE E 299 8.58 20.73 33.25
N ARG E 300 9.44 21.48 32.57
CA ARG E 300 9.31 21.60 31.13
C ARG E 300 10.59 21.15 30.48
N VAL E 301 10.53 20.04 29.77
CA VAL E 301 11.71 19.52 29.10
C VAL E 301 11.76 20.00 27.67
N PRO E 302 12.67 20.94 27.38
CA PRO E 302 12.70 21.50 26.03
C PRO E 302 13.38 20.54 25.09
N ALA E 303 13.01 20.58 23.81
CA ALA E 303 13.59 19.65 22.85
C ALA E 303 15.02 20.08 22.48
N ASP E 304 15.88 19.12 22.16
CA ASP E 304 17.26 19.43 21.83
C ASP E 304 17.47 19.57 20.32
N ASP E 326 17.88 13.34 38.83
CA ASP E 326 16.83 12.38 38.42
C ASP E 326 15.54 12.56 39.23
N TYR E 327 14.38 12.49 38.59
CA TYR E 327 13.09 12.70 39.29
C TYR E 327 12.16 11.49 39.33
N ASN E 328 12.09 10.85 40.48
CA ASN E 328 11.32 9.62 40.61
C ASN E 328 10.49 9.60 41.87
N SER E 329 9.70 8.55 42.02
CA SER E 329 8.77 8.45 43.13
C SER E 329 9.47 8.17 44.46
N HIS E 330 10.70 7.70 44.39
CA HIS E 330 11.43 7.42 45.60
C HIS E 330 11.93 8.73 46.22
N ASN E 331 12.40 9.66 45.39
CA ASN E 331 12.99 10.92 45.90
C ASN E 331 12.09 12.18 45.84
N THR E 332 10.84 12.04 45.45
CA THR E 332 9.90 13.16 45.50
C THR E 332 9.32 13.28 46.91
N THR E 333 8.45 14.26 47.11
CA THR E 333 7.78 14.46 48.41
C THR E 333 7.08 13.18 48.90
N ARG E 334 7.48 12.68 50.06
CA ARG E 334 6.85 11.49 50.61
C ARG E 334 5.61 11.80 51.44
N LEU E 335 4.50 11.14 51.13
CA LEU E 335 3.28 11.30 51.92
C LEU E 335 3.31 10.36 53.11
N ASP E 336 2.88 10.84 54.28
CA ASP E 336 2.63 9.97 55.41
C ASP E 336 1.16 9.58 55.42
N VAL E 337 0.77 8.76 56.39
CA VAL E 337 -0.59 8.23 56.48
C VAL E 337 -1.63 9.36 56.47
N GLU E 338 -1.33 10.47 57.13
CA GLU E 338 -2.28 11.59 57.16
C GLU E 338 -2.48 12.25 55.79
N GLY E 339 -1.37 12.44 55.07
CA GLY E 339 -1.40 13.04 53.75
C GLY E 339 -2.05 12.14 52.73
N MSE E 340 -1.87 10.83 52.93
CA MSE E 340 -2.47 9.84 52.06
C MSE E 340 -3.99 9.82 52.22
O MSE E 340 -4.71 9.81 51.23
CB MSE E 340 -1.85 8.46 52.34
CG MSE E 340 -2.29 7.35 51.39
SE MSE E 340 -2.03 7.71 49.49
CE MSE E 340 -0.37 8.62 49.60
N LYS E 341 -4.45 9.86 53.47
CA LYS E 341 -5.88 9.93 53.77
C LYS E 341 -6.57 11.14 53.12
N GLN E 342 -5.91 12.30 53.18
CA GLN E 342 -6.48 13.50 52.59
C GLN E 342 -6.56 13.42 51.07
N LEU E 343 -5.61 12.74 50.45
CA LEU E 343 -5.66 12.47 49.01
C LEU E 343 -6.75 11.46 48.64
N LEU E 344 -6.83 10.37 49.41
CA LEU E 344 -7.81 9.32 49.15
C LEU E 344 -9.21 9.92 49.17
N LEU E 345 -9.42 10.92 50.01
CA LEU E 345 -10.70 11.61 50.11
C LEU E 345 -11.03 12.49 48.89
N LYS E 346 -10.12 12.60 47.93
CA LYS E 346 -10.43 13.26 46.66
C LYS E 346 -11.19 12.30 45.76
N LEU E 347 -11.10 11.01 46.05
CA LEU E 347 -11.88 10.04 45.31
C LEU E 347 -13.24 9.99 45.96
N ASP E 348 -14.29 10.31 45.22
CA ASP E 348 -15.65 10.25 45.74
C ASP E 348 -15.95 8.80 46.02
N PHE E 349 -15.33 7.96 45.19
CA PHE E 349 -15.36 6.51 45.28
C PHE E 349 -14.94 6.02 46.67
N VAL E 350 -14.05 6.74 47.32
CA VAL E 350 -13.58 6.42 48.67
C VAL E 350 -14.47 7.03 49.79
N ARG E 351 -14.96 8.24 49.55
CA ARG E 351 -15.84 8.94 50.50
C ARG E 351 -17.03 8.12 51.00
N ALA E 352 -17.64 7.36 50.09
CA ALA E 352 -18.80 6.54 50.42
C ALA E 352 -18.59 5.60 51.60
N MSE F 20 -23.57 28.59 -17.03
CA MSE F 20 -22.67 28.45 -15.88
C MSE F 20 -21.39 27.71 -16.29
O MSE F 20 -20.53 27.39 -15.44
CB MSE F 20 -23.39 27.75 -14.71
CG MSE F 20 -22.77 27.97 -13.32
SE MSE F 20 -23.27 26.64 -11.93
CE MSE F 20 -21.88 26.99 -10.59
N PHE F 21 -21.24 27.47 -17.58
CA PHE F 21 -20.06 26.78 -18.12
C PHE F 21 -19.01 27.66 -18.82
N LYS F 22 -19.28 28.96 -18.96
CA LYS F 22 -18.39 29.83 -19.71
C LYS F 22 -16.95 29.83 -19.18
N ASP F 23 -16.01 29.43 -20.03
CA ASP F 23 -14.59 29.37 -19.66
C ASP F 23 -14.25 28.46 -18.47
N LYS F 24 -15.04 27.40 -18.32
CA LYS F 24 -14.82 26.44 -17.27
C LYS F 24 -14.21 25.15 -17.81
N VAL F 25 -13.69 24.33 -16.91
CA VAL F 25 -13.13 23.04 -17.25
C VAL F 25 -14.00 21.95 -16.63
N LEU F 26 -14.55 21.08 -17.48
CA LEU F 26 -15.40 19.99 -17.03
C LEU F 26 -14.62 18.69 -17.21
N LEU F 27 -14.61 17.86 -16.18
CA LEU F 27 -14.05 16.52 -16.31
C LEU F 27 -15.17 15.50 -16.13
N ILE F 28 -15.23 14.51 -17.03
CA ILE F 28 -16.23 13.45 -16.93
C ILE F 28 -15.50 12.15 -16.66
N THR F 29 -15.68 11.56 -15.49
CA THR F 29 -15.11 10.22 -15.29
C THR F 29 -16.04 9.26 -16.02
N GLY F 30 -15.45 8.23 -16.64
CA GLY F 30 -16.22 7.32 -17.47
C GLY F 30 -16.76 8.00 -18.72
N GLY F 31 -16.00 8.97 -19.22
CA GLY F 31 -16.50 9.81 -20.31
C GLY F 31 -16.67 9.16 -21.67
N THR F 32 -16.17 7.94 -21.82
CA THR F 32 -16.25 7.23 -23.09
C THR F 32 -17.56 6.45 -23.25
N GLY F 33 -18.40 6.50 -22.20
CA GLY F 33 -19.67 5.79 -22.19
C GLY F 33 -20.78 6.48 -22.97
N SER F 34 -21.98 5.94 -22.93
CA SER F 34 -23.06 6.54 -23.74
C SER F 34 -23.48 7.91 -23.18
N PHE F 35 -23.44 8.05 -21.85
CA PHE F 35 -23.69 9.32 -21.18
C PHE F 35 -22.66 10.36 -21.59
N GLY F 36 -21.38 10.00 -21.43
CA GLY F 36 -20.30 10.91 -21.78
C GLY F 36 -20.39 11.43 -23.19
N ASN F 37 -20.77 10.54 -24.12
CA ASN F 37 -20.92 10.96 -25.51
C ASN F 37 -22.08 11.91 -25.66
N ALA F 38 -23.15 11.68 -24.92
CA ALA F 38 -24.29 12.58 -24.96
C ALA F 38 -23.93 14.00 -24.48
N VAL F 39 -23.15 14.10 -23.41
CA VAL F 39 -22.71 15.40 -22.90
C VAL F 39 -21.83 16.16 -23.88
N LEU F 40 -20.94 15.45 -24.56
CA LEU F 40 -20.10 16.09 -25.58
C LEU F 40 -20.94 16.68 -26.71
N LYS F 41 -21.85 15.87 -27.25
CA LYS F 41 -22.71 16.28 -28.37
C LYS F 41 -23.42 17.56 -28.08
N ARG F 42 -23.67 17.80 -26.79
CA ARG F 42 -24.37 18.98 -26.35
C ARG F 42 -23.48 20.20 -26.09
N PHE F 43 -22.30 19.95 -25.52
CA PHE F 43 -21.50 21.04 -24.96
C PHE F 43 -20.19 21.37 -25.63
N LEU F 44 -19.70 20.50 -26.49
CA LEU F 44 -18.37 20.70 -27.06
C LEU F 44 -18.21 22.02 -27.81
N GLU F 45 -19.22 22.38 -28.58
CA GLU F 45 -19.15 23.56 -29.41
C GLU F 45 -19.81 24.80 -28.79
N THR F 46 -19.90 24.80 -27.46
CA THR F 46 -20.37 25.97 -26.72
C THR F 46 -19.16 26.71 -26.17
N ASP F 47 -19.37 27.65 -25.25
CA ASP F 47 -18.26 28.49 -24.79
C ASP F 47 -17.50 27.91 -23.58
N ILE F 48 -17.71 26.63 -23.31
CA ILE F 48 -16.92 25.93 -22.30
C ILE F 48 -15.44 25.90 -22.70
N LYS F 49 -14.55 26.02 -21.72
CA LYS F 49 -13.13 26.10 -22.03
C LYS F 49 -12.59 24.74 -22.41
N GLU F 50 -12.96 23.71 -21.67
CA GLU F 50 -12.31 22.43 -21.82
C GLU F 50 -13.20 21.33 -21.26
N ILE F 51 -13.24 20.20 -21.96
CA ILE F 51 -13.85 18.99 -21.42
C ILE F 51 -12.82 17.86 -21.33
N ARG F 52 -12.58 17.39 -20.11
CA ARG F 52 -11.64 16.31 -19.89
C ARG F 52 -12.38 14.99 -19.74
N ILE F 53 -11.97 14.01 -20.55
CA ILE F 53 -12.47 12.66 -20.47
C ILE F 53 -11.45 11.78 -19.70
N PHE F 54 -11.89 11.18 -18.61
CA PHE F 54 -11.03 10.38 -17.77
C PHE F 54 -11.59 8.96 -17.78
N SER F 55 -10.85 8.02 -18.37
CA SER F 55 -11.26 6.62 -18.43
C SER F 55 -10.05 5.74 -18.70
N ARG F 56 -10.23 4.42 -18.75
CA ARG F 56 -9.08 3.50 -18.81
C ARG F 56 -8.67 3.06 -20.22
N ASP F 57 -9.59 3.11 -21.17
CA ASP F 57 -9.43 2.45 -22.48
C ASP F 57 -8.91 3.36 -23.62
N GLU F 58 -7.70 3.07 -24.05
CA GLU F 58 -7.06 3.84 -25.08
C GLU F 58 -7.77 3.73 -26.44
N LYS F 59 -8.33 2.55 -26.75
CA LYS F 59 -9.05 2.39 -28.02
C LYS F 59 -10.28 3.32 -28.10
N LYS F 60 -11.14 3.27 -27.10
CA LYS F 60 -12.33 4.09 -27.09
C LYS F 60 -11.98 5.58 -27.10
N GLN F 61 -10.93 5.94 -26.37
CA GLN F 61 -10.53 7.34 -26.28
C GLN F 61 -10.04 7.81 -27.63
N ASP F 62 -9.34 6.95 -28.33
CA ASP F 62 -8.84 7.31 -29.64
C ASP F 62 -9.94 7.55 -30.66
N ASP F 63 -10.93 6.66 -30.66
CA ASP F 63 -12.07 6.79 -31.57
C ASP F 63 -12.84 8.08 -31.34
N MSE F 64 -13.08 8.39 -30.07
CA MSE F 64 -13.70 9.65 -29.69
C MSE F 64 -12.87 10.86 -30.12
O MSE F 64 -13.42 11.89 -30.53
CB MSE F 64 -13.91 9.71 -28.21
CG MSE F 64 -15.33 9.60 -27.78
SE MSE F 64 -15.33 9.49 -25.85
CE MSE F 64 -14.80 11.27 -25.42
N ARG F 65 -11.56 10.77 -29.99
CA ARG F 65 -10.72 11.86 -30.39
C ARG F 65 -10.92 12.11 -31.87
N LYS F 66 -10.96 11.02 -32.64
CA LYS F 66 -11.17 11.10 -34.09
C LYS F 66 -12.57 11.57 -34.47
N LYS F 67 -13.56 11.06 -33.74
CA LYS F 67 -14.95 11.36 -34.03
C LYS F 67 -15.24 12.84 -33.86
N TYR F 68 -14.77 13.45 -32.78
CA TYR F 68 -15.06 14.85 -32.47
C TYR F 68 -14.07 15.90 -32.98
N HIS F 69 -12.83 15.48 -33.28
CA HIS F 69 -11.76 16.38 -33.75
C HIS F 69 -11.83 17.82 -33.22
N SER F 70 -11.91 17.99 -31.91
CA SER F 70 -12.05 19.30 -31.32
C SER F 70 -10.94 19.59 -30.31
N ALA F 71 -10.38 20.80 -30.38
CA ALA F 71 -9.27 21.19 -29.53
C ALA F 71 -9.65 21.42 -28.05
N LYS F 72 -10.95 21.48 -27.78
CA LYS F 72 -11.46 21.60 -26.42
C LYS F 72 -11.52 20.25 -25.66
N LEU F 73 -11.31 19.15 -26.37
CA LEU F 73 -11.51 17.82 -25.79
C LEU F 73 -10.21 17.18 -25.36
N LYS F 74 -9.98 17.06 -24.07
CA LYS F 74 -8.74 16.47 -23.57
C LYS F 74 -8.93 15.05 -23.01
N PHE F 75 -7.97 14.18 -23.29
CA PHE F 75 -8.09 12.80 -22.85
C PHE F 75 -7.07 12.42 -21.76
N TYR F 76 -7.57 11.78 -20.71
CA TYR F 76 -6.72 11.30 -19.63
C TYR F 76 -6.91 9.79 -19.46
N ILE F 77 -5.83 9.04 -19.58
CA ILE F 77 -5.88 7.63 -19.21
C ILE F 77 -5.74 7.53 -17.70
N GLY F 78 -6.64 6.80 -17.07
CA GLY F 78 -6.58 6.66 -15.63
C GLY F 78 -7.70 5.81 -15.08
N ASP F 79 -7.59 5.46 -13.81
CA ASP F 79 -8.57 4.60 -13.19
C ASP F 79 -9.05 5.32 -11.93
N VAL F 80 -10.35 5.37 -11.67
CA VAL F 80 -10.82 5.98 -10.42
C VAL F 80 -10.35 5.20 -9.17
N ARG F 81 -9.93 3.94 -9.33
CA ARG F 81 -9.33 3.19 -8.23
C ARG F 81 -7.96 3.73 -7.84
N ASP F 82 -7.40 4.60 -8.67
CA ASP F 82 -6.09 5.11 -8.43
C ASP F 82 -6.18 6.57 -7.99
N TYR F 83 -6.11 6.80 -6.70
CA TYR F 83 -6.23 8.15 -6.20
C TYR F 83 -5.29 9.16 -6.88
N ASN F 84 -4.02 8.83 -7.02
CA ASN F 84 -3.05 9.73 -7.66
C ASN F 84 -3.43 10.14 -9.07
N SER F 85 -3.92 9.16 -9.82
CA SER F 85 -4.35 9.38 -11.18
C SER F 85 -5.49 10.42 -11.26
N ILE F 86 -6.52 10.21 -10.46
CA ILE F 86 -7.65 11.12 -10.49
C ILE F 86 -7.28 12.46 -9.85
N LEU F 87 -6.38 12.43 -8.86
CA LEU F 87 -5.87 13.66 -8.25
C LEU F 87 -5.17 14.51 -9.28
N ASN F 88 -4.43 13.85 -10.15
CA ASN F 88 -3.73 14.55 -11.20
C ASN F 88 -4.59 15.12 -12.34
N ALA F 89 -5.61 14.37 -12.75
CA ALA F 89 -6.48 14.79 -13.85
C ALA F 89 -7.44 15.91 -13.41
N THR F 90 -7.60 16.10 -12.10
CA THR F 90 -8.56 17.08 -11.64
C THR F 90 -7.88 18.35 -11.19
N ARG F 91 -6.57 18.43 -11.40
CA ARG F 91 -5.90 19.69 -11.15
C ARG F 91 -6.44 20.69 -12.15
N GLY F 92 -6.99 21.79 -11.66
CA GLY F 92 -7.52 22.81 -12.54
C GLY F 92 -8.91 22.58 -13.08
N VAL F 93 -9.63 21.64 -12.48
CA VAL F 93 -10.97 21.36 -12.94
C VAL F 93 -11.98 22.10 -12.09
N ASP F 94 -13.03 22.63 -12.72
CA ASP F 94 -14.09 23.30 -11.99
C ASP F 94 -15.23 22.37 -11.62
N TYR F 95 -15.65 21.52 -12.56
CA TYR F 95 -16.82 20.67 -12.32
C TYR F 95 -16.52 19.23 -12.76
N ILE F 96 -17.09 18.26 -12.06
CA ILE F 96 -16.94 16.85 -12.40
C ILE F 96 -18.29 16.14 -12.52
N TYR F 97 -18.49 15.44 -13.62
CA TYR F 97 -19.55 14.43 -13.71
C TYR F 97 -18.94 13.05 -13.46
N HIS F 98 -19.31 12.43 -12.36
CA HIS F 98 -18.77 11.14 -12.01
C HIS F 98 -19.68 10.07 -12.59
N ALA F 99 -19.23 9.47 -13.69
CA ALA F 99 -20.03 8.48 -14.39
C ALA F 99 -19.33 7.12 -14.56
N ALA F 100 -18.13 6.97 -14.01
CA ALA F 100 -17.40 5.70 -14.07
C ALA F 100 -18.04 4.64 -13.19
N ALA F 101 -18.49 3.55 -13.76
CA ALA F 101 -19.00 2.49 -12.95
C ALA F 101 -18.91 1.17 -13.65
N LEU F 102 -19.02 0.10 -12.86
CA LEU F 102 -19.37 -1.22 -13.33
C LEU F 102 -20.85 -1.33 -13.15
N LYS F 103 -21.57 -1.62 -14.23
CA LYS F 103 -23.04 -1.56 -14.18
C LYS F 103 -23.73 -2.87 -14.58
N GLN F 104 -22.97 -3.84 -15.10
CA GLN F 104 -23.58 -5.10 -15.49
C GLN F 104 -23.78 -6.11 -14.36
N VAL F 105 -25.00 -6.63 -14.30
CA VAL F 105 -25.43 -7.46 -13.19
C VAL F 105 -24.73 -8.81 -12.99
N PRO F 106 -24.60 -9.62 -14.05
CA PRO F 106 -23.91 -10.91 -13.90
C PRO F 106 -22.45 -10.73 -13.56
N SER F 107 -21.84 -9.77 -14.24
CA SER F 107 -20.46 -9.47 -14.03
C SER F 107 -20.18 -9.14 -12.55
N CYS F 108 -21.02 -8.28 -11.97
CA CYS F 108 -20.89 -7.93 -10.55
C CYS F 108 -21.23 -9.09 -9.60
N GLU F 109 -22.11 -10.02 -10.02
CA GLU F 109 -22.42 -11.18 -9.17
C GLU F 109 -21.25 -12.10 -9.01
N PHE F 110 -20.45 -12.24 -10.06
CA PHE F 110 -19.32 -13.14 -9.97
C PHE F 110 -18.09 -12.43 -9.45
N HIS F 111 -18.09 -11.10 -9.47
CA HIS F 111 -16.92 -10.33 -9.03
C HIS F 111 -17.28 -9.15 -8.16
N PRO F 112 -17.93 -9.40 -7.01
CA PRO F 112 -18.42 -8.30 -6.19
C PRO F 112 -17.31 -7.37 -5.70
N MSE F 113 -16.11 -7.90 -5.42
CA MSE F 113 -14.99 -7.02 -5.07
C MSE F 113 -14.67 -6.01 -6.17
O MSE F 113 -14.25 -4.90 -5.88
CB MSE F 113 -13.71 -7.77 -4.68
CG MSE F 113 -13.56 -8.15 -3.23
SE MSE F 113 -13.68 -6.68 -1.93
CE MSE F 113 -12.59 -5.33 -2.75
N GLU F 114 -14.86 -6.38 -7.44
CA GLU F 114 -14.57 -5.40 -8.50
C GLU F 114 -15.63 -4.29 -8.46
N ALA F 115 -16.88 -4.64 -8.20
CA ALA F 115 -17.92 -3.63 -8.01
C ALA F 115 -17.62 -2.72 -6.81
N VAL F 116 -17.16 -3.29 -5.70
CA VAL F 116 -16.81 -2.46 -4.54
C VAL F 116 -15.67 -1.51 -4.85
N LYS F 117 -14.59 -2.06 -5.42
CA LYS F 117 -13.40 -1.27 -5.73
C LYS F 117 -13.70 -0.16 -6.69
N THR F 118 -14.45 -0.44 -7.74
CA THR F 118 -14.74 0.62 -8.70
C THR F 118 -15.89 1.56 -8.22
N ASN F 119 -17.04 1.01 -7.84
CA ASN F 119 -18.19 1.83 -7.51
C ASN F 119 -18.15 2.53 -6.17
N VAL F 120 -17.57 1.87 -5.17
CA VAL F 120 -17.55 2.48 -3.84
C VAL F 120 -16.20 3.16 -3.54
N LEU F 121 -15.09 2.43 -3.62
CA LEU F 121 -13.76 3.02 -3.31
C LEU F 121 -13.33 4.03 -4.36
N GLY F 122 -13.68 3.77 -5.62
CA GLY F 122 -13.43 4.68 -6.72
C GLY F 122 -14.15 5.99 -6.53
N THR F 123 -15.43 5.92 -6.15
CA THR F 123 -16.20 7.11 -5.83
C THR F 123 -15.58 7.90 -4.66
N GLU F 124 -15.18 7.20 -3.60
CA GLU F 124 -14.46 7.85 -2.52
C GLU F 124 -13.18 8.57 -3.05
N ASN F 125 -12.47 7.97 -3.99
CA ASN F 125 -11.30 8.63 -4.56
C ASN F 125 -11.57 9.91 -5.34
N VAL F 126 -12.62 9.87 -6.16
CA VAL F 126 -13.00 11.01 -6.95
C VAL F 126 -13.39 12.18 -6.05
N LEU F 127 -14.22 11.94 -5.06
CA LEU F 127 -14.66 13.03 -4.19
C LEU F 127 -13.48 13.57 -3.39
N GLU F 128 -12.61 12.68 -2.89
CA GLU F 128 -11.46 13.12 -2.12
C GLU F 128 -10.50 13.92 -3.01
N ALA F 129 -10.26 13.47 -4.24
CA ALA F 129 -9.50 14.29 -5.17
C ALA F 129 -10.23 15.62 -5.48
N ALA F 130 -11.53 15.55 -5.66
CA ALA F 130 -12.30 16.74 -5.94
C ALA F 130 -12.13 17.76 -4.82
N ILE F 131 -12.18 17.30 -3.58
CA ILE F 131 -11.97 18.17 -2.42
C ILE F 131 -10.55 18.76 -2.33
N GLN F 132 -9.53 17.93 -2.49
CA GLN F 132 -8.15 18.41 -2.48
C GLN F 132 -7.85 19.45 -3.56
N ASN F 133 -8.41 19.30 -4.75
CA ASN F 133 -8.15 20.22 -5.87
C ASN F 133 -9.17 21.37 -5.98
N HIS F 134 -10.01 21.53 -4.97
CA HIS F 134 -10.95 22.64 -4.92
C HIS F 134 -11.89 22.66 -6.12
N VAL F 135 -12.31 21.49 -6.56
CA VAL F 135 -13.33 21.40 -7.58
C VAL F 135 -14.59 22.01 -6.99
N LYS F 136 -15.35 22.75 -7.79
CA LYS F 136 -16.52 23.44 -7.25
C LYS F 136 -17.77 22.58 -7.11
N ARG F 137 -18.13 21.82 -8.14
CA ARG F 137 -19.32 20.97 -8.06
C ARG F 137 -19.02 19.60 -8.65
N VAL F 138 -19.53 18.56 -7.98
CA VAL F 138 -19.45 17.20 -8.44
C VAL F 138 -20.87 16.62 -8.45
N VAL F 139 -21.29 16.09 -9.59
CA VAL F 139 -22.55 15.37 -9.63
C VAL F 139 -22.26 13.89 -9.87
N CYS F 140 -22.77 13.02 -9.01
CA CYS F 140 -22.58 11.57 -9.16
C CYS F 140 -23.80 10.91 -9.79
N LEU F 141 -23.56 10.03 -10.75
CA LEU F 141 -24.62 9.31 -11.40
C LEU F 141 -24.91 7.99 -10.67
N SER F 142 -26.17 7.75 -10.33
CA SER F 142 -26.54 6.49 -9.71
C SER F 142 -27.71 5.88 -10.47
N THR F 143 -28.20 4.71 -10.03
CA THR F 143 -29.20 3.99 -10.81
C THR F 143 -30.39 3.61 -9.95
N ASP F 144 -31.52 3.33 -10.60
CA ASP F 144 -32.71 2.96 -9.87
C ASP F 144 -32.45 1.65 -9.13
N LYS F 145 -31.47 0.89 -9.60
CA LYS F 145 -31.15 -0.38 -8.95
C LYS F 145 -30.53 -0.22 -7.56
N ALA F 146 -30.21 1.01 -7.18
CA ALA F 146 -29.76 1.28 -5.82
C ALA F 146 -30.95 1.33 -4.83
N VAL F 147 -32.17 1.40 -5.35
CA VAL F 147 -33.36 1.42 -4.48
C VAL F 147 -33.88 0.00 -4.26
N TYR F 148 -33.98 -0.41 -3.00
CA TYR F 148 -34.34 -1.78 -2.65
C TYR F 148 -33.44 -2.76 -3.40
N PRO F 149 -32.12 -2.62 -3.24
CA PRO F 149 -31.20 -3.41 -4.06
C PRO F 149 -31.28 -4.90 -3.75
N ILE F 150 -31.13 -5.76 -4.76
CA ILE F 150 -31.18 -7.20 -4.55
C ILE F 150 -29.98 -7.99 -5.05
N ASN F 151 -29.11 -7.35 -5.81
CA ASN F 151 -27.92 -8.04 -6.31
C ASN F 151 -26.69 -7.18 -6.18
N ALA F 152 -25.52 -7.78 -6.39
CA ALA F 152 -24.25 -7.12 -6.13
C ALA F 152 -24.12 -5.77 -6.84
N MSE F 153 -24.56 -5.68 -8.09
CA MSE F 153 -24.42 -4.41 -8.77
C MSE F 153 -25.23 -3.35 -8.00
O MSE F 153 -24.70 -2.29 -7.63
CB MSE F 153 -24.84 -4.49 -10.24
CG MSE F 153 -24.58 -3.19 -11.02
SE MSE F 153 -26.08 -1.93 -10.89
CE MSE F 153 -25.19 -0.31 -11.54
N GLY F 154 -26.49 -3.65 -7.71
CA GLY F 154 -27.34 -2.67 -7.03
C GLY F 154 -26.89 -2.32 -5.63
N ILE F 155 -26.54 -3.35 -4.86
CA ILE F 155 -25.98 -3.17 -3.52
C ILE F 155 -24.80 -2.25 -3.56
N SER F 156 -23.93 -2.43 -4.56
CA SER F 156 -22.73 -1.60 -4.63
C SER F 156 -23.07 -0.14 -4.92
N LYS F 157 -24.12 0.09 -5.70
CA LYS F 157 -24.54 1.44 -6.02
C LYS F 157 -25.21 2.13 -4.85
N ALA F 158 -25.98 1.37 -4.07
CA ALA F 158 -26.59 1.90 -2.86
C ALA F 158 -25.49 2.35 -1.91
N MSE F 159 -24.43 1.55 -1.81
CA MSE F 159 -23.34 1.86 -0.93
C MSE F 159 -22.68 3.15 -1.38
O MSE F 159 -22.39 4.04 -0.57
CB MSE F 159 -22.34 0.69 -0.86
CG MSE F 159 -21.40 0.72 0.34
SE MSE F 159 -22.17 1.37 2.03
CE MSE F 159 -22.26 -0.27 3.00
N MSE F 160 -22.49 3.27 -2.68
CA MSE F 160 -21.92 4.48 -3.24
C MSE F 160 -22.68 5.77 -2.88
O MSE F 160 -22.09 6.82 -2.67
CB MSE F 160 -21.79 4.36 -4.75
CG MSE F 160 -21.32 5.68 -5.32
SE MSE F 160 -22.25 6.29 -6.88
CE MSE F 160 -21.47 4.88 -8.06
N GLU F 161 -24.01 5.69 -2.81
CA GLU F 161 -24.80 6.86 -2.43
C GLU F 161 -24.53 7.21 -1.00
N LYS F 162 -24.51 6.21 -0.13
CA LYS F 162 -24.19 6.42 1.27
C LYS F 162 -22.82 7.10 1.42
N VAL F 163 -21.85 6.64 0.64
CA VAL F 163 -20.50 7.20 0.64
C VAL F 163 -20.51 8.66 0.14
N MSE F 164 -21.12 8.91 -1.01
CA MSE F 164 -21.34 10.28 -1.52
C MSE F 164 -21.97 11.21 -0.45
O MSE F 164 -21.45 12.28 -0.14
CB MSE F 164 -22.17 10.20 -2.80
CG MSE F 164 -22.38 11.51 -3.55
SE MSE F 164 -23.88 12.60 -2.86
CE MSE F 164 -25.34 11.64 -3.69
N VAL F 165 -23.09 10.79 0.13
CA VAL F 165 -23.77 11.57 1.16
C VAL F 165 -22.94 11.81 2.43
N ALA F 166 -22.25 10.79 2.91
CA ALA F 166 -21.40 10.95 4.09
C ALA F 166 -20.24 11.91 3.84
N LYS F 167 -19.71 11.85 2.63
CA LYS F 167 -18.62 12.71 2.25
C LYS F 167 -19.09 14.16 2.12
N SER F 168 -20.36 14.35 1.84
CA SER F 168 -20.89 15.70 1.61
C SER F 168 -21.06 16.52 2.88
N ARG F 169 -20.93 15.89 4.04
CA ARG F 169 -20.93 16.57 5.34
C ARG F 169 -19.49 16.90 5.75
N ASN F 170 -19.22 18.17 6.06
CA ASN F 170 -17.93 18.70 6.54
C ASN F 170 -17.33 19.63 5.50
N LEU F 171 -18.13 19.93 4.48
CA LEU F 171 -17.64 20.75 3.39
C LEU F 171 -18.01 22.23 3.51
N GLU F 172 -18.46 22.66 4.68
CA GLU F 172 -18.97 24.02 4.83
C GLU F 172 -17.89 25.09 4.63
N GLY F 173 -16.71 24.84 5.19
CA GLY F 173 -15.57 25.71 4.98
C GLY F 173 -15.08 25.67 3.54
N LEU F 174 -15.09 24.48 2.95
CA LEU F 174 -14.59 24.28 1.59
C LEU F 174 -15.57 24.81 0.54
N ASP F 175 -15.06 25.09 -0.64
CA ASP F 175 -15.89 25.61 -1.71
C ASP F 175 -16.21 24.50 -2.70
N THR F 176 -16.67 23.37 -2.17
CA THR F 176 -17.07 22.23 -2.99
C THR F 176 -18.46 21.76 -2.59
N VAL F 177 -19.31 21.56 -3.58
CA VAL F 177 -20.62 20.99 -3.39
C VAL F 177 -20.72 19.63 -4.08
N ILE F 178 -21.21 18.63 -3.38
CA ILE F 178 -21.34 17.30 -3.96
C ILE F 178 -22.79 16.84 -3.91
N CYS F 179 -23.31 16.33 -5.02
CA CYS F 179 -24.64 15.75 -4.99
C CYS F 179 -24.77 14.66 -6.04
N GLY F 180 -25.94 14.05 -6.11
CA GLY F 180 -26.16 12.91 -6.98
C GLY F 180 -27.48 12.93 -7.73
N THR F 181 -27.56 12.05 -8.73
CA THR F 181 -28.75 11.81 -9.53
C THR F 181 -28.97 10.31 -9.63
N ARG F 182 -30.21 9.91 -9.84
CA ARG F 182 -30.56 8.51 -9.99
C ARG F 182 -31.54 8.34 -11.15
N TYR F 183 -31.23 7.47 -12.10
CA TYR F 183 -32.18 7.14 -13.17
C TYR F 183 -32.08 5.69 -13.62
N GLY F 184 -33.08 5.21 -14.35
CA GLY F 184 -33.14 3.81 -14.76
C GLY F 184 -32.64 3.63 -16.18
N ASN F 185 -32.96 2.51 -16.80
CA ASN F 185 -32.58 2.28 -18.20
C ASN F 185 -33.16 3.35 -19.11
N VAL F 186 -32.38 3.80 -20.08
CA VAL F 186 -32.89 4.78 -21.02
C VAL F 186 -33.32 4.07 -22.29
N MSE F 187 -34.26 4.71 -23.00
CA MSE F 187 -34.83 4.14 -24.20
C MSE F 187 -33.80 4.00 -25.30
O MSE F 187 -33.02 4.92 -25.56
CB MSE F 187 -35.97 5.03 -24.70
CG MSE F 187 -37.25 4.85 -23.93
SE MSE F 187 -38.68 5.73 -24.86
CE MSE F 187 -38.51 7.50 -24.08
N ALA F 188 -33.83 2.84 -25.94
CA ALA F 188 -32.89 2.52 -27.03
C ALA F 188 -31.42 2.53 -26.59
N SER F 189 -31.18 2.18 -25.33
CA SER F 189 -29.80 1.96 -24.90
C SER F 189 -29.40 0.57 -25.37
N ARG F 190 -28.10 0.29 -25.34
CA ARG F 190 -27.58 -1.01 -25.75
C ARG F 190 -28.12 -2.16 -24.88
N GLY F 191 -28.62 -3.19 -25.55
CA GLY F 191 -29.21 -4.34 -24.88
C GLY F 191 -30.49 -4.05 -24.12
N SER F 192 -31.21 -3.00 -24.51
CA SER F 192 -32.49 -2.71 -23.88
C SER F 192 -33.63 -3.29 -24.71
N VAL F 193 -34.86 -3.07 -24.25
CA VAL F 193 -36.02 -3.71 -24.85
C VAL F 193 -36.26 -3.28 -26.31
N ILE F 194 -36.21 -1.98 -26.57
CA ILE F 194 -36.50 -1.43 -27.91
C ILE F 194 -35.63 -1.89 -29.10
N PRO F 195 -34.29 -1.81 -28.97
CA PRO F 195 -33.47 -2.29 -30.10
C PRO F 195 -33.59 -3.79 -30.32
N LEU F 196 -33.89 -4.53 -29.26
CA LEU F 196 -34.16 -5.96 -29.39
C LEU F 196 -35.42 -6.22 -30.22
N PHE F 197 -36.49 -5.48 -29.94
CA PHE F 197 -37.75 -5.60 -30.68
C PHE F 197 -37.57 -5.23 -32.15
N VAL F 198 -36.87 -4.13 -32.40
CA VAL F 198 -36.59 -3.70 -33.77
C VAL F 198 -35.79 -4.77 -34.53
N ASP F 199 -34.76 -5.29 -33.89
CA ASP F 199 -33.92 -6.33 -34.49
C ASP F 199 -34.70 -7.61 -34.78
N GLN F 200 -35.57 -8.01 -33.86
CA GLN F 200 -36.35 -9.23 -34.02
C GLN F 200 -37.32 -9.15 -35.21
N ILE F 201 -37.84 -7.97 -35.50
CA ILE F 201 -38.64 -7.77 -36.71
C ILE F 201 -37.71 -7.88 -37.93
N ARG F 202 -36.54 -7.24 -37.80
CA ARG F 202 -35.47 -7.27 -38.80
C ARG F 202 -35.00 -8.68 -39.18
N GLN F 203 -34.98 -9.59 -38.21
CA GLN F 203 -34.56 -10.98 -38.44
C GLN F 203 -35.78 -11.88 -38.63
N GLY F 204 -36.93 -11.25 -38.81
CA GLY F 204 -38.19 -11.93 -39.08
C GLY F 204 -38.80 -12.81 -38.02
N LYS F 205 -38.26 -12.79 -36.80
CA LYS F 205 -38.84 -13.60 -35.71
C LYS F 205 -39.92 -12.80 -34.97
N PRO F 206 -40.94 -13.49 -34.43
CA PRO F 206 -41.87 -12.75 -33.57
C PRO F 206 -41.10 -12.30 -32.32
N LEU F 207 -41.53 -11.21 -31.71
CA LEU F 207 -40.82 -10.58 -30.61
C LEU F 207 -40.78 -11.42 -29.33
N THR F 208 -39.59 -11.54 -28.75
CA THR F 208 -39.40 -12.28 -27.51
C THR F 208 -39.69 -11.40 -26.30
N ILE F 209 -40.82 -11.66 -25.65
CA ILE F 209 -41.27 -10.90 -24.49
C ILE F 209 -41.28 -11.76 -23.22
N THR F 210 -40.63 -11.28 -22.17
CA THR F 210 -40.64 -11.96 -20.88
C THR F 210 -41.97 -11.80 -20.16
N ASP F 211 -42.28 -10.58 -19.73
CA ASP F 211 -43.55 -10.31 -19.05
C ASP F 211 -44.25 -9.12 -19.71
N PRO F 212 -45.41 -9.39 -20.34
CA PRO F 212 -46.22 -8.39 -21.04
C PRO F 212 -46.69 -7.26 -20.14
N ASN F 213 -46.83 -7.55 -18.85
CA ASN F 213 -47.42 -6.60 -17.91
C ASN F 213 -46.39 -5.72 -17.17
N MSE F 214 -45.13 -6.13 -17.21
CA MSE F 214 -44.03 -5.43 -16.54
C MSE F 214 -43.96 -3.95 -16.93
O MSE F 214 -44.06 -3.60 -18.10
CB MSE F 214 -42.72 -6.14 -16.88
CG MSE F 214 -41.46 -5.39 -16.57
SE MSE F 214 -39.92 -6.33 -17.30
CE MSE F 214 -40.36 -8.13 -16.68
N THR F 215 -43.81 -3.08 -15.93
CA THR F 215 -43.68 -1.65 -16.21
C THR F 215 -42.24 -1.17 -16.07
N ARG F 216 -41.87 -0.22 -16.93
CA ARG F 216 -40.58 0.41 -16.89
C ARG F 216 -40.81 1.89 -17.03
N PHE F 217 -39.99 2.70 -16.38
CA PHE F 217 -40.04 4.14 -16.66
C PHE F 217 -39.56 4.33 -18.08
N MSE F 218 -40.09 5.35 -18.73
CA MSE F 218 -39.79 5.61 -20.15
C MSE F 218 -39.12 6.96 -20.29
O MSE F 218 -39.71 8.00 -19.99
CB MSE F 218 -41.05 5.52 -21.00
CG MSE F 218 -41.62 4.12 -21.13
SE MSE F 218 -40.40 2.93 -22.08
CE MSE F 218 -41.11 1.23 -21.43
N MSE F 219 -37.89 6.93 -20.75
CA MSE F 219 -37.03 8.09 -20.63
C MSE F 219 -35.91 7.97 -21.64
O MSE F 219 -35.47 6.86 -21.95
CB MSE F 219 -36.51 8.09 -19.21
CG MSE F 219 -35.74 9.29 -18.81
SE MSE F 219 -34.67 8.71 -17.31
CE MSE F 219 -33.75 10.40 -16.95
N THR F 220 -35.45 9.10 -22.18
CA THR F 220 -34.40 9.10 -23.19
C THR F 220 -33.06 9.54 -22.60
N LEU F 221 -32.01 9.43 -23.42
CA LEU F 221 -30.67 9.83 -23.01
C LEU F 221 -30.56 11.34 -22.81
N GLU F 222 -31.31 12.09 -23.62
CA GLU F 222 -31.37 13.56 -23.52
C GLU F 222 -32.02 14.01 -22.22
N ASP F 223 -33.02 13.26 -21.76
CA ASP F 223 -33.68 13.57 -20.51
C ASP F 223 -32.67 13.39 -19.39
N ALA F 224 -31.86 12.34 -19.51
CA ALA F 224 -30.83 12.04 -18.52
C ALA F 224 -29.79 13.17 -18.41
N VAL F 225 -29.38 13.73 -19.55
CA VAL F 225 -28.46 14.86 -19.51
C VAL F 225 -29.08 16.06 -18.80
N ASP F 226 -30.37 16.29 -19.05
CA ASP F 226 -31.09 17.36 -18.37
C ASP F 226 -31.11 17.15 -16.85
N LEU F 227 -31.29 15.91 -16.42
CA LEU F 227 -31.30 15.60 -15.00
C LEU F 227 -29.97 15.96 -14.37
N VAL F 228 -28.88 15.60 -15.05
CA VAL F 228 -27.54 15.92 -14.56
C VAL F 228 -27.31 17.44 -14.59
N LEU F 229 -27.75 18.12 -15.66
CA LEU F 229 -27.68 19.58 -15.71
C LEU F 229 -28.52 20.21 -14.61
N TYR F 230 -29.64 19.59 -14.26
CA TYR F 230 -30.52 20.13 -13.23
C TYR F 230 -29.82 20.05 -11.88
N ALA F 231 -29.24 18.89 -11.59
CA ALA F 231 -28.52 18.68 -10.33
C ALA F 231 -27.33 19.61 -10.26
N PHE F 232 -26.71 19.82 -11.40
CA PHE F 232 -25.56 20.70 -11.48
C PHE F 232 -25.92 22.14 -11.10
N GLU F 233 -27.09 22.59 -11.54
CA GLU F 233 -27.55 23.93 -11.18
C GLU F 233 -28.06 24.05 -9.74
N HIS F 234 -28.79 23.05 -9.27
CA HIS F 234 -29.57 23.18 -8.04
C HIS F 234 -29.11 22.41 -6.82
N GLY F 235 -28.14 21.53 -6.96
CA GLY F 235 -27.82 20.65 -5.87
C GLY F 235 -27.28 21.32 -4.63
N GLU F 236 -27.66 20.78 -3.48
CA GLU F 236 -27.02 21.13 -2.22
C GLU F 236 -26.23 19.90 -1.81
N ASN F 237 -25.32 20.05 -0.85
CA ASN F 237 -24.59 18.91 -0.35
C ASN F 237 -25.48 17.73 0.07
N GLY F 238 -25.19 16.57 -0.52
CA GLY F 238 -25.86 15.36 -0.13
C GLY F 238 -27.18 15.13 -0.83
N ASP F 239 -27.58 16.07 -1.68
CA ASP F 239 -28.84 15.89 -2.42
C ASP F 239 -28.73 14.83 -3.49
N ILE F 240 -29.84 14.11 -3.66
CA ILE F 240 -30.02 13.19 -4.76
C ILE F 240 -31.24 13.62 -5.53
N PHE F 241 -31.11 13.80 -6.83
CA PHE F 241 -32.25 14.20 -7.65
C PHE F 241 -32.80 13.04 -8.45
N VAL F 242 -34.11 13.02 -8.61
CA VAL F 242 -34.75 12.05 -9.47
C VAL F 242 -35.67 12.83 -10.40
N GLN F 243 -35.67 12.45 -11.67
CA GLN F 243 -36.56 13.07 -12.63
C GLN F 243 -37.83 12.27 -12.76
N LYS F 244 -38.96 12.93 -12.63
CA LYS F 244 -40.24 12.29 -12.81
C LYS F 244 -40.38 11.89 -14.27
N ALA F 245 -40.82 10.66 -14.48
CA ALA F 245 -40.98 10.13 -15.83
C ALA F 245 -42.22 9.27 -15.86
N PRO F 246 -42.89 9.22 -17.01
CA PRO F 246 -44.05 8.35 -17.13
C PRO F 246 -43.54 6.92 -17.28
N ALA F 247 -44.45 5.96 -17.24
CA ALA F 247 -44.08 4.58 -17.48
C ALA F 247 -44.96 3.99 -18.57
N ALA F 248 -44.64 2.77 -18.95
CA ALA F 248 -45.43 2.06 -19.93
C ALA F 248 -45.36 0.58 -19.60
N THR F 249 -46.38 -0.15 -20.01
CA THR F 249 -46.36 -1.59 -19.92
C THR F 249 -45.46 -2.05 -21.06
N ILE F 250 -44.91 -3.25 -20.97
CA ILE F 250 -44.15 -3.80 -22.10
C ILE F 250 -45.11 -4.01 -23.28
N ALA F 251 -46.36 -4.34 -22.95
CA ALA F 251 -47.44 -4.46 -23.92
C ALA F 251 -47.62 -3.17 -24.71
N VAL F 252 -47.87 -2.07 -24.00
CA VAL F 252 -48.06 -0.76 -24.63
C VAL F 252 -46.79 -0.33 -25.38
N LEU F 253 -45.62 -0.63 -24.82
CA LEU F 253 -44.38 -0.36 -25.51
C LEU F 253 -44.30 -1.19 -26.80
N ALA F 254 -44.56 -2.49 -26.69
CA ALA F 254 -44.55 -3.38 -27.85
C ALA F 254 -45.63 -3.03 -28.89
N GLU F 255 -46.83 -2.72 -28.41
CA GLU F 255 -47.96 -2.40 -29.30
C GLU F 255 -47.78 -1.11 -30.11
N ALA F 256 -47.35 -0.03 -29.45
CA ALA F 256 -47.16 1.26 -30.11
C ALA F 256 -46.09 1.21 -31.19
N LEU F 257 -45.07 0.38 -30.95
CA LEU F 257 -43.96 0.24 -31.88
C LEU F 257 -44.35 -0.58 -33.12
N LYS F 258 -45.15 -1.63 -32.91
CA LYS F 258 -45.64 -2.46 -34.01
C LYS F 258 -46.54 -1.67 -34.94
N GLN F 259 -47.29 -0.70 -34.40
CA GLN F 259 -48.12 0.19 -35.21
C GLN F 259 -47.22 1.12 -36.01
N LEU F 260 -46.21 1.65 -35.33
CA LEU F 260 -45.21 2.50 -35.96
C LEU F 260 -44.41 1.75 -37.02
N LEU F 261 -44.14 0.46 -36.78
CA LEU F 261 -43.36 -0.34 -37.73
C LEU F 261 -44.22 -1.10 -38.73
N ASN F 262 -45.55 -0.92 -38.62
CA ASN F 262 -46.50 -1.54 -39.53
C ASN F 262 -46.45 -3.07 -39.58
N VAL F 263 -46.42 -3.73 -38.41
CA VAL F 263 -46.37 -5.19 -38.35
C VAL F 263 -47.44 -5.79 -37.43
N GLU F 264 -48.70 -5.41 -37.67
CA GLU F 264 -49.83 -5.97 -36.92
C GLU F 264 -49.95 -7.48 -37.11
N LYS F 278 -37.61 -6.77 -10.87
CA LYS F 278 -38.73 -7.66 -11.17
C LYS F 278 -39.52 -7.17 -12.38
N ALA F 279 -40.78 -6.87 -12.10
CA ALA F 279 -41.79 -6.45 -13.07
C ALA F 279 -42.05 -4.95 -12.98
N PHE F 280 -41.30 -4.27 -12.11
CA PHE F 280 -41.42 -2.84 -11.93
C PHE F 280 -40.08 -2.33 -11.40
N GLU F 281 -39.77 -1.06 -11.67
CA GLU F 281 -38.60 -0.42 -11.07
C GLU F 281 -39.03 0.70 -10.12
N ALA F 282 -38.26 0.94 -9.08
CA ALA F 282 -38.54 2.01 -8.13
C ALA F 282 -37.45 3.06 -8.18
N LEU F 283 -37.84 4.33 -8.12
CA LEU F 283 -36.93 5.46 -8.15
C LEU F 283 -36.73 6.11 -6.80
N LEU F 284 -37.73 6.01 -5.92
CA LEU F 284 -37.62 6.49 -4.55
C LEU F 284 -38.20 5.46 -3.61
N SER F 285 -37.57 5.27 -2.45
CA SER F 285 -38.13 4.35 -1.48
C SER F 285 -39.21 5.06 -0.65
N ARG F 286 -40.02 4.28 0.06
CA ARG F 286 -41.03 4.82 0.96
C ARG F 286 -40.35 5.76 1.94
N GLU F 287 -39.21 5.32 2.46
CA GLU F 287 -38.41 6.15 3.34
C GLU F 287 -38.06 7.52 2.73
N GLU F 288 -37.60 7.53 1.49
CA GLU F 288 -37.21 8.76 0.78
C GLU F 288 -38.42 9.62 0.44
N MSE F 289 -39.47 8.98 -0.06
CA MSE F 289 -40.67 9.67 -0.51
C MSE F 289 -41.25 10.58 0.59
O MSE F 289 -41.86 11.61 0.31
CB MSE F 289 -41.71 8.65 -1.00
CG MSE F 289 -42.84 9.19 -1.87
SE MSE F 289 -42.25 10.12 -3.49
CE MSE F 289 -42.29 11.95 -2.84
N VAL F 290 -41.02 10.19 1.84
CA VAL F 290 -41.51 10.93 3.01
C VAL F 290 -40.79 12.26 3.24
N HIS F 291 -39.51 12.32 2.91
CA HIS F 291 -38.70 13.53 3.09
C HIS F 291 -38.47 14.31 1.80
N ALA F 292 -38.85 13.74 0.66
CA ALA F 292 -38.52 14.31 -0.64
C ALA F 292 -39.26 15.63 -0.86
N PHE F 293 -38.59 16.55 -1.54
CA PHE F 293 -39.23 17.81 -1.94
C PHE F 293 -39.70 17.68 -3.38
N ASP F 294 -40.97 18.00 -3.62
CA ASP F 294 -41.45 18.04 -5.00
C ASP F 294 -41.09 19.37 -5.63
N GLN F 295 -40.28 19.31 -6.69
CA GLN F 295 -39.79 20.53 -7.34
C GLN F 295 -40.24 20.62 -8.79
N GLY F 296 -41.46 20.20 -9.06
CA GLY F 296 -42.01 20.28 -10.41
C GLY F 296 -41.77 19.01 -11.18
N ASP F 297 -40.73 19.02 -12.02
CA ASP F 297 -40.35 17.85 -12.84
C ASP F 297 -39.36 16.93 -12.15
N TYR F 298 -38.92 17.30 -10.95
CA TYR F 298 -37.91 16.56 -10.22
C TYR F 298 -38.29 16.35 -8.77
N PHE F 299 -37.84 15.23 -8.22
CA PHE F 299 -37.84 15.02 -6.79
C PHE F 299 -36.45 15.35 -6.29
N ARG F 300 -36.38 15.95 -5.12
CA ARG F 300 -35.09 16.20 -4.50
C ARG F 300 -35.05 15.58 -3.10
N VAL F 301 -34.25 14.54 -2.95
CA VAL F 301 -34.10 13.85 -1.68
C VAL F 301 -32.94 14.43 -0.91
N PRO F 302 -33.23 15.19 0.14
CA PRO F 302 -32.17 15.85 0.92
C PRO F 302 -31.49 14.85 1.84
N ALA F 303 -30.24 15.09 2.20
CA ALA F 303 -29.53 14.15 3.04
C ALA F 303 -29.99 14.20 4.48
N ASP F 304 -29.91 13.08 5.19
CA ASP F 304 -30.35 13.02 6.58
C ASP F 304 -29.21 13.13 7.59
N ASP F 326 -44.18 5.84 -1.85
CA ASP F 326 -43.18 5.21 -2.69
C ASP F 326 -43.37 5.58 -4.18
N TYR F 327 -42.29 5.80 -4.92
CA TYR F 327 -42.36 6.20 -6.34
C TYR F 327 -41.77 5.16 -7.30
N ASN F 328 -42.63 4.43 -8.00
CA ASN F 328 -42.17 3.38 -8.90
C ASN F 328 -42.94 3.38 -10.21
N SER F 329 -42.54 2.50 -11.13
CA SER F 329 -43.07 2.49 -12.49
C SER F 329 -44.52 1.99 -12.60
N HIS F 330 -44.99 1.28 -11.58
CA HIS F 330 -46.36 0.81 -11.57
C HIS F 330 -47.30 1.98 -11.24
N ASN F 331 -46.91 2.82 -10.29
CA ASN F 331 -47.78 3.90 -9.82
C ASN F 331 -47.52 5.29 -10.40
N THR F 332 -46.58 5.41 -11.31
CA THR F 332 -46.35 6.67 -11.97
C THR F 332 -47.36 6.80 -13.11
N THR F 333 -47.31 7.94 -13.81
CA THR F 333 -48.17 8.17 -14.96
C THR F 333 -48.03 7.09 -16.01
N ARG F 334 -49.13 6.42 -16.35
CA ARG F 334 -49.06 5.39 -17.37
C ARG F 334 -49.40 5.94 -18.71
N LEU F 335 -48.58 5.61 -19.69
CA LEU F 335 -48.78 6.00 -21.07
C LEU F 335 -49.72 4.99 -21.76
N ASP F 336 -50.60 5.47 -22.62
CA ASP F 336 -51.33 4.58 -23.50
C ASP F 336 -50.54 4.46 -24.80
N VAL F 337 -51.03 3.68 -25.75
CA VAL F 337 -50.31 3.50 -27.03
C VAL F 337 -50.02 4.84 -27.71
N GLU F 338 -50.97 5.79 -27.63
CA GLU F 338 -50.79 7.10 -28.23
C GLU F 338 -49.68 7.94 -27.58
N GLY F 339 -49.63 7.92 -26.25
CA GLY F 339 -48.61 8.64 -25.52
C GLY F 339 -47.25 8.00 -25.72
N MSE F 340 -47.25 6.67 -25.78
CA MSE F 340 -46.03 5.90 -26.05
C MSE F 340 -45.49 6.20 -27.45
O MSE F 340 -44.28 6.20 -27.66
CB MSE F 340 -46.31 4.41 -25.91
CG MSE F 340 -45.10 3.51 -26.09
SE MSE F 340 -43.85 3.51 -24.57
CE MSE F 340 -42.71 5.02 -25.05
N LYS F 341 -46.40 6.46 -28.39
CA LYS F 341 -46.01 6.80 -29.77
C LYS F 341 -45.21 8.10 -29.89
N GLN F 342 -45.64 9.12 -29.15
CA GLN F 342 -44.97 10.42 -29.16
C GLN F 342 -43.57 10.34 -28.54
N LEU F 343 -43.43 9.49 -27.53
CA LEU F 343 -42.13 9.23 -26.90
C LEU F 343 -41.17 8.45 -27.81
N LEU F 344 -41.67 7.40 -28.45
CA LEU F 344 -40.85 6.62 -29.38
C LEU F 344 -40.33 7.53 -30.48
N LEU F 345 -41.16 8.48 -30.90
CA LEU F 345 -40.77 9.44 -31.94
C LEU F 345 -39.71 10.46 -31.51
N LYS F 346 -39.30 10.47 -30.25
CA LYS F 346 -38.19 11.34 -29.84
C LYS F 346 -36.86 10.68 -30.21
N LEU F 347 -36.89 9.37 -30.45
CA LEU F 347 -35.68 8.64 -30.84
C LEU F 347 -35.44 8.77 -32.34
N ASP F 348 -34.28 9.30 -32.71
CA ASP F 348 -33.93 9.44 -34.11
C ASP F 348 -33.82 8.06 -34.72
N PHE F 349 -33.37 7.12 -33.89
CA PHE F 349 -33.30 5.72 -34.26
C PHE F 349 -34.67 5.20 -34.67
N VAL F 350 -35.71 5.73 -34.04
CA VAL F 350 -37.10 5.37 -34.37
C VAL F 350 -37.72 6.23 -35.48
N ARG F 351 -37.44 7.53 -35.48
CA ARG F 351 -37.90 8.47 -36.50
C ARG F 351 -37.50 8.03 -37.90
N ALA F 352 -36.24 7.62 -38.03
CA ALA F 352 -35.67 7.21 -39.31
C ALA F 352 -36.43 6.08 -40.00
N LEU F 353 -36.86 5.10 -39.22
CA LEU F 353 -37.59 3.95 -39.75
C LEU F 353 -39.03 4.27 -40.15
PA NAP G . 27.23 -1.74 8.85
O1A NAP G . 26.82 -0.30 8.96
O2A NAP G . 28.65 -1.93 8.41
O5B NAP G . 26.36 -2.43 7.74
C5B NAP G . 24.98 -2.26 7.69
C4B NAP G . 24.58 -2.50 6.30
O4B NAP G . 23.13 -2.55 6.19
C3B NAP G . 25.03 -1.40 5.46
O3B NAP G . 26.21 -1.81 4.79
C2B NAP G . 23.97 -1.13 4.53
O2B NAP G . 24.45 -1.35 3.18
C1B NAP G . 22.88 -2.05 4.84
N9A NAP G . 21.66 -1.43 4.94
C8A NAP G . 21.34 -0.29 5.68
N7A NAP G . 20.02 0.01 5.57
C5A NAP G . 19.41 -0.97 4.75
C6A NAP G . 18.10 -1.16 4.29
N6A NAP G . 17.07 -0.18 4.68
N1A NAP G . 17.80 -2.22 3.47
C2A NAP G . 18.77 -3.11 3.10
N3A NAP G . 20.09 -2.97 3.52
C4A NAP G . 20.43 -1.90 4.33
O3 NAP G . 26.92 -2.45 10.24
PN NAP G . 27.67 -3.78 10.70
O1N NAP G . 28.94 -3.41 11.39
O2N NAP G . 28.25 -4.62 9.56
O5D NAP G . 26.72 -4.65 11.61
C5D NAP G . 25.42 -4.90 11.24
C4D NAP G . 24.59 -5.23 12.41
O4D NAP G . 25.43 -5.73 13.53
C3D NAP G . 23.88 -4.07 12.86
O3D NAP G . 22.52 -4.44 13.08
C2D NAP G . 24.45 -3.69 14.11
O2D NAP G . 23.40 -3.19 14.95
C1D NAP G . 25.12 -4.84 14.67
N1N NAP G . 26.30 -4.45 15.33
C2N NAP G . 27.52 -4.55 14.62
C3N NAP G . 28.71 -4.16 15.20
C7N NAP G . 30.02 -4.31 14.36
O7N NAP G . 30.95 -3.54 14.58
N7N NAP G . 30.14 -5.32 13.37
C4N NAP G . 28.71 -3.65 16.52
C5N NAP G . 27.50 -3.54 17.23
C6N NAP G . 26.30 -3.94 16.63
P2B NAP G . 23.97 -0.45 1.94
O1X NAP G . 22.45 -0.45 1.83
O2X NAP G . 24.65 -1.00 0.67
O3X NAP G . 24.36 0.99 2.21
PA NAP H . -5.04 -5.50 -27.68
O1A NAP H . -5.09 -4.00 -27.54
O2A NAP H . -6.00 -5.93 -28.76
O5B NAP H . -5.50 -6.14 -26.33
C5B NAP H . -5.06 -5.58 -25.15
C4B NAP H . -5.97 -5.99 -24.07
O4B NAP H . -5.25 -5.81 -22.82
C3B NAP H . -7.12 -5.10 -23.98
O3B NAP H . -8.25 -5.71 -24.59
C2B NAP H . -7.36 -4.87 -22.60
O2B NAP H . -8.63 -5.44 -22.20
C1B NAP H . -6.32 -5.56 -21.87
N9A NAP H . -5.81 -4.75 -20.87
C8A NAP H . -5.26 -3.48 -21.02
N7A NAP H . -4.89 -3.02 -19.82
C5A NAP H . -5.15 -4.00 -18.85
C6A NAP H . -4.96 -4.08 -17.45
N6A NAP H . -4.37 -2.94 -16.78
N1A NAP H . -5.34 -5.20 -16.75
C2A NAP H . -5.91 -6.28 -17.38
N3A NAP H . -6.11 -6.25 -18.75
C4A NAP H . -5.74 -5.13 -19.48
O3 NAP H . -3.56 -5.91 -27.93
PN NAP H . -3.15 -7.28 -28.64
O1N NAP H . -3.26 -7.09 -30.14
O2N NAP H . -4.05 -8.49 -28.42
O5D NAP H . -1.65 -7.49 -28.18
C5D NAP H . -1.22 -8.49 -27.32
C4D NAP H . 0.21 -8.22 -27.02
O4D NAP H . 1.06 -8.61 -28.15
C3D NAP H . 0.40 -6.81 -26.76
O3D NAP H . 1.00 -6.68 -25.48
C2D NAP H . 1.29 -6.29 -27.76
O2D NAP H . 2.30 -5.45 -27.18
C1D NAP H . 1.86 -7.40 -28.49
N1N NAP H . 1.82 -7.09 -29.86
C2N NAP H . 0.62 -7.31 -30.60
C3N NAP H . 0.54 -6.99 -31.94
C7N NAP H . -0.78 -7.25 -32.74
O7N NAP H . -1.67 -7.92 -32.22
N7N NAP H . -0.97 -6.76 -34.05
C4N NAP H . 1.67 -6.43 -32.59
C5N NAP H . 2.87 -6.20 -31.87
C6N NAP H . 2.92 -6.54 -30.51
P2B NAP H . -9.76 -4.59 -21.43
O1X NAP H . -11.05 -5.36 -21.52
O2X NAP H . -9.91 -3.20 -22.04
O3X NAP H . -9.31 -4.45 -19.97
PA NAP I . -20.27 -7.96 18.92
O1A NAP I . -20.52 -6.47 18.79
O2A NAP I . -20.72 -8.48 20.27
O5B NAP I . -18.75 -8.22 18.75
C5B NAP I . -18.19 -7.88 17.51
C4B NAP I . -16.75 -7.94 17.69
O4B NAP I . -16.09 -7.59 16.44
C3B NAP I . -16.31 -6.98 18.68
O3B NAP I . -16.08 -7.72 19.88
C2B NAP I . -15.09 -6.40 18.17
O2B NAP I . -14.00 -6.65 19.07
C1B NAP I . -14.82 -7.06 16.92
N9A NAP I . -14.35 -6.23 15.92
C8A NAP I . -15.02 -5.15 15.38
N7A NAP I . -14.28 -4.59 14.39
C5A NAP I . -13.09 -5.33 14.26
C6A NAP I . -12.00 -5.20 13.42
N6A NAP I . -12.02 -4.08 12.47
N1A NAP I . -10.95 -6.10 13.51
C2A NAP I . -10.94 -7.12 14.42
N3A NAP I . -12.01 -7.28 15.28
C4A NAP I . -13.10 -6.39 15.22
O3 NAP I . -20.98 -8.65 17.70
PN NAP I . -21.61 -10.12 17.72
O1N NAP I . -22.95 -10.07 18.41
O2N NAP I . -20.87 -11.16 18.55
O5D NAP I . -21.81 -10.50 16.20
C5D NAP I . -21.28 -11.59 15.53
C4D NAP I . -21.79 -11.50 14.14
O4D NAP I . -23.10 -12.20 14.02
C3D NAP I . -22.00 -10.12 13.79
O3D NAP I . -21.08 -9.75 12.78
C2D NAP I . -23.32 -9.95 13.29
O2D NAP I . -23.25 -9.55 11.91
C1D NAP I . -24.04 -11.19 13.47
N1N NAP I . -25.14 -10.99 14.34
C2N NAP I . -25.02 -11.47 15.67
C3N NAP I . -26.03 -11.30 16.59
C7N NAP I . -25.83 -11.86 18.04
O7N NAP I . -25.00 -12.74 18.24
N7N NAP I . -26.58 -11.36 19.13
C4N NAP I . -27.22 -10.62 16.18
C5N NAP I . -27.34 -10.14 14.86
C6N NAP I . -26.30 -10.32 13.94
P2B NAP I . -12.99 -5.48 19.51
O1X NAP I . -11.94 -5.23 18.44
O2X NAP I . -12.33 -5.91 20.82
O3X NAP I . -13.78 -4.17 19.64
PA NAP J . 26.03 9.09 -7.81
O1A NAP J . 25.84 7.60 -8.05
O2A NAP J . 27.44 9.37 -7.41
O5B NAP J . 25.09 9.55 -6.65
C5B NAP J . 23.75 9.16 -6.70
C4B NAP J . 23.19 9.30 -5.35
O4B NAP J . 21.77 9.01 -5.37
C3B NAP J . 23.81 8.38 -4.43
O3B NAP J . 24.70 9.09 -3.60
C2B NAP J . 22.79 7.85 -3.60
O2B NAP J . 23.06 8.24 -2.23
C1B NAP J . 21.55 8.49 -4.02
N9A NAP J . 20.49 7.62 -4.09
C8A NAP J . 20.40 6.44 -4.80
N7A NAP J . 19.18 5.89 -4.64
C5A NAP J . 18.41 6.74 -3.80
C6A NAP J . 17.11 6.68 -3.30
N6A NAP J . 16.26 5.54 -3.64
N1A NAP J . 16.65 7.69 -2.48
C2A NAP J . 17.42 8.76 -2.14
N3A NAP J . 18.72 8.83 -2.61
C4A NAP J . 19.23 7.84 -3.44
O3 NAP J . 25.55 9.80 -9.13
PN NAP J . 26.08 11.21 -9.62
O1N NAP J . 27.40 11.02 -10.33
O2N NAP J . 26.39 12.22 -8.52
O5D NAP J . 24.97 11.82 -10.55
C5D NAP J . 23.66 11.82 -10.11
C4D NAP J . 22.76 11.91 -11.26
O4D NAP J . 23.48 12.53 -12.39
C3D NAP J . 22.30 10.59 -11.63
O3D NAP J . 20.87 10.62 -11.70
C2D NAP J . 22.86 10.32 -12.93
O2D NAP J . 21.95 9.61 -13.78
C1D NAP J . 23.19 11.59 -13.50
N1N NAP J . 24.28 11.45 -14.36
C2N NAP J . 25.54 11.01 -13.86
C3N NAP J . 26.60 10.85 -14.75
C7N NAP J . 27.98 10.39 -14.27
O7N NAP J . 28.27 10.41 -13.08
N7N NAP J . 28.94 9.91 -15.21
C4N NAP J . 26.42 11.13 -16.12
C5N NAP J . 25.17 11.57 -16.60
C6N NAP J . 24.11 11.72 -15.72
P2B NAP J . 22.83 7.23 -0.99
O1X NAP J . 23.52 5.93 -1.32
O2X NAP J . 21.32 6.97 -0.82
O3X NAP J . 23.40 7.93 0.22
PA NAP K . -7.61 4.30 27.60
O1A NAP K . -7.30 2.83 27.42
O2A NAP K . -8.76 4.49 28.55
O5B NAP K . -8.10 4.94 26.25
C5B NAP K . -7.35 4.82 25.08
C4B NAP K . -8.31 4.94 23.97
O4B NAP K . -7.62 4.98 22.70
C3B NAP K . -9.21 3.80 23.94
O3B NAP K . -10.46 4.22 24.46
C2B NAP K . -9.36 3.41 22.58
O2B NAP K . -10.75 3.56 22.21
C1B NAP K . -8.54 4.31 21.78
N9A NAP K . -7.77 3.70 20.80
C8A NAP K . -6.93 2.61 20.96
N7A NAP K . -6.33 2.31 19.79
C5A NAP K . -6.80 3.20 18.81
C6A NAP K . -6.53 3.36 17.43
N6A NAP K . -5.59 2.42 16.81
N1A NAP K . -7.13 4.36 16.70
C2A NAP K . -8.01 5.22 17.30
N3A NAP K . -8.31 5.11 18.66
C4A NAP K . -7.72 4.10 19.42
O3 NAP K . -6.32 5.03 28.14
PN NAP K . -6.30 6.52 28.71
O1N NAP K . -6.12 6.49 30.19
O2N NAP K . -7.64 7.26 28.66
O5D NAP K . -5.20 7.31 27.89
C5D NAP K . -4.49 8.37 28.41
C4D NAP K . -3.10 8.29 27.92
O4D NAP K . -2.19 8.59 29.04
C3D NAP K . -2.83 6.97 27.44
O3D NAP K . -2.52 7.06 26.05
C2D NAP K . -1.71 6.43 28.17
O2D NAP K . -0.64 6.15 27.27
C1D NAP K . -1.34 7.38 29.18
N1N NAP K . -1.35 6.85 30.50
C2N NAP K . -2.55 6.40 31.13
C3N NAP K . -2.53 5.88 32.42
C7N NAP K . -3.82 5.39 33.11
O7N NAP K . -4.91 5.58 32.58
N7N NAP K . -3.78 4.70 34.36
C4N NAP K . -1.29 5.79 33.11
C5N NAP K . -0.11 6.24 32.51
C6N NAP K . -0.15 6.75 31.22
P2B NAP K . -11.45 2.61 21.13
O1X NAP K . -11.43 1.17 21.59
O2X NAP K . -10.71 2.70 19.78
O3X NAP K . -12.86 3.15 20.92
PA NAP L . -21.02 3.24 -19.68
O1A NAP L . -21.63 2.41 -18.59
O2A NAP L . -21.42 2.77 -21.05
O5B NAP L . -19.51 3.25 -19.43
C5B NAP L . -19.08 3.83 -18.23
C4B NAP L . -17.65 4.10 -18.38
O4B NAP L . -17.02 4.00 -17.08
C3B NAP L . -17.00 3.10 -19.21
O3B NAP L . -16.97 3.51 -20.58
C2B NAP L . -15.67 2.94 -18.69
O2B NAP L . -14.71 3.45 -19.61
C1B NAP L . -15.64 3.73 -17.47
N9A NAP L . -15.05 3.07 -16.40
C8A NAP L . -15.37 1.84 -15.87
N7A NAP L . -14.56 1.57 -14.83
C5A NAP L . -13.69 2.65 -14.66
C6A NAP L . -12.67 2.92 -13.75
N6A NAP L . -12.37 1.91 -12.75
N1A NAP L . -11.95 4.10 -13.85
C2A NAP L . -12.21 5.03 -14.81
N3A NAP L . -13.23 4.80 -15.73
C4A NAP L . -13.97 3.64 -15.65
O3 NAP L . -21.40 4.75 -19.53
PN NAP L . -22.89 5.13 -19.29
O1N NAP L . -23.80 3.95 -19.48
O2N NAP L . -23.28 6.07 -20.41
O5D NAP L . -23.09 5.74 -17.86
C5D NAP L . -23.14 4.84 -16.82
C4D NAP L . -23.10 5.54 -15.53
O4D NAP L . -24.44 6.12 -15.27
C3D NAP L . -22.91 4.55 -14.51
O3D NAP L . -22.57 5.23 -13.32
C2D NAP L . -24.21 3.94 -14.44
O2D NAP L . -24.39 3.09 -13.30
C1D NAP L . -25.10 5.07 -14.44
N1N NAP L . -26.36 4.73 -14.94
C2N NAP L . -26.48 3.86 -16.06
C3N NAP L . -27.74 3.54 -16.55
C7N NAP L . -27.88 2.61 -17.77
O7N NAP L . -26.89 2.19 -18.34
N7N NAP L . -29.18 2.23 -18.25
C4N NAP L . -28.89 4.07 -15.93
C5N NAP L . -28.75 4.90 -14.82
C6N NAP L . -27.49 5.24 -14.32
P2B NAP L . -13.36 2.65 -19.97
O1X NAP L . -13.70 1.19 -20.25
O2X NAP L . -12.38 2.76 -18.79
O3X NAP L . -12.78 3.34 -21.19
#